data_4F88
#
_entry.id   4F88
#
_cell.length_a   93.853
_cell.length_b   117.423
_cell.length_c   222.192
_cell.angle_alpha   90.00
_cell.angle_beta   90.00
_cell.angle_gamma   90.00
#
_symmetry.space_group_name_H-M   'P 21 21 21'
#
loop_
_entity.id
_entity.type
_entity.pdbx_description
1 polymer PlyCA
2 polymer PlyCB
#
loop_
_entity_poly.entity_id
_entity_poly.type
_entity_poly.pdbx_seq_one_letter_code
_entity_poly.pdbx_strand_id
1 'polypeptide(L)'
;MSKKYTQQQYEKYLAQPANNTFGLSPQQVADWFMGQAGARPVINSYGVNASNLVSTYIPKMQEYGVSYTLFLMYTVFEGG
GAGNWINHYMYDTGSNGLECLEHDLQYIHGVWETYFPPALSAPECYPATEDNAGALDRFYQSLPGRTWGDVMIPSTMAGN
AWVWAYNYCVNNQGAAPLVYFGNPYDSQIDSLLAMGADPFTGGSITGDGKNPSVGTGNATVSASSEANREKLKKALTDLF
NNNLEHLSGEFYGNQVLNAMKYGTILKCDLTDDGLNAILQLIADVNLQTNPNPDKPTVQSPGQNDLGSGSDRVAANLANA
QAQVGKYIGDGQCYAWVGWWSARVCGYSISYSTGDPMLPLIGDGMNAHSIHLGWDWSIANTGIVNYPVGTVGRKEDLRVG
AIWCATAFSGAPFYTGQYGHTGIIESWSDTTVTVLEQNILGSPVIRSTYDLNTFLSTLTGLITFK
;
1,2
2 'polypeptide(L)' MSKINVNVENVSGVQGFLFHTDGKESYGYRAFINGVEIGIKDIETVQGFQQIIPSINISKSDVEAIRKAMKK A,B,C,D,E,F,G,H,I,J,K,L,M,N,O,P
#
# COMPACT_ATOMS: atom_id res chain seq x y z
N SER A 2 -39.98 0.03 -43.59
CA SER A 2 -40.32 1.30 -44.25
C SER A 2 -39.38 1.60 -45.43
N LYS A 3 -39.82 2.51 -46.32
CA LYS A 3 -39.06 2.96 -47.50
C LYS A 3 -39.49 4.38 -47.87
N LYS A 4 -39.02 5.36 -47.07
CA LYS A 4 -39.32 6.78 -47.21
C LYS A 4 -38.65 7.45 -48.42
N TYR A 5 -37.63 6.80 -49.00
CA TYR A 5 -36.89 7.34 -50.15
C TYR A 5 -37.00 6.48 -51.41
N THR A 6 -36.56 7.03 -52.57
CA THR A 6 -36.58 6.35 -53.87
C THR A 6 -35.37 5.43 -54.02
N GLN A 7 -35.48 4.41 -54.89
CA GLN A 7 -34.42 3.43 -55.17
C GLN A 7 -33.13 4.13 -55.65
N GLN A 8 -33.27 5.18 -56.47
CA GLN A 8 -32.18 5.99 -57.00
C GLN A 8 -31.45 6.75 -55.87
N GLN A 9 -32.22 7.24 -54.87
CA GLN A 9 -31.70 7.96 -53.70
C GLN A 9 -30.85 7.05 -52.80
N TYR A 10 -31.32 5.81 -52.54
CA TYR A 10 -30.60 4.81 -51.71
C TYR A 10 -29.29 4.46 -52.38
N GLU A 11 -29.31 4.23 -53.71
CA GLU A 11 -28.14 3.91 -54.53
C GLU A 11 -27.13 5.05 -54.47
N LYS A 12 -27.60 6.32 -54.57
CA LYS A 12 -26.77 7.52 -54.51
C LYS A 12 -26.13 7.73 -53.15
N TYR A 13 -26.86 7.38 -52.07
CA TYR A 13 -26.41 7.48 -50.68
C TYR A 13 -25.30 6.47 -50.39
N LEU A 14 -25.41 5.27 -50.97
CA LEU A 14 -24.43 4.19 -50.82
C LEU A 14 -23.24 4.36 -51.76
N ALA A 15 -23.43 5.07 -52.90
CA ALA A 15 -22.38 5.33 -53.88
C ALA A 15 -21.38 6.39 -53.38
N GLN A 16 -21.73 7.10 -52.28
CA GLN A 16 -20.90 8.14 -51.65
C GLN A 16 -19.58 7.58 -51.12
N PRO A 17 -18.42 8.12 -51.55
CA PRO A 17 -17.14 7.63 -51.00
C PRO A 17 -16.91 8.16 -49.58
N ALA A 18 -16.13 7.45 -48.75
CA ALA A 18 -15.90 7.89 -47.38
C ALA A 18 -14.41 7.76 -46.95
N ASN A 19 -13.50 8.72 -47.28
CA ASN A 19 -13.61 9.95 -48.08
C ASN A 19 -14.63 11.04 -47.67
N ASN A 20 -15.44 11.55 -48.62
CA ASN A 20 -16.45 12.62 -48.53
C ASN A 20 -17.06 12.90 -47.15
N THR A 21 -16.71 14.07 -46.58
CA THR A 21 -17.18 14.54 -45.27
C THR A 21 -18.33 15.55 -45.39
N PHE A 22 -18.73 15.91 -46.64
CA PHE A 22 -19.81 16.84 -47.01
C PHE A 22 -19.51 18.33 -46.71
N GLY A 23 -18.27 18.63 -46.31
CA GLY A 23 -17.84 19.98 -45.98
C GLY A 23 -18.20 20.44 -44.58
N LEU A 24 -18.59 19.47 -43.71
CA LEU A 24 -18.99 19.72 -42.33
C LEU A 24 -17.93 19.21 -41.32
N SER A 25 -16.68 19.01 -41.81
CA SER A 25 -15.53 18.52 -41.03
C SER A 25 -15.21 19.17 -39.66
N PRO A 26 -15.23 20.51 -39.46
CA PRO A 26 -14.88 21.04 -38.13
C PRO A 26 -15.92 20.89 -37.01
N GLN A 27 -16.19 22.00 -36.27
CA GLN A 27 -17.07 22.10 -35.10
C GLN A 27 -18.53 21.65 -35.27
N GLN A 28 -19.20 22.03 -36.38
CA GLN A 28 -20.61 21.72 -36.65
C GLN A 28 -21.03 20.25 -36.52
N VAL A 29 -20.15 19.31 -36.91
CA VAL A 29 -20.43 17.88 -36.78
C VAL A 29 -20.24 17.40 -35.34
N ALA A 30 -19.28 18.00 -34.60
CA ALA A 30 -18.99 17.69 -33.20
C ALA A 30 -20.11 18.17 -32.27
N ASP A 31 -20.65 19.37 -32.54
CA ASP A 31 -21.74 19.98 -31.78
C ASP A 31 -23.05 19.19 -31.93
N TRP A 32 -23.26 18.57 -33.12
CA TRP A 32 -24.42 17.74 -33.43
C TRP A 32 -24.37 16.43 -32.66
N PHE A 33 -23.16 15.83 -32.55
CA PHE A 33 -22.89 14.58 -31.86
C PHE A 33 -23.27 14.59 -30.38
N MET A 34 -23.14 15.76 -29.72
CA MET A 34 -23.46 15.95 -28.30
C MET A 34 -24.97 15.97 -28.06
N GLY A 35 -25.70 16.70 -28.90
CA GLY A 35 -27.15 16.88 -28.82
C GLY A 35 -28.00 15.72 -29.28
N GLN A 36 -27.60 15.05 -30.39
CA GLN A 36 -28.32 13.91 -30.99
C GLN A 36 -28.37 12.65 -30.10
N ALA A 37 -27.57 12.63 -29.02
CA ALA A 37 -27.40 11.54 -28.04
C ALA A 37 -28.57 10.55 -27.80
N GLY A 38 -28.56 9.37 -28.46
CA GLY A 38 -27.60 8.92 -29.46
C GLY A 38 -26.25 8.45 -28.94
N ALA A 39 -25.26 9.36 -28.99
CA ALA A 39 -23.86 9.17 -28.57
C ALA A 39 -23.66 9.18 -27.04
N ARG A 40 -24.74 9.14 -26.24
CA ARG A 40 -24.68 9.12 -24.78
C ARG A 40 -23.81 7.98 -24.21
N PRO A 41 -23.94 6.69 -24.62
CA PRO A 41 -23.06 5.64 -24.06
C PRO A 41 -21.59 5.80 -24.43
N VAL A 42 -21.29 6.36 -25.64
CA VAL A 42 -19.92 6.59 -26.11
C VAL A 42 -19.30 7.85 -25.46
N ILE A 43 -20.14 8.75 -24.92
CA ILE A 43 -19.71 9.97 -24.24
C ILE A 43 -19.41 9.68 -22.77
N ASN A 44 -20.28 8.88 -22.09
CA ASN A 44 -20.12 8.49 -20.69
C ASN A 44 -18.96 7.51 -20.55
N SER A 45 -19.06 6.31 -21.17
CA SER A 45 -18.00 5.29 -21.17
C SER A 45 -16.87 5.75 -22.08
N TYR A 46 -15.60 5.52 -21.67
CA TYR A 46 -14.38 5.95 -22.37
C TYR A 46 -14.39 7.48 -22.51
N GLY A 47 -14.63 8.14 -21.38
CA GLY A 47 -14.75 9.59 -21.20
C GLY A 47 -13.87 10.46 -22.05
N VAL A 48 -14.53 11.30 -22.88
CA VAL A 48 -13.95 12.26 -23.82
C VAL A 48 -14.44 13.67 -23.47
N ASN A 49 -13.52 14.65 -23.52
CA ASN A 49 -13.79 16.05 -23.18
C ASN A 49 -14.43 16.89 -24.31
N ALA A 50 -15.59 16.42 -24.83
CA ALA A 50 -16.43 17.05 -25.86
C ALA A 50 -15.75 17.53 -27.15
N SER A 51 -16.26 18.62 -27.76
CA SER A 51 -15.82 19.25 -29.01
C SER A 51 -14.30 19.40 -29.17
N ASN A 52 -13.60 19.83 -28.09
CA ASN A 52 -12.14 20.01 -28.09
C ASN A 52 -11.41 18.66 -28.20
N LEU A 53 -11.89 17.63 -27.46
CA LEU A 53 -11.33 16.28 -27.49
C LEU A 53 -11.72 15.57 -28.79
N VAL A 54 -12.88 15.95 -29.38
CA VAL A 54 -13.36 15.42 -30.65
C VAL A 54 -12.50 16.01 -31.78
N SER A 55 -12.00 17.26 -31.61
CA SER A 55 -11.10 17.93 -32.54
C SER A 55 -9.70 17.30 -32.54
N THR A 56 -9.46 16.34 -31.60
CA THR A 56 -8.25 15.55 -31.44
C THR A 56 -8.56 14.10 -31.89
N TYR A 57 -9.87 13.73 -31.90
CA TYR A 57 -10.38 12.43 -32.33
C TYR A 57 -10.62 12.37 -33.84
N ILE A 58 -11.14 13.48 -34.44
CA ILE A 58 -11.42 13.63 -35.86
C ILE A 58 -10.16 13.45 -36.76
N PRO A 59 -8.97 14.05 -36.45
CA PRO A 59 -7.80 13.82 -37.32
C PRO A 59 -7.35 12.37 -37.43
N LYS A 60 -7.68 11.54 -36.41
CA LYS A 60 -7.37 10.10 -36.39
C LYS A 60 -8.23 9.39 -37.43
N MET A 61 -9.48 9.86 -37.64
CA MET A 61 -10.41 9.34 -38.66
C MET A 61 -9.91 9.78 -40.04
N GLN A 62 -9.38 11.02 -40.12
CA GLN A 62 -8.82 11.63 -41.33
C GLN A 62 -7.52 10.93 -41.73
N GLU A 63 -6.74 10.45 -40.74
CA GLU A 63 -5.49 9.71 -40.94
C GLU A 63 -5.80 8.32 -41.51
N TYR A 64 -6.94 7.73 -41.11
CA TYR A 64 -7.41 6.43 -41.57
C TYR A 64 -8.27 6.52 -42.84
N GLY A 65 -8.48 7.75 -43.33
CA GLY A 65 -9.24 8.03 -44.54
C GLY A 65 -10.72 7.68 -44.47
N VAL A 66 -11.32 7.81 -43.27
CA VAL A 66 -12.74 7.54 -43.02
C VAL A 66 -13.46 8.86 -42.72
N SER A 67 -14.62 9.09 -43.39
CA SER A 67 -15.44 10.30 -43.26
C SER A 67 -15.80 10.61 -41.81
N TYR A 68 -15.48 11.85 -41.36
CA TYR A 68 -15.75 12.33 -40.01
C TYR A 68 -17.25 12.37 -39.72
N THR A 69 -18.05 12.81 -40.71
CA THR A 69 -19.51 12.91 -40.63
C THR A 69 -20.17 11.53 -40.58
N LEU A 70 -19.82 10.64 -41.53
CA LEU A 70 -20.37 9.28 -41.63
C LEU A 70 -20.03 8.36 -40.46
N PHE A 71 -18.87 8.59 -39.79
CA PHE A 71 -18.46 7.78 -38.64
C PHE A 71 -19.25 8.18 -37.38
N LEU A 72 -19.41 9.51 -37.15
CA LEU A 72 -20.15 10.06 -36.01
C LEU A 72 -21.65 9.76 -36.10
N MET A 73 -22.20 9.75 -37.33
CA MET A 73 -23.61 9.47 -37.62
C MET A 73 -23.90 8.00 -37.28
N TYR A 74 -23.01 7.08 -37.71
CA TYR A 74 -23.12 5.64 -37.48
C TYR A 74 -22.95 5.27 -36.00
N THR A 75 -22.18 6.08 -35.25
CA THR A 75 -21.97 5.91 -33.81
C THR A 75 -23.25 6.23 -33.04
N VAL A 76 -24.06 7.16 -33.57
CA VAL A 76 -25.35 7.57 -33.01
C VAL A 76 -26.44 6.54 -33.32
N PHE A 77 -26.31 5.82 -34.46
CA PHE A 77 -27.25 4.78 -34.92
C PHE A 77 -27.46 3.66 -33.89
N GLU A 78 -26.39 3.21 -33.23
CA GLU A 78 -26.43 2.16 -32.21
C GLU A 78 -25.37 2.31 -31.12
N GLY A 79 -25.69 1.85 -29.90
CA GLY A 79 -24.82 1.92 -28.74
C GLY A 79 -25.45 1.36 -27.48
N GLY A 80 -24.77 0.47 -26.76
CA GLY A 80 -23.43 -0.05 -27.08
C GLY A 80 -23.12 -1.32 -26.31
N GLY A 81 -22.64 -2.34 -27.04
CA GLY A 81 -22.29 -3.63 -26.47
C GLY A 81 -23.49 -4.52 -26.24
N ASN A 84 -17.33 -1.18 -28.69
CA ASN A 84 -16.78 0.18 -28.75
C ASN A 84 -17.20 0.91 -30.03
N TRP A 85 -17.62 2.19 -29.88
CA TRP A 85 -18.06 3.11 -30.95
C TRP A 85 -19.20 2.56 -31.83
N ILE A 86 -18.91 1.55 -32.68
CA ILE A 86 -19.86 0.90 -33.57
C ILE A 86 -20.30 -0.46 -32.98
N ASN A 87 -20.19 -1.55 -33.76
CA ASN A 87 -20.54 -2.91 -33.34
C ASN A 87 -19.32 -3.61 -32.70
N HIS A 88 -19.28 -4.98 -32.70
CA HIS A 88 -18.23 -5.83 -32.08
C HIS A 88 -18.33 -5.84 -30.53
N TYR A 89 -17.48 -6.60 -29.82
CA TYR A 89 -17.60 -6.68 -28.35
C TYR A 89 -16.92 -5.60 -27.47
N MET A 90 -15.66 -5.83 -27.03
CA MET A 90 -14.93 -4.95 -26.11
C MET A 90 -14.03 -3.89 -26.76
N TYR A 91 -12.73 -4.18 -26.93
CA TYR A 91 -11.74 -3.26 -27.51
C TYR A 91 -11.12 -3.88 -28.76
N SER A 95 -8.57 0.31 -23.48
CA SER A 95 -8.02 1.13 -22.41
C SER A 95 -8.59 2.55 -22.44
N ASN A 96 -8.60 3.19 -23.62
CA ASN A 96 -9.11 4.55 -23.83
C ASN A 96 -9.93 4.69 -25.12
N GLY A 97 -10.70 5.78 -25.20
CA GLY A 97 -11.57 6.10 -26.34
C GLY A 97 -10.85 6.24 -27.66
N LEU A 98 -9.65 6.86 -27.63
CA LEU A 98 -8.79 7.09 -28.80
C LEU A 98 -8.25 5.75 -29.35
N GLU A 99 -7.91 4.81 -28.45
CA GLU A 99 -7.43 3.47 -28.80
C GLU A 99 -8.59 2.66 -29.40
N CYS A 100 -9.77 2.69 -28.73
CA CYS A 100 -11.00 2.02 -29.14
C CYS A 100 -11.50 2.44 -30.53
N LEU A 101 -11.29 3.71 -30.88
CA LEU A 101 -11.66 4.29 -32.18
C LEU A 101 -10.77 3.74 -33.30
N GLU A 102 -9.44 3.63 -33.04
CA GLU A 102 -8.45 3.13 -34.00
C GLU A 102 -8.75 1.72 -34.51
N HIS A 103 -9.20 0.81 -33.62
CA HIS A 103 -9.56 -0.58 -33.95
C HIS A 103 -10.76 -0.64 -34.90
N ASP A 104 -11.77 0.24 -34.66
CA ASP A 104 -12.98 0.37 -35.47
C ASP A 104 -12.63 0.83 -36.87
N LEU A 105 -11.67 1.78 -37.00
CA LEU A 105 -11.19 2.30 -38.27
C LEU A 105 -10.40 1.22 -39.02
N GLN A 106 -9.59 0.42 -38.28
CA GLN A 106 -8.80 -0.69 -38.80
C GLN A 106 -9.70 -1.79 -39.36
N TYR A 107 -10.89 -1.98 -38.75
CA TYR A 107 -11.89 -2.96 -39.19
C TYR A 107 -12.49 -2.57 -40.54
N ILE A 108 -12.88 -1.29 -40.69
CA ILE A 108 -13.45 -0.71 -41.91
C ILE A 108 -12.47 -0.90 -43.10
N HIS A 109 -11.15 -0.82 -42.80
CA HIS A 109 -10.07 -1.03 -43.77
C HIS A 109 -10.08 -2.46 -44.34
N GLY A 110 -10.48 -3.42 -43.49
CA GLY A 110 -10.58 -4.83 -43.86
C GLY A 110 -11.95 -5.22 -44.38
N VAL A 111 -12.82 -4.23 -44.71
CA VAL A 111 -14.18 -4.44 -45.20
C VAL A 111 -14.46 -3.67 -46.50
N TRP A 112 -14.11 -2.37 -46.56
CA TRP A 112 -14.34 -1.49 -47.73
C TRP A 112 -13.66 -1.90 -49.06
N GLU A 113 -12.73 -2.86 -49.00
CA GLU A 113 -12.02 -3.35 -50.19
C GLU A 113 -12.27 -4.85 -50.44
N THR A 114 -12.72 -5.56 -49.40
CA THR A 114 -13.03 -7.00 -49.42
C THR A 114 -14.49 -7.25 -49.83
N TYR A 115 -14.73 -8.24 -50.70
CA TYR A 115 -16.08 -8.61 -51.16
C TYR A 115 -16.73 -9.62 -50.22
N PHE A 116 -18.00 -9.37 -49.87
CA PHE A 116 -18.81 -10.24 -49.03
C PHE A 116 -20.17 -10.40 -49.70
N PRO A 117 -20.76 -11.62 -49.74
CA PRO A 117 -22.08 -11.78 -50.37
C PRO A 117 -23.16 -10.93 -49.71
N PRO A 118 -24.02 -10.22 -50.50
CA PRO A 118 -25.05 -9.35 -49.90
C PRO A 118 -26.03 -10.06 -48.97
N ALA A 119 -26.58 -9.29 -48.02
CA ALA A 119 -27.51 -9.68 -46.96
C ALA A 119 -28.75 -10.53 -47.34
N LEU A 120 -29.95 -9.89 -47.46
CA LEU A 120 -31.24 -10.52 -47.79
C LEU A 120 -31.75 -11.53 -46.73
N SER A 121 -31.38 -11.31 -45.44
CA SER A 121 -31.75 -12.10 -44.26
C SER A 121 -31.34 -13.57 -44.19
N ALA A 122 -30.85 -13.99 -43.00
CA ALA A 122 -30.41 -15.36 -42.71
C ALA A 122 -30.82 -15.88 -41.32
N PRO A 123 -30.64 -15.14 -40.17
CA PRO A 123 -31.08 -15.71 -38.88
C PRO A 123 -32.58 -15.54 -38.65
N GLU A 124 -33.24 -16.67 -38.34
CA GLU A 124 -34.67 -16.83 -38.05
C GLU A 124 -35.65 -16.92 -39.24
N CYS A 125 -35.22 -17.73 -40.22
CA CYS A 125 -35.97 -18.13 -41.42
C CYS A 125 -36.32 -17.08 -42.47
N TYR A 126 -37.24 -17.49 -43.36
CA TYR A 126 -37.77 -16.89 -44.58
C TYR A 126 -36.86 -15.98 -45.44
N PRO A 127 -36.32 -16.53 -46.55
CA PRO A 127 -35.49 -15.71 -47.44
C PRO A 127 -36.36 -14.70 -48.20
N ALA A 128 -35.88 -13.45 -48.27
CA ALA A 128 -36.58 -12.36 -48.94
C ALA A 128 -36.49 -12.49 -50.46
N THR A 129 -37.66 -12.47 -51.13
CA THR A 129 -37.76 -12.57 -52.59
C THR A 129 -37.61 -11.17 -53.17
N GLU A 130 -36.58 -11.02 -54.04
CA GLU A 130 -36.13 -9.76 -54.65
C GLU A 130 -36.94 -9.28 -55.86
N ASP A 131 -36.97 -7.95 -56.04
CA ASP A 131 -37.66 -7.26 -57.12
C ASP A 131 -36.68 -6.62 -58.09
N GLY A 134 -31.08 -9.85 -57.33
CA GLY A 134 -30.24 -9.93 -58.51
C GLY A 134 -29.58 -8.61 -58.82
N ALA A 135 -30.32 -7.51 -58.58
CA ALA A 135 -29.88 -6.13 -58.79
C ALA A 135 -29.05 -5.61 -57.61
N LEU A 136 -29.25 -6.18 -56.41
CA LEU A 136 -28.51 -5.81 -55.19
C LEU A 136 -27.06 -6.28 -55.33
N ASP A 137 -26.87 -7.57 -55.74
CA ASP A 137 -25.58 -8.20 -55.99
C ASP A 137 -24.87 -7.50 -57.15
N ARG A 138 -25.67 -6.98 -58.10
CA ARG A 138 -25.21 -6.21 -59.25
C ARG A 138 -24.75 -4.82 -58.80
N PHE A 139 -25.47 -4.19 -57.84
CA PHE A 139 -25.16 -2.87 -57.30
C PHE A 139 -23.94 -2.89 -56.38
N TYR A 140 -23.81 -3.93 -55.54
CA TYR A 140 -22.68 -4.09 -54.61
C TYR A 140 -21.37 -4.27 -55.39
N GLN A 141 -21.42 -5.02 -56.51
CA GLN A 141 -20.29 -5.24 -57.40
C GLN A 141 -20.05 -4.00 -58.28
N SER A 142 -21.11 -3.20 -58.55
CA SER A 142 -21.04 -1.96 -59.33
C SER A 142 -20.23 -0.91 -58.57
N LEU A 143 -20.38 -0.88 -57.23
CA LEU A 143 -19.62 -0.01 -56.33
C LEU A 143 -18.14 -0.39 -56.43
N PRO A 144 -17.21 0.58 -56.59
CA PRO A 144 -15.80 0.20 -56.76
C PRO A 144 -15.04 -0.21 -55.50
N GLY A 145 -14.35 0.74 -54.86
CA GLY A 145 -13.53 0.47 -53.67
C GLY A 145 -14.07 0.98 -52.36
N ARG A 146 -13.32 1.89 -51.72
CA ARG A 146 -13.60 2.49 -50.42
C ARG A 146 -14.83 3.43 -50.37
N THR A 147 -16.03 2.88 -50.62
CA THR A 147 -17.29 3.62 -50.61
C THR A 147 -18.08 3.30 -49.33
N TRP A 148 -19.04 4.17 -48.94
CA TRP A 148 -19.89 3.96 -47.76
C TRP A 148 -20.77 2.72 -47.92
N GLY A 149 -21.12 2.40 -49.17
CA GLY A 149 -21.90 1.23 -49.53
C GLY A 149 -21.14 -0.06 -49.26
N ASP A 150 -19.83 -0.06 -49.59
CA ASP A 150 -18.92 -1.20 -49.38
C ASP A 150 -18.71 -1.54 -47.89
N VAL A 151 -19.05 -0.60 -47.00
CA VAL A 151 -18.96 -0.76 -45.54
C VAL A 151 -20.33 -1.20 -45.01
N MET A 152 -21.41 -0.50 -45.43
CA MET A 152 -22.79 -0.75 -45.00
C MET A 152 -23.40 -2.05 -45.52
N ILE A 153 -23.66 -2.14 -46.85
CA ILE A 153 -24.28 -3.29 -47.54
C ILE A 153 -24.01 -4.71 -46.96
N PRO A 154 -22.75 -5.15 -46.69
CA PRO A 154 -22.58 -6.50 -46.13
C PRO A 154 -22.96 -6.64 -44.65
N SER A 155 -22.86 -5.54 -43.87
CA SER A 155 -23.18 -5.51 -42.44
C SER A 155 -24.67 -5.40 -42.15
N THR A 156 -25.35 -4.37 -42.72
CA THR A 156 -26.79 -4.14 -42.50
C THR A 156 -27.70 -5.05 -43.33
N MET A 157 -28.30 -6.05 -42.66
CA MET A 157 -29.21 -7.05 -43.22
C MET A 157 -30.61 -6.48 -43.43
N ALA A 158 -31.11 -5.74 -42.43
CA ALA A 158 -32.45 -5.13 -42.39
C ALA A 158 -32.64 -4.04 -43.45
N GLY A 159 -31.56 -3.36 -43.80
CA GLY A 159 -31.55 -2.27 -44.77
C GLY A 159 -31.75 -2.73 -46.20
N ASN A 160 -30.96 -3.74 -46.63
CA ASN A 160 -31.00 -4.31 -47.98
C ASN A 160 -32.34 -4.98 -48.28
N ALA A 161 -32.93 -5.63 -47.25
CA ALA A 161 -34.21 -6.34 -47.30
C ALA A 161 -35.40 -5.41 -47.56
N TRP A 162 -35.33 -4.17 -47.04
CA TRP A 162 -36.38 -3.17 -47.21
C TRP A 162 -36.22 -2.32 -48.48
N VAL A 163 -35.02 -2.30 -49.08
CA VAL A 163 -34.72 -1.54 -50.29
C VAL A 163 -34.83 -2.41 -51.55
N TRP A 164 -34.15 -3.57 -51.58
CA TRP A 164 -34.16 -4.49 -52.72
C TRP A 164 -35.23 -5.59 -52.71
N ALA A 165 -35.96 -5.74 -51.59
CA ALA A 165 -37.02 -6.73 -51.45
C ALA A 165 -38.23 -6.14 -50.68
N TYR A 166 -38.54 -4.85 -50.96
CA TYR A 166 -39.63 -4.09 -50.36
C TYR A 166 -41.01 -4.72 -50.55
N ASN A 167 -41.29 -5.27 -51.76
CA ASN A 167 -42.57 -5.90 -52.10
C ASN A 167 -42.91 -7.06 -51.14
N TYR A 168 -41.91 -7.91 -50.84
CA TYR A 168 -42.05 -9.06 -49.94
C TYR A 168 -42.31 -8.61 -48.48
N CYS A 169 -41.51 -7.64 -47.98
CA CYS A 169 -41.59 -7.12 -46.61
C CYS A 169 -42.94 -6.50 -46.25
N VAL A 170 -43.54 -5.69 -47.15
CA VAL A 170 -44.85 -5.05 -46.90
C VAL A 170 -46.01 -6.04 -46.87
N ASN A 171 -45.97 -7.07 -47.75
CA ASN A 171 -47.00 -8.11 -47.84
C ASN A 171 -46.98 -9.02 -46.61
N ASN A 172 -45.80 -9.21 -46.01
CA ASN A 172 -45.62 -10.03 -44.82
C ASN A 172 -45.69 -9.17 -43.53
N GLN A 173 -44.69 -9.26 -42.63
CA GLN A 173 -44.59 -8.54 -41.35
C GLN A 173 -45.81 -8.64 -40.41
N GLY A 174 -45.80 -9.60 -39.47
CA GLY A 174 -44.73 -10.58 -39.28
C GLY A 174 -43.98 -10.41 -37.98
N ALA A 175 -43.84 -11.50 -37.21
CA ALA A 175 -43.15 -11.51 -35.93
C ALA A 175 -41.80 -12.23 -36.02
N ALA A 176 -41.60 -13.30 -35.22
CA ALA A 176 -40.37 -14.08 -35.18
C ALA A 176 -39.99 -14.84 -36.48
N PRO A 177 -40.89 -15.61 -37.16
CA PRO A 177 -40.45 -16.29 -38.39
C PRO A 177 -40.35 -15.37 -39.61
N LEU A 178 -41.25 -14.36 -39.70
CA LEU A 178 -41.31 -13.37 -40.78
C LEU A 178 -40.49 -12.11 -40.46
N VAL A 179 -40.70 -11.01 -41.22
CA VAL A 179 -40.01 -9.73 -41.05
C VAL A 179 -40.52 -8.97 -39.81
N TYR A 180 -39.62 -8.70 -38.86
CA TYR A 180 -39.87 -7.98 -37.60
C TYR A 180 -39.16 -6.63 -37.57
N PHE A 181 -38.03 -6.55 -38.30
CA PHE A 181 -37.14 -5.39 -38.40
C PHE A 181 -37.67 -4.23 -39.24
N GLY A 182 -37.05 -3.06 -39.05
CA GLY A 182 -37.34 -1.84 -39.78
C GLY A 182 -36.23 -1.52 -40.78
N ASN A 183 -36.19 -0.27 -41.27
CA ASN A 183 -35.17 0.15 -42.22
C ASN A 183 -34.09 1.05 -41.60
N PRO A 184 -32.88 0.49 -41.35
CA PRO A 184 -31.79 1.32 -40.78
C PRO A 184 -31.22 2.35 -41.76
N TYR A 185 -31.41 2.15 -43.09
CA TYR A 185 -30.95 3.10 -44.12
C TYR A 185 -31.77 4.39 -44.06
N ASP A 186 -33.08 4.27 -43.74
CA ASP A 186 -34.01 5.39 -43.58
C ASP A 186 -33.57 6.20 -42.37
N SER A 187 -33.30 5.53 -41.24
CA SER A 187 -32.84 6.11 -39.97
C SER A 187 -31.49 6.81 -40.14
N GLN A 188 -30.62 6.27 -41.01
CA GLN A 188 -29.29 6.82 -41.31
C GLN A 188 -29.41 8.08 -42.18
N ILE A 189 -30.22 8.02 -43.26
CA ILE A 189 -30.44 9.14 -44.18
C ILE A 189 -31.16 10.30 -43.50
N ASP A 190 -32.20 10.00 -42.68
CA ASP A 190 -32.97 10.99 -41.92
C ASP A 190 -32.09 11.78 -40.95
N SER A 191 -31.18 11.08 -40.25
CA SER A 191 -30.25 11.68 -39.30
C SER A 191 -29.09 12.41 -39.98
N LEU A 192 -28.66 11.94 -41.17
CA LEU A 192 -27.59 12.55 -41.96
C LEU A 192 -28.04 13.90 -42.53
N LEU A 193 -29.32 13.99 -42.92
CA LEU A 193 -29.93 15.22 -43.43
C LEU A 193 -30.16 16.21 -42.29
N ALA A 194 -30.48 15.68 -41.09
CA ALA A 194 -30.71 16.45 -39.86
C ALA A 194 -29.39 17.04 -39.36
N ALA A 197 -26.56 17.70 -44.20
CA ALA A 197 -25.80 17.26 -45.38
C ALA A 197 -26.70 16.48 -46.35
N ASP A 198 -26.52 16.74 -47.67
CA ASP A 198 -27.28 16.08 -48.74
C ASP A 198 -26.49 14.86 -49.27
N PRO A 199 -26.92 13.62 -48.94
CA PRO A 199 -26.15 12.45 -49.39
C PRO A 199 -26.52 11.91 -50.79
N PHE A 200 -27.60 12.42 -51.39
CA PHE A 200 -28.07 12.00 -52.71
C PHE A 200 -27.63 12.99 -53.79
N THR A 201 -27.80 14.30 -53.53
CA THR A 201 -27.44 15.39 -54.42
C THR A 201 -25.92 15.57 -54.54
N GLY A 202 -25.19 15.20 -53.49
CA GLY A 202 -23.73 15.29 -53.42
C GLY A 202 -23.03 14.31 -54.34
N GLY A 203 -23.61 13.12 -54.49
CA GLY A 203 -23.08 12.06 -55.34
C GLY A 203 -23.28 12.33 -56.82
N SER A 204 -24.50 12.77 -57.20
CA SER A 204 -24.87 13.07 -58.59
C SER A 204 -24.17 14.33 -59.12
N ILE A 205 -23.96 15.34 -58.25
CA ILE A 205 -23.31 16.61 -58.61
C ILE A 205 -22.06 16.83 -57.77
N GLY A 207 -16.90 11.20 -57.11
CA GLY A 207 -17.18 10.01 -56.32
C GLY A 207 -17.95 8.95 -57.07
N ASP A 208 -17.40 7.73 -57.25
CA ASP A 208 -16.08 7.30 -56.77
C ASP A 208 -15.06 7.18 -57.90
N GLY A 209 -15.29 6.25 -58.83
CA GLY A 209 -14.43 5.99 -59.98
C GLY A 209 -13.05 5.49 -59.62
N LYS A 210 -12.98 4.27 -59.05
CA LYS A 210 -11.73 3.64 -58.62
C LYS A 210 -11.68 2.13 -58.91
N ASN A 211 -10.67 1.42 -58.37
CA ASN A 211 -10.45 -0.01 -58.53
C ASN A 211 -11.53 -0.84 -57.82
N SER A 213 -11.32 -6.43 -54.23
CA SER A 213 -10.78 -7.72 -53.80
C SER A 213 -11.89 -8.65 -53.30
N VAL A 214 -11.70 -9.98 -53.45
CA VAL A 214 -12.68 -10.99 -53.05
C VAL A 214 -12.25 -11.79 -51.81
N GLY A 215 -13.18 -11.94 -50.85
CA GLY A 215 -12.99 -12.62 -49.57
C GLY A 215 -12.48 -14.05 -49.60
N THR A 216 -11.71 -14.44 -48.54
CA THR A 216 -11.13 -15.78 -48.36
C THR A 216 -11.51 -16.41 -47.01
N GLY A 217 -11.44 -17.74 -46.95
CA GLY A 217 -11.70 -18.51 -45.75
C GLY A 217 -13.03 -19.22 -45.68
N ASN A 218 -13.07 -20.32 -44.91
CA ASN A 218 -14.24 -21.16 -44.63
C ASN A 218 -14.25 -21.66 -43.18
N ALA A 219 -15.07 -22.67 -42.87
CA ALA A 219 -15.18 -23.24 -41.53
C ALA A 219 -14.98 -24.76 -41.52
N THR A 220 -14.32 -25.28 -40.46
CA THR A 220 -14.05 -26.72 -40.30
C THR A 220 -15.36 -27.48 -39.98
N VAL A 221 -15.32 -28.84 -40.08
CA VAL A 221 -16.44 -29.75 -39.83
C VAL A 221 -17.25 -29.40 -38.57
N SER A 222 -16.58 -29.44 -37.40
CA SER A 222 -17.12 -29.11 -36.06
C SER A 222 -18.41 -29.84 -35.66
N ALA A 223 -18.30 -30.82 -34.74
CA ALA A 223 -19.43 -31.58 -34.21
C ALA A 223 -20.27 -30.73 -33.24
N SER A 224 -19.86 -29.46 -33.04
CA SER A 224 -20.45 -28.42 -32.19
C SER A 224 -21.93 -28.11 -32.56
N SER A 225 -22.81 -27.72 -31.59
CA SER A 225 -22.51 -27.55 -30.17
C SER A 225 -23.61 -28.12 -29.27
N GLU A 226 -23.20 -28.73 -28.15
CA GLU A 226 -24.10 -29.33 -27.17
C GLU A 226 -24.02 -28.56 -25.85
N ALA A 227 -22.80 -28.46 -25.27
CA ALA A 227 -22.56 -27.75 -24.02
C ALA A 227 -21.36 -26.81 -24.15
N ASN A 228 -21.67 -25.51 -24.27
CA ASN A 228 -20.67 -24.45 -24.37
C ASN A 228 -20.08 -24.16 -22.99
N ARG A 229 -20.91 -24.29 -21.93
CA ARG A 229 -20.57 -24.08 -20.51
C ARG A 229 -19.39 -24.92 -20.04
N GLU A 230 -19.22 -26.13 -20.61
CA GLU A 230 -18.13 -27.06 -20.30
C GLU A 230 -16.77 -26.47 -20.72
N LYS A 231 -16.75 -25.74 -21.86
CA LYS A 231 -15.56 -25.08 -22.40
C LYS A 231 -15.17 -23.85 -21.54
N LEU A 232 -16.18 -23.11 -21.05
CA LEU A 232 -16.02 -21.91 -20.21
C LEU A 232 -15.40 -22.27 -18.85
N LYS A 233 -15.78 -23.43 -18.28
CA LYS A 233 -15.27 -23.90 -16.99
C LYS A 233 -13.78 -24.21 -17.03
N LYS A 234 -13.32 -24.99 -18.04
CA LYS A 234 -11.92 -25.39 -18.23
C LYS A 234 -11.03 -24.16 -18.43
N ALA A 235 -11.48 -23.20 -19.26
CA ALA A 235 -10.78 -21.94 -19.57
C ALA A 235 -10.49 -21.14 -18.30
N LEU A 236 -11.45 -21.12 -17.35
CA LEU A 236 -11.30 -20.41 -16.07
C LEU A 236 -10.48 -21.22 -15.08
N THR A 237 -10.63 -22.57 -15.08
CA THR A 237 -9.89 -23.49 -14.21
C THR A 237 -8.39 -23.40 -14.54
N ASP A 238 -8.05 -23.48 -15.84
CA ASP A 238 -6.68 -23.39 -16.34
C ASP A 238 -6.07 -22.01 -16.14
N LEU A 239 -6.89 -20.93 -16.15
CA LEU A 239 -6.47 -19.54 -15.93
C LEU A 239 -5.89 -19.38 -14.52
N PHE A 240 -6.55 -19.96 -13.50
CA PHE A 240 -6.11 -19.90 -12.11
C PHE A 240 -5.01 -20.91 -11.84
N ASN A 241 -5.03 -22.07 -12.53
CA ASN A 241 -4.03 -23.14 -12.40
C ASN A 241 -2.66 -22.68 -12.94
N ASN A 242 -2.66 -21.85 -14.01
CA ASN A 242 -1.45 -21.29 -14.62
C ASN A 242 -0.95 -20.11 -13.78
N ASN A 243 -1.87 -19.41 -13.08
CA ASN A 243 -1.56 -18.27 -12.21
C ASN A 243 -1.63 -18.67 -10.72
N LEU A 244 -1.21 -19.92 -10.42
CA LEU A 244 -1.21 -20.52 -9.08
C LEU A 244 -0.16 -19.92 -8.13
N GLU A 245 0.87 -19.25 -8.68
CA GLU A 245 1.97 -18.62 -7.92
C GLU A 245 1.51 -17.51 -6.95
N HIS A 246 0.46 -16.76 -7.32
CA HIS A 246 -0.11 -15.68 -6.52
C HIS A 246 -0.92 -16.23 -5.33
N LEU A 247 -1.50 -17.44 -5.47
CA LEU A 247 -2.29 -18.11 -4.44
C LEU A 247 -1.45 -19.09 -3.61
N SER A 248 -0.89 -20.13 -4.27
CA SER A 248 -0.06 -21.20 -3.68
C SER A 248 -0.71 -21.90 -2.49
N GLU A 250 -2.06 -18.80 0.23
CA GLU A 250 -3.18 -17.92 0.54
C GLU A 250 -4.48 -18.70 0.72
N PHE A 251 -5.25 -18.37 1.77
CA PHE A 251 -6.53 -19.01 2.10
C PHE A 251 -7.62 -18.65 1.10
N TYR A 252 -7.78 -17.34 0.80
CA TYR A 252 -8.77 -16.83 -0.15
C TYR A 252 -8.40 -17.24 -1.58
N GLY A 253 -7.09 -17.31 -1.85
CA GLY A 253 -6.54 -17.70 -3.14
C GLY A 253 -6.78 -19.16 -3.47
N ASN A 254 -6.70 -20.04 -2.45
CA ASN A 254 -6.95 -21.48 -2.57
C ASN A 254 -8.43 -21.74 -2.84
N GLN A 255 -9.31 -20.89 -2.27
CA GLN A 255 -10.76 -20.96 -2.44
C GLN A 255 -11.14 -20.54 -3.86
N VAL A 256 -10.36 -19.62 -4.46
CA VAL A 256 -10.55 -19.12 -5.83
C VAL A 256 -10.00 -20.12 -6.85
N LEU A 257 -8.91 -20.83 -6.49
CA LEU A 257 -8.27 -21.85 -7.34
C LEU A 257 -9.13 -23.11 -7.42
N ASN A 258 -9.64 -23.56 -6.25
CA ASN A 258 -10.50 -24.74 -6.09
C ASN A 258 -11.99 -24.34 -6.04
N ALA A 259 -12.34 -23.28 -6.81
CA ALA A 259 -13.71 -22.76 -6.91
C ALA A 259 -14.58 -23.65 -7.80
N MET A 260 -13.93 -24.38 -8.73
CA MET A 260 -14.58 -25.28 -9.68
C MET A 260 -14.61 -26.73 -9.17
N LYS A 261 -15.76 -27.12 -8.62
CA LYS A 261 -16.10 -28.45 -8.10
C LYS A 261 -17.61 -28.57 -8.15
N TYR A 262 -18.33 -27.77 -7.33
CA TYR A 262 -19.77 -27.63 -7.36
C TYR A 262 -20.02 -26.71 -8.56
N GLY A 263 -20.96 -27.10 -9.42
CA GLY A 263 -21.27 -26.36 -10.65
C GLY A 263 -21.88 -24.98 -10.46
N THR A 264 -22.48 -24.38 -11.51
CA THR A 264 -22.63 -24.92 -12.86
C THR A 264 -22.37 -23.85 -13.93
N ILE A 265 -22.49 -22.56 -13.56
CA ILE A 265 -22.35 -21.40 -14.45
C ILE A 265 -23.46 -21.43 -15.52
N LEU A 266 -24.73 -21.37 -15.05
CA LEU A 266 -25.92 -21.40 -15.89
C LEU A 266 -26.16 -20.05 -16.57
N LYS A 267 -25.91 -20.00 -17.89
CA LYS A 267 -26.08 -18.80 -18.72
C LYS A 267 -26.95 -19.12 -19.92
N CYS A 268 -28.15 -18.51 -19.96
CA CYS A 268 -29.15 -18.70 -21.01
C CYS A 268 -28.74 -18.09 -22.35
N ASP A 269 -28.24 -16.84 -22.33
CA ASP A 269 -27.83 -16.09 -23.53
C ASP A 269 -26.41 -16.39 -24.04
N LEU A 270 -25.70 -17.38 -23.43
CA LEU A 270 -24.35 -17.76 -23.84
C LEU A 270 -24.33 -18.45 -25.21
N THR A 271 -24.35 -17.63 -26.28
CA THR A 271 -24.33 -18.09 -27.67
C THR A 271 -22.90 -18.47 -28.09
N ASP A 272 -22.76 -19.11 -29.27
CA ASP A 272 -21.46 -19.53 -29.83
C ASP A 272 -20.53 -18.35 -30.08
N ASP A 273 -21.08 -17.20 -30.52
CA ASP A 273 -20.33 -15.97 -30.75
C ASP A 273 -19.95 -15.33 -29.42
N GLY A 274 -20.88 -15.39 -28.45
CA GLY A 274 -20.71 -14.85 -27.10
C GLY A 274 -19.71 -15.60 -26.25
N LEU A 275 -19.66 -16.95 -26.38
CA LEU A 275 -18.72 -17.82 -25.67
C LEU A 275 -17.30 -17.53 -26.14
N ASN A 276 -17.09 -17.46 -27.48
CA ASN A 276 -15.80 -17.18 -28.12
C ASN A 276 -15.20 -15.85 -27.68
N ALA A 277 -16.05 -14.81 -27.53
CA ALA A 277 -15.63 -13.48 -27.07
C ALA A 277 -15.09 -13.53 -25.64
N ILE A 278 -15.75 -14.33 -24.76
CA ILE A 278 -15.36 -14.56 -23.36
C ILE A 278 -14.08 -15.40 -23.34
N LEU A 279 -14.01 -16.45 -24.19
CA LEU A 279 -12.86 -17.35 -24.30
C LEU A 279 -11.61 -16.67 -24.83
N GLN A 280 -11.77 -15.66 -25.71
CA GLN A 280 -10.63 -14.90 -26.24
C GLN A 280 -10.17 -13.83 -25.25
N LEU A 281 -11.10 -13.36 -24.38
CA LEU A 281 -10.82 -12.38 -23.33
C LEU A 281 -9.99 -13.03 -22.23
N ILE A 282 -10.30 -14.30 -21.90
CA ILE A 282 -9.58 -15.12 -20.91
C ILE A 282 -8.18 -15.45 -21.44
N ALA A 283 -8.07 -15.68 -22.76
CA ALA A 283 -6.82 -16.00 -23.46
C ALA A 283 -5.81 -14.85 -23.42
N ASP A 284 -6.27 -13.59 -23.66
CA ASP A 284 -5.41 -12.40 -23.65
C ASP A 284 -4.89 -12.02 -22.25
N VAL A 285 -5.42 -12.68 -21.20
CA VAL A 285 -5.03 -12.48 -19.81
C VAL A 285 -3.93 -13.49 -19.42
N ASN A 286 -4.16 -14.79 -19.70
CA ASN A 286 -3.22 -15.88 -19.41
C ASN A 286 -1.92 -15.78 -20.23
N LEU A 287 -2.01 -15.21 -21.45
CA LEU A 287 -0.86 -15.03 -22.34
C LEU A 287 0.08 -13.91 -21.86
N GLN A 288 -0.49 -12.75 -21.45
CA GLN A 288 0.25 -11.59 -20.95
C GLN A 288 -0.59 -10.74 -20.00
N SER A 310 12.43 -27.63 -32.95
CA SER A 310 12.81 -27.43 -34.35
C SER A 310 13.22 -28.72 -35.05
N ASP A 311 13.78 -29.70 -34.29
CA ASP A 311 14.23 -31.00 -34.80
C ASP A 311 13.07 -31.86 -35.31
N ARG A 312 11.89 -31.73 -34.69
CA ARG A 312 10.66 -32.45 -35.06
C ARG A 312 10.10 -31.92 -36.39
N VAL A 313 10.17 -30.60 -36.61
CA VAL A 313 9.69 -29.91 -37.81
C VAL A 313 10.61 -30.18 -39.02
N ALA A 314 11.93 -30.08 -38.82
CA ALA A 314 12.98 -30.26 -39.83
C ALA A 314 12.90 -31.56 -40.65
N ALA A 315 12.50 -32.68 -40.00
CA ALA A 315 12.38 -34.00 -40.64
C ALA A 315 11.21 -34.07 -41.63
N ASN A 316 10.05 -33.52 -41.25
CA ASN A 316 8.82 -33.53 -42.07
C ASN A 316 8.77 -32.38 -43.08
N LEU A 317 9.59 -31.32 -42.89
CA LEU A 317 9.67 -30.12 -43.74
C LEU A 317 9.96 -30.47 -45.20
N ALA A 318 10.91 -31.41 -45.43
CA ALA A 318 11.29 -31.90 -46.76
C ALA A 318 10.12 -32.66 -47.40
N ASN A 319 9.32 -33.40 -46.59
CA ASN A 319 8.15 -34.16 -47.04
C ASN A 319 6.96 -33.25 -47.35
N ALA A 320 6.86 -32.09 -46.67
CA ALA A 320 5.78 -31.11 -46.83
C ALA A 320 5.95 -30.24 -48.08
N GLN A 321 7.21 -29.90 -48.44
CA GLN A 321 7.55 -29.08 -49.61
C GLN A 321 7.17 -29.78 -50.93
N ALA A 322 7.12 -31.12 -50.93
CA ALA A 322 6.75 -31.94 -52.09
C ALA A 322 5.24 -31.95 -52.30
N GLN A 323 4.47 -31.62 -51.25
CA GLN A 323 3.01 -31.58 -51.28
C GLN A 323 2.46 -30.28 -51.86
N VAL A 324 3.33 -29.28 -52.12
CA VAL A 324 2.99 -27.98 -52.69
C VAL A 324 2.53 -28.18 -54.14
N GLY A 325 1.38 -27.58 -54.47
CA GLY A 325 0.75 -27.69 -55.78
C GLY A 325 -0.37 -28.71 -55.80
N LYS A 326 -0.42 -29.57 -54.77
CA LYS A 326 -1.42 -30.63 -54.61
C LYS A 326 -2.45 -30.28 -53.52
N TYR A 327 -3.67 -30.83 -53.64
CA TYR A 327 -4.77 -30.65 -52.68
C TYR A 327 -4.62 -31.73 -51.60
N ILE A 328 -4.55 -31.29 -50.33
CA ILE A 328 -4.36 -32.21 -49.19
C ILE A 328 -5.65 -32.59 -48.45
N GLY A 329 -6.61 -31.67 -48.40
CA GLY A 329 -7.88 -31.88 -47.72
C GLY A 329 -8.90 -32.71 -48.46
N ASP A 330 -10.22 -32.32 -48.49
CA ASP A 330 -10.91 -31.13 -47.94
C ASP A 330 -10.74 -29.85 -48.74
N GLY A 331 -9.51 -29.55 -49.13
CA GLY A 331 -9.14 -28.36 -49.89
C GLY A 331 -9.30 -27.06 -49.13
N GLN A 332 -9.24 -27.11 -47.78
CA GLN A 332 -9.38 -25.93 -46.94
C GLN A 332 -8.09 -25.66 -46.17
N CYS A 333 -7.92 -24.42 -45.68
CA CYS A 333 -6.74 -23.97 -44.92
C CYS A 333 -6.42 -24.81 -43.68
N TYR A 334 -7.47 -25.31 -43.00
CA TYR A 334 -7.41 -26.13 -41.78
C TYR A 334 -6.80 -27.50 -42.03
N ALA A 335 -7.05 -28.05 -43.24
CA ALA A 335 -6.58 -29.36 -43.68
C ALA A 335 -5.06 -29.41 -43.88
N TRP A 336 -4.49 -28.40 -44.54
CA TRP A 336 -3.04 -28.29 -44.77
C TRP A 336 -2.31 -28.11 -43.45
N VAL A 337 -2.91 -27.35 -42.51
CA VAL A 337 -2.42 -27.10 -41.16
C VAL A 337 -2.52 -28.41 -40.35
N GLY A 338 -3.67 -29.09 -40.48
CA GLY A 338 -3.97 -30.36 -39.83
C GLY A 338 -3.02 -31.48 -40.24
N TRP A 339 -2.75 -31.59 -41.56
CA TRP A 339 -1.85 -32.58 -42.15
C TRP A 339 -0.41 -32.36 -41.67
N TRP A 340 0.04 -31.09 -41.63
CA TRP A 340 1.38 -30.70 -41.18
C TRP A 340 1.57 -30.97 -39.69
N SER A 341 0.57 -30.64 -38.85
CA SER A 341 0.60 -30.86 -37.40
C SER A 341 0.63 -32.36 -37.08
N ALA A 342 -0.21 -33.16 -37.75
CA ALA A 342 -0.28 -34.62 -37.58
C ALA A 342 1.03 -35.32 -37.94
N ARG A 343 1.79 -34.76 -38.90
CA ARG A 343 3.08 -35.29 -39.34
C ARG A 343 4.17 -35.02 -38.31
N VAL A 344 4.05 -33.90 -37.57
CA VAL A 344 5.02 -33.47 -36.55
C VAL A 344 4.59 -33.93 -35.14
N CYS A 345 3.48 -33.39 -34.62
CA CYS A 345 2.95 -33.69 -33.28
C CYS A 345 2.21 -35.02 -33.15
N GLY A 346 1.39 -35.35 -34.15
CA GLY A 346 0.60 -36.58 -34.17
C GLY A 346 -0.88 -36.36 -34.42
N TYR A 347 -1.43 -35.23 -33.94
CA TYR A 347 -2.84 -34.90 -34.09
C TYR A 347 -3.13 -33.80 -35.12
N SER A 348 -4.34 -33.84 -35.74
CA SER A 348 -4.80 -32.91 -36.78
C SER A 348 -5.96 -31.98 -36.34
N ILE A 349 -6.32 -31.01 -37.22
CA ILE A 349 -7.42 -30.04 -37.00
C ILE A 349 -8.66 -30.47 -37.80
N SER A 350 -8.52 -30.60 -39.13
CA SER A 350 -9.61 -31.00 -40.03
C SER A 350 -9.82 -32.50 -40.00
N TYR A 351 -11.09 -32.93 -39.90
CA TYR A 351 -11.51 -34.34 -39.86
C TYR A 351 -11.19 -35.10 -41.15
N SER A 352 -11.15 -34.39 -42.29
CA SER A 352 -10.86 -34.96 -43.62
C SER A 352 -9.41 -35.43 -43.79
N THR A 353 -8.48 -34.92 -42.96
CA THR A 353 -7.06 -35.31 -42.97
C THR A 353 -6.91 -36.68 -42.31
N GLY A 354 -7.71 -36.82 -41.24
CA GLY A 354 -7.88 -37.93 -40.31
C GLY A 354 -6.96 -39.14 -40.42
N ASP A 355 -5.98 -39.32 -39.51
CA ASP A 355 -5.44 -38.55 -38.37
C ASP A 355 -6.30 -38.30 -37.11
N PRO A 356 -5.74 -38.62 -35.90
CA PRO A 356 -6.49 -38.36 -34.66
C PRO A 356 -6.67 -36.88 -34.38
N MET A 357 -7.83 -36.50 -33.82
CA MET A 357 -8.18 -35.11 -33.52
C MET A 357 -7.61 -34.60 -32.20
N LEU A 358 -7.35 -33.28 -32.15
CA LEU A 358 -6.87 -32.60 -30.95
C LEU A 358 -8.06 -32.29 -30.02
N PRO A 359 -7.91 -32.27 -28.67
CA PRO A 359 -9.06 -31.98 -27.81
C PRO A 359 -9.60 -30.54 -27.95
N LEU A 360 -10.73 -30.39 -28.68
CA LEU A 360 -11.40 -29.11 -28.91
C LEU A 360 -11.85 -28.44 -27.60
N ILE A 361 -11.14 -27.38 -27.21
CA ILE A 361 -11.41 -26.64 -25.96
C ILE A 361 -12.08 -25.27 -26.16
N GLY A 362 -12.35 -24.92 -27.42
CA GLY A 362 -13.01 -23.65 -27.77
C GLY A 362 -13.42 -23.59 -29.22
N ASP A 363 -12.98 -22.54 -29.91
CA ASP A 363 -13.25 -22.30 -31.33
C ASP A 363 -12.01 -22.69 -32.16
N GLY A 364 -12.13 -23.62 -33.12
CA GLY A 364 -13.34 -24.32 -33.48
C GLY A 364 -13.69 -24.18 -34.94
N MET A 365 -14.58 -23.22 -35.24
CA MET A 365 -15.12 -22.87 -36.55
C MET A 365 -14.15 -21.99 -37.35
N ASN A 366 -13.77 -20.85 -36.78
CA ASN A 366 -12.89 -19.82 -37.37
C ASN A 366 -11.40 -20.16 -37.27
N ALA A 367 -10.60 -19.62 -38.22
CA ALA A 367 -9.15 -19.78 -38.26
C ALA A 367 -8.47 -18.76 -37.34
N HIS A 368 -9.26 -17.84 -36.73
CA HIS A 368 -8.81 -16.83 -35.78
C HIS A 368 -9.46 -17.11 -34.38
N SER A 369 -8.86 -18.00 -33.56
CA SER A 369 -7.61 -18.68 -33.88
C SER A 369 -7.63 -20.16 -33.51
N ILE A 370 -6.52 -20.87 -33.77
CA ILE A 370 -6.35 -22.28 -33.46
C ILE A 370 -5.41 -22.43 -32.24
N HIS A 371 -5.56 -21.55 -31.21
CA HIS A 371 -4.70 -21.52 -30.03
C HIS A 371 -5.22 -21.32 -28.56
N LEU A 372 -6.47 -20.89 -28.21
CA LEU A 372 -7.73 -20.63 -28.92
C LEU A 372 -8.29 -21.93 -29.49
N GLY A 373 -8.77 -22.79 -28.57
CA GLY A 373 -9.28 -24.11 -28.90
C GLY A 373 -8.15 -25.11 -29.15
N TRP A 374 -8.52 -26.34 -29.53
CA TRP A 374 -7.62 -27.45 -29.88
C TRP A 374 -6.67 -27.98 -28.80
N ASP A 375 -6.00 -27.10 -28.02
CA ASP A 375 -5.06 -27.45 -26.93
C ASP A 375 -3.83 -28.24 -27.40
N TRP A 376 -2.69 -27.55 -27.52
CA TRP A 376 -1.42 -28.14 -27.97
C TRP A 376 -0.46 -28.43 -26.83
N SER A 377 -0.99 -28.46 -25.59
CA SER A 377 -0.23 -28.82 -24.39
C SER A 377 -0.02 -30.32 -24.44
N ILE A 378 -0.89 -31.03 -25.20
CA ILE A 378 -0.88 -32.47 -25.46
C ILE A 378 0.41 -32.90 -26.16
N ALA A 379 0.99 -31.99 -26.98
CA ALA A 379 2.24 -32.22 -27.71
C ALA A 379 3.23 -31.08 -27.43
N ASN A 380 3.20 -29.99 -28.25
CA ASN A 380 4.05 -28.82 -28.10
C ASN A 380 3.36 -27.57 -28.65
N THR A 381 3.34 -26.50 -27.84
CA THR A 381 2.68 -25.24 -28.17
C THR A 381 3.67 -24.09 -28.24
N GLY A 382 3.26 -23.05 -28.96
CA GLY A 382 4.01 -21.80 -29.07
C GLY A 382 3.51 -20.85 -28.02
N ILE A 383 2.41 -20.15 -28.36
CA ILE A 383 1.57 -19.13 -27.68
C ILE A 383 1.30 -17.90 -28.57
N VAL A 384 2.12 -16.83 -28.41
CA VAL A 384 2.09 -15.55 -29.13
C VAL A 384 0.69 -15.05 -29.54
N ASN A 385 -0.25 -14.94 -28.58
CA ASN A 385 -1.60 -14.46 -28.86
C ASN A 385 -1.61 -12.94 -29.00
N TYR A 386 -1.97 -12.44 -30.21
CA TYR A 386 -2.02 -11.01 -30.50
C TYR A 386 -3.48 -10.49 -30.43
N PRO A 387 -3.88 -9.78 -29.35
CA PRO A 387 -5.26 -9.29 -29.28
C PRO A 387 -5.50 -7.97 -30.02
N VAL A 388 -6.71 -7.82 -30.60
CA VAL A 388 -7.23 -6.66 -31.36
C VAL A 388 -6.19 -5.79 -32.09
N GLY A 389 -5.41 -5.02 -31.32
CA GLY A 389 -4.37 -4.14 -31.86
C GLY A 389 -3.19 -4.03 -30.90
N THR A 390 -1.99 -4.50 -31.30
CA THR A 390 -1.72 -5.12 -32.60
C THR A 390 -1.35 -6.59 -32.42
N VAL A 391 -0.07 -6.98 -32.59
CA VAL A 391 1.03 -6.08 -32.97
C VAL A 391 1.77 -6.60 -34.20
N GLY A 392 2.20 -7.86 -34.13
CA GLY A 392 2.93 -8.52 -35.21
C GLY A 392 4.03 -9.42 -34.71
N ARG A 393 5.06 -8.82 -34.07
CA ARG A 393 6.23 -9.48 -33.48
C ARG A 393 7.02 -10.38 -34.46
N LYS A 394 8.01 -9.79 -35.15
CA LYS A 394 8.87 -10.47 -36.12
C LYS A 394 9.77 -11.53 -35.48
N GLU A 395 10.19 -11.30 -34.21
CA GLU A 395 11.06 -12.19 -33.45
C GLU A 395 10.37 -13.52 -33.08
N ASP A 396 9.04 -13.51 -32.92
CA ASP A 396 8.22 -14.68 -32.57
C ASP A 396 7.82 -15.55 -33.78
N LEU A 397 8.66 -15.59 -34.83
CA LEU A 397 8.42 -16.36 -36.05
C LEU A 397 8.61 -17.87 -35.83
N ARG A 398 9.86 -18.37 -35.90
CA ARG A 398 10.25 -19.78 -35.72
C ARG A 398 9.64 -20.78 -36.73
N VAL A 399 10.43 -21.15 -37.77
CA VAL A 399 10.04 -22.09 -38.82
C VAL A 399 9.93 -23.53 -38.29
N GLY A 400 8.83 -24.23 -38.57
CA GLY A 400 7.66 -23.76 -39.33
C GLY A 400 6.41 -23.77 -38.49
N ALA A 401 6.07 -22.61 -37.91
CA ALA A 401 4.92 -22.42 -37.05
C ALA A 401 3.63 -22.18 -37.82
N ILE A 402 2.49 -22.61 -37.22
CA ILE A 402 1.16 -22.40 -37.78
C ILE A 402 0.76 -20.96 -37.43
N TRP A 403 0.49 -20.15 -38.46
CA TRP A 403 0.09 -18.75 -38.30
C TRP A 403 -1.40 -18.54 -38.54
N CYS A 404 -2.04 -17.67 -37.73
CA CYS A 404 -3.47 -17.33 -37.79
C CYS A 404 -3.62 -15.90 -38.28
N ALA A 405 -4.63 -15.65 -39.14
CA ALA A 405 -4.92 -14.31 -39.66
C ALA A 405 -6.27 -13.81 -39.13
N THR A 406 -6.38 -12.49 -38.89
CA THR A 406 -7.59 -11.83 -38.36
C THR A 406 -8.85 -12.05 -39.22
N ALA A 407 -10.03 -11.97 -38.56
CA ALA A 407 -11.37 -12.14 -39.14
C ALA A 407 -11.50 -11.47 -40.51
N PHE A 408 -11.15 -10.17 -40.55
CA PHE A 408 -11.14 -9.32 -41.75
C PHE A 408 -9.74 -8.71 -41.76
N SER A 409 -8.87 -9.18 -42.69
CA SER A 409 -7.46 -8.78 -42.75
C SER A 409 -7.14 -7.24 -42.80
N GLY A 410 -7.31 -6.54 -43.93
CA GLY A 410 -7.65 -7.02 -45.26
C GLY A 410 -6.40 -7.11 -46.12
N ALA A 411 -5.55 -6.05 -46.07
CA ALA A 411 -4.28 -5.84 -46.78
C ALA A 411 -3.67 -7.00 -47.62
N PRO A 412 -3.19 -8.15 -47.06
CA PRO A 412 -2.61 -9.18 -47.93
C PRO A 412 -3.56 -10.28 -48.46
N PHE A 413 -4.36 -10.90 -47.56
CA PHE A 413 -5.27 -12.01 -47.87
C PHE A 413 -6.72 -11.63 -48.17
N TYR A 414 -7.22 -10.54 -47.55
CA TYR A 414 -8.60 -10.05 -47.66
C TYR A 414 -9.57 -11.11 -47.13
N THR A 415 -9.44 -11.41 -45.83
CA THR A 415 -10.26 -12.41 -45.14
C THR A 415 -11.65 -11.87 -44.80
N GLY A 416 -12.55 -12.79 -44.47
CA GLY A 416 -13.93 -12.47 -44.10
C GLY A 416 -14.50 -13.46 -43.11
N GLN A 417 -15.04 -12.96 -41.97
CA GLN A 417 -15.65 -13.70 -40.87
C GLN A 417 -14.65 -14.64 -40.21
N TYR A 418 -14.34 -15.79 -40.84
CA TYR A 418 -13.34 -16.77 -40.39
C TYR A 418 -12.06 -16.42 -41.15
N GLY A 419 -10.97 -16.22 -40.42
CA GLY A 419 -9.67 -15.83 -40.99
C GLY A 419 -8.98 -16.84 -41.87
N HIS A 420 -7.64 -16.71 -41.96
CA HIS A 420 -6.83 -17.61 -42.77
C HIS A 420 -5.70 -18.26 -41.95
N THR A 421 -5.25 -19.45 -42.36
CA THR A 421 -4.15 -20.18 -41.71
C THR A 421 -3.24 -20.94 -42.70
N GLY A 422 -1.97 -21.05 -42.32
CA GLY A 422 -0.95 -21.75 -43.09
C GLY A 422 0.28 -22.02 -42.25
N ILE A 423 1.41 -22.30 -42.92
CA ILE A 423 2.69 -22.59 -42.25
C ILE A 423 3.76 -21.64 -42.79
N ILE A 424 4.73 -21.24 -41.95
CA ILE A 424 5.85 -20.39 -42.39
C ILE A 424 7.00 -21.25 -42.92
N GLU A 425 7.55 -20.93 -44.10
CA GLU A 425 8.65 -21.69 -44.70
C GLU A 425 10.00 -21.01 -44.45
N SER A 426 10.11 -19.72 -44.77
CA SER A 426 11.32 -18.90 -44.62
C SER A 426 10.97 -17.41 -44.56
N TRP A 427 11.86 -16.59 -43.98
CA TRP A 427 11.65 -15.15 -43.89
C TRP A 427 12.95 -14.33 -43.91
N SER A 428 12.81 -13.05 -44.29
CA SER A 428 13.86 -12.03 -44.35
C SER A 428 13.31 -10.78 -43.67
N ASP A 429 14.18 -9.83 -43.26
CA ASP A 429 13.74 -8.59 -42.61
C ASP A 429 12.94 -7.66 -43.55
N THR A 430 12.59 -8.18 -44.75
CA THR A 430 11.82 -7.50 -45.79
C THR A 430 10.56 -8.30 -46.19
N THR A 431 10.70 -9.61 -46.53
CA THR A 431 9.60 -10.47 -47.01
C THR A 431 9.54 -11.84 -46.29
N VAL A 432 8.35 -12.47 -46.29
CA VAL A 432 8.08 -13.76 -45.65
C VAL A 432 7.43 -14.78 -46.61
N THR A 433 8.02 -15.99 -46.70
CA THR A 433 7.55 -17.11 -47.53
C THR A 433 6.68 -18.03 -46.66
N VAL A 434 5.43 -18.25 -47.10
CA VAL A 434 4.47 -19.12 -46.40
C VAL A 434 3.86 -20.19 -47.31
N LEU A 435 3.51 -21.35 -46.73
CA LEU A 435 2.86 -22.45 -47.42
C LEU A 435 1.44 -22.55 -46.85
N GLU A 436 0.43 -22.23 -47.68
CA GLU A 436 -0.99 -22.21 -47.29
C GLU A 436 -1.91 -22.80 -48.38
N GLN A 437 -3.12 -23.25 -47.99
CA GLN A 437 -4.06 -23.85 -48.94
C GLN A 437 -5.12 -22.93 -49.56
N ASN A 438 -6.37 -22.93 -49.03
CA ASN A 438 -7.52 -22.20 -49.57
C ASN A 438 -7.41 -20.67 -49.79
N ILE A 439 -6.64 -20.27 -50.81
CA ILE A 439 -6.50 -18.87 -51.23
C ILE A 439 -7.30 -18.75 -52.53
N LEU A 440 -8.54 -18.26 -52.40
CA LEU A 440 -9.53 -18.09 -53.47
C LEU A 440 -9.90 -19.38 -54.23
N GLY A 441 -9.74 -20.54 -53.58
CA GLY A 441 -10.07 -21.82 -54.16
C GLY A 441 -8.95 -22.84 -54.18
N SER A 442 -7.96 -22.70 -53.24
CA SER A 442 -6.81 -23.59 -53.05
C SER A 442 -5.89 -23.67 -54.30
N PRO A 443 -4.90 -24.62 -54.43
CA PRO A 443 -4.46 -25.69 -53.52
C PRO A 443 -3.33 -25.20 -52.61
N VAL A 444 -2.40 -26.09 -52.23
CA VAL A 444 -1.25 -25.71 -51.42
C VAL A 444 -0.31 -24.92 -52.32
N ILE A 445 -0.19 -23.62 -52.06
CA ILE A 445 0.63 -22.72 -52.85
C ILE A 445 1.68 -22.00 -52.01
N ARG A 446 2.89 -21.83 -52.59
CA ARG A 446 3.97 -21.10 -51.93
C ARG A 446 3.79 -19.63 -52.27
N SER A 447 3.48 -18.80 -51.26
CA SER A 447 3.24 -17.38 -51.45
C SER A 447 4.08 -16.49 -50.54
N THR A 448 4.69 -15.44 -51.13
CA THR A 448 5.54 -14.47 -50.43
C THR A 448 4.80 -13.16 -50.25
N TYR A 449 4.78 -12.65 -49.01
CA TYR A 449 4.10 -11.41 -48.64
C TYR A 449 5.05 -10.45 -47.93
N ASP A 450 4.68 -9.15 -47.85
CA ASP A 450 5.47 -8.13 -47.14
C ASP A 450 5.46 -8.46 -45.65
N LEU A 451 6.65 -8.51 -45.03
CA LEU A 451 6.85 -8.83 -43.61
C LEU A 451 5.99 -7.97 -42.67
N ASN A 452 5.98 -6.64 -42.91
CA ASN A 452 5.18 -5.69 -42.13
C ASN A 452 3.68 -5.87 -42.37
N THR A 453 3.26 -6.06 -43.65
CA THR A 453 1.87 -6.26 -44.05
C THR A 453 1.30 -7.59 -43.55
N PHE A 454 2.10 -8.67 -43.58
CA PHE A 454 1.71 -10.01 -43.13
C PHE A 454 1.54 -10.09 -41.62
N LEU A 455 2.50 -9.52 -40.85
CA LEU A 455 2.46 -9.52 -39.39
C LEU A 455 1.27 -8.73 -38.83
N SER A 456 0.81 -7.71 -39.57
CA SER A 456 -0.37 -6.88 -39.25
C SER A 456 -1.65 -7.72 -39.25
N THR A 457 -1.71 -8.75 -40.12
CA THR A 457 -2.84 -9.66 -40.26
C THR A 457 -2.89 -10.71 -39.13
N LEU A 458 -1.74 -11.02 -38.52
CA LEU A 458 -1.60 -12.04 -37.47
C LEU A 458 -2.34 -11.82 -36.15
N THR A 459 -2.94 -12.91 -35.63
CA THR A 459 -3.69 -12.99 -34.37
C THR A 459 -3.01 -13.97 -33.40
N GLY A 460 -2.24 -14.92 -33.93
CA GLY A 460 -1.53 -15.92 -33.13
C GLY A 460 -0.66 -16.87 -33.93
N LEU A 461 0.32 -17.47 -33.24
CA LEU A 461 1.26 -18.45 -33.79
C LEU A 461 1.36 -19.67 -32.88
N ILE A 462 1.66 -20.84 -33.46
CA ILE A 462 1.83 -22.08 -32.70
C ILE A 462 3.14 -22.75 -33.15
N THR A 463 4.19 -22.65 -32.32
CA THR A 463 5.53 -23.21 -32.60
C THR A 463 5.71 -24.62 -32.01
N PHE A 464 6.50 -25.47 -32.69
CA PHE A 464 6.80 -26.84 -32.26
C PHE A 464 8.22 -26.94 -31.73
N SER B 2 24.96 30.63 46.17
CA SER B 2 24.16 31.47 47.07
C SER B 2 23.52 30.65 48.21
N LYS B 3 23.04 31.35 49.25
CA LYS B 3 22.35 30.76 50.41
C LYS B 3 21.38 31.79 51.01
N LYS B 4 20.28 32.04 50.28
CA LYS B 4 19.23 32.99 50.63
C LYS B 4 18.35 32.55 51.81
N TYR B 5 18.39 31.26 52.18
CA TYR B 5 17.57 30.72 53.27
C TYR B 5 18.39 30.14 54.42
N THR B 6 17.73 29.85 55.55
CA THR B 6 18.35 29.29 56.77
C THR B 6 18.49 27.77 56.64
N GLN B 7 19.45 27.18 57.39
CA GLN B 7 19.72 25.73 57.41
C GLN B 7 18.46 24.94 57.79
N GLN B 8 17.66 25.46 58.74
CA GLN B 8 16.40 24.87 59.21
C GLN B 8 15.36 24.85 58.07
N GLN B 9 15.32 25.92 57.25
CA GLN B 9 14.40 26.05 56.11
C GLN B 9 14.71 25.03 55.01
N TYR B 10 16.01 24.83 54.67
CA TYR B 10 16.44 23.86 53.66
C TYR B 10 16.08 22.44 54.09
N GLU B 11 16.31 22.14 55.39
CA GLU B 11 16.01 20.85 56.00
C GLU B 11 14.51 20.57 55.99
N LYS B 12 13.67 21.61 56.23
CA LYS B 12 12.21 21.54 56.21
C LYS B 12 11.67 21.34 54.80
N TYR B 13 12.33 21.96 53.79
CA TYR B 13 11.97 21.86 52.37
C TYR B 13 12.24 20.45 51.84
N LEU B 14 13.34 19.82 52.31
CA LEU B 14 13.71 18.48 51.90
C LEU B 14 12.97 17.40 52.70
N ALA B 15 12.50 17.74 53.92
CA ALA B 15 11.73 16.83 54.78
C ALA B 15 10.29 16.63 54.26
N GLN B 16 9.86 17.47 53.30
CA GLN B 16 8.53 17.44 52.69
C GLN B 16 8.29 16.12 51.94
N PRO B 17 7.22 15.37 52.26
CA PRO B 17 6.94 14.14 51.49
C PRO B 17 6.34 14.48 50.14
N ALA B 18 6.50 13.60 49.14
CA ALA B 18 5.97 13.87 47.80
C ALA B 18 5.27 12.64 47.17
N ASN B 19 3.98 12.32 47.49
CA ASN B 19 3.01 12.91 48.43
C ASN B 19 2.62 14.40 48.26
N ASN B 20 2.65 15.18 49.38
CA ASN B 20 2.29 16.60 49.54
C ASN B 20 2.34 17.50 48.29
N THR B 21 1.16 17.91 47.82
CA THR B 21 0.97 18.77 46.64
C THR B 21 0.74 20.25 47.03
N PHE B 22 0.68 20.54 48.36
CA PHE B 22 0.47 21.87 48.96
C PHE B 22 -0.94 22.47 48.79
N GLY B 23 -1.87 21.65 48.27
CA GLY B 23 -3.26 22.05 48.03
C GLY B 23 -3.46 22.84 46.75
N LEU B 24 -2.46 22.82 45.86
CA LEU B 24 -2.49 23.52 44.56
C LEU B 24 -2.65 22.56 43.38
N SER B 25 -3.13 21.32 43.65
CA SER B 25 -3.34 20.24 42.67
C SER B 25 -4.07 20.56 41.36
N PRO B 26 -5.21 21.31 41.31
CA PRO B 26 -5.87 21.54 40.01
C PRO B 26 -5.21 22.55 39.05
N GLN B 27 -6.01 23.48 38.49
CA GLN B 27 -5.66 24.48 37.49
C GLN B 27 -4.48 25.43 37.78
N GLN B 28 -4.41 25.97 39.02
CA GLN B 28 -3.37 26.94 39.43
C GLN B 28 -1.91 26.54 39.18
N VAL B 29 -1.59 25.24 39.33
CA VAL B 29 -0.25 24.73 39.08
C VAL B 29 0.02 24.58 37.58
N ALA B 30 -1.03 24.24 36.80
CA ALA B 30 -0.97 24.06 35.35
C ALA B 30 -0.79 25.41 34.64
N ASP B 31 -1.50 26.45 35.11
CA ASP B 31 -1.44 27.81 34.57
C ASP B 31 -0.06 28.45 34.80
N TRP B 32 0.61 28.09 35.91
CA TRP B 32 1.94 28.56 36.27
C TRP B 32 2.99 27.95 35.33
N PHE B 33 2.84 26.65 35.01
CA PHE B 33 3.72 25.86 34.14
C PHE B 33 3.86 26.44 32.74
N MET B 34 2.79 27.06 32.22
CA MET B 34 2.76 27.67 30.88
C MET B 34 3.56 28.98 30.83
N GLY B 35 3.38 29.83 31.84
CA GLY B 35 4.01 31.14 31.95
C GLY B 35 5.46 31.14 32.36
N GLN B 36 5.84 30.28 33.33
CA GLN B 36 7.20 30.18 33.88
C GLN B 36 8.26 29.68 32.87
N ALA B 37 7.82 29.18 31.69
CA ALA B 37 8.60 28.62 30.59
C ALA B 37 10.07 29.09 30.39
N GLY B 38 11.06 28.36 30.91
CA GLY B 38 10.93 27.15 31.73
C GLY B 38 10.58 25.87 31.00
N ALA B 39 9.28 25.53 31.02
CA ALA B 39 8.67 24.35 30.40
C ALA B 39 8.52 24.42 28.86
N ARG B 40 9.13 25.43 28.22
CA ARG B 40 9.09 25.60 26.76
C ARG B 40 9.57 24.36 25.96
N PRO B 41 10.74 23.72 26.28
CA PRO B 41 11.13 22.51 25.51
C PRO B 41 10.21 21.31 25.71
N VAL B 42 9.60 21.17 26.91
CA VAL B 42 8.67 20.08 27.22
C VAL B 42 7.27 20.32 26.62
N ILE B 43 6.96 21.60 26.29
CA ILE B 43 5.69 22.00 25.67
C ILE B 43 5.76 21.81 24.15
N ASN B 44 6.89 22.22 23.52
CA ASN B 44 7.13 22.10 22.08
C ASN B 44 7.33 20.63 21.69
N SER B 45 8.40 19.98 22.22
CA SER B 45 8.70 18.57 21.98
C SER B 45 7.70 17.72 22.78
N TYR B 46 7.23 16.60 22.20
CA TYR B 46 6.21 15.70 22.78
C TYR B 46 4.91 16.51 23.03
N GLY B 47 4.49 17.23 21.99
CA GLY B 47 3.35 18.13 21.98
C GLY B 47 2.06 17.59 22.60
N VAL B 48 1.35 18.38 23.42
CA VAL B 48 1.69 19.74 23.88
C VAL B 48 1.25 19.82 25.34
N ASN B 49 1.72 20.84 26.08
CA ASN B 49 1.39 21.05 27.49
C ASN B 49 -0.13 21.23 27.71
N ALA B 50 -0.66 22.46 27.58
CA ALA B 50 -2.08 22.85 27.72
C ALA B 50 -2.80 22.33 28.99
N SER B 51 -3.42 23.25 29.77
CA SER B 51 -4.13 22.99 31.03
C SER B 51 -5.08 21.78 31.02
N ASN B 52 -5.87 21.60 29.94
CA ASN B 52 -6.80 20.48 29.78
C ASN B 52 -6.06 19.14 29.62
N LEU B 53 -4.97 19.14 28.82
CA LEU B 53 -4.13 17.95 28.61
C LEU B 53 -3.27 17.68 29.85
N VAL B 54 -2.94 18.73 30.62
CA VAL B 54 -2.19 18.64 31.88
C VAL B 54 -3.11 18.03 32.95
N SER B 55 -4.43 18.32 32.86
CA SER B 55 -5.46 17.76 33.75
C SER B 55 -5.69 16.25 33.49
N THR B 56 -5.05 15.71 32.43
CA THR B 56 -5.03 14.32 32.01
C THR B 56 -3.64 13.73 32.31
N TYR B 57 -2.62 14.61 32.45
CA TYR B 57 -1.23 14.27 32.77
C TYR B 57 -1.01 14.17 34.29
N ILE B 58 -1.64 15.09 35.07
CA ILE B 58 -1.57 15.14 36.54
C ILE B 58 -2.07 13.85 37.22
N PRO B 59 -3.23 13.23 36.85
CA PRO B 59 -3.65 11.99 37.52
C PRO B 59 -2.66 10.82 37.39
N LYS B 60 -1.82 10.83 36.34
CA LYS B 60 -0.77 9.82 36.11
C LYS B 60 0.33 9.98 37.17
N MET B 61 0.61 11.23 37.59
CA MET B 61 1.58 11.56 38.64
C MET B 61 0.97 11.12 39.99
N GLN B 62 -0.35 11.35 40.16
CA GLN B 62 -1.14 11.00 41.34
C GLN B 62 -1.23 9.48 41.50
N GLU B 63 -1.28 8.75 40.36
CA GLU B 63 -1.33 7.28 40.31
C GLU B 63 0.02 6.70 40.76
N TYR B 64 1.12 7.41 40.45
CA TYR B 64 2.48 7.03 40.82
C TYR B 64 2.91 7.58 42.19
N GLY B 65 2.00 8.31 42.84
CA GLY B 65 2.21 8.89 44.17
C GLY B 65 3.30 9.93 44.25
N VAL B 66 3.48 10.72 43.16
CA VAL B 66 4.46 11.80 43.06
C VAL B 66 3.72 13.13 43.01
N SER B 67 4.15 14.11 43.85
CA SER B 67 3.57 15.44 43.96
C SER B 67 3.47 16.16 42.62
N TYR B 68 2.25 16.62 42.27
CA TYR B 68 1.94 17.33 41.03
C TYR B 68 2.71 18.66 40.95
N THR B 69 2.79 19.38 42.08
CA THR B 69 3.47 20.66 42.20
C THR B 69 4.99 20.50 42.06
N LEU B 70 5.58 19.58 42.86
CA LEU B 70 7.03 19.31 42.87
C LEU B 70 7.59 18.74 41.57
N PHE B 71 6.77 18.00 40.80
CA PHE B 71 7.19 17.43 39.51
C PHE B 71 7.24 18.52 38.42
N LEU B 72 6.21 19.38 38.37
CA LEU B 72 6.10 20.47 37.38
C LEU B 72 7.16 21.55 37.62
N MET B 73 7.49 21.81 38.91
CA MET B 73 8.50 22.78 39.34
C MET B 73 9.89 22.32 38.89
N TYR B 74 10.19 21.02 39.10
CA TYR B 74 11.46 20.39 38.72
C TYR B 74 11.65 20.30 37.20
N THR B 75 10.53 20.21 36.45
CA THR B 75 10.52 20.16 34.98
C THR B 75 10.93 21.55 34.43
N VAL B 76 10.58 22.62 35.16
CA VAL B 76 10.91 24.00 34.81
C VAL B 76 12.38 24.33 35.14
N PHE B 77 12.94 23.65 36.17
CA PHE B 77 14.33 23.81 36.63
C PHE B 77 15.37 23.58 35.53
N GLU B 78 15.15 22.55 34.68
CA GLU B 78 16.05 22.20 33.57
C GLU B 78 15.33 21.57 32.38
N GLY B 79 15.86 21.81 31.17
CA GLY B 79 15.31 21.29 29.93
C GLY B 79 16.09 21.68 28.70
N ALA B 82 18.54 17.89 26.87
CA ALA B 82 18.59 16.44 26.70
C ALA B 82 17.75 15.72 27.75
N GLY B 83 17.06 14.66 27.32
CA GLY B 83 16.21 13.85 28.17
C GLY B 83 14.78 14.34 28.27
N ASN B 84 13.86 13.41 28.55
CA ASN B 84 12.42 13.67 28.69
C ASN B 84 12.06 14.19 30.08
N TRP B 85 11.21 15.24 30.14
CA TRP B 85 10.71 15.91 31.36
C TRP B 85 11.82 16.43 32.31
N ILE B 86 12.55 15.52 32.97
CA ILE B 86 13.63 15.83 33.90
C ILE B 86 15.00 15.61 33.18
N ASN B 87 15.92 14.82 33.76
CA ASN B 87 17.23 14.51 33.19
C ASN B 87 17.11 13.14 32.48
N HIS B 88 18.18 12.31 32.58
CA HIS B 88 18.30 10.95 32.06
C HIS B 88 18.20 10.77 30.55
N TYR B 89 19.27 10.16 29.97
CA TYR B 89 19.43 9.79 28.56
C TYR B 89 18.80 10.77 27.54
N MET B 90 18.05 10.25 26.54
CA MET B 90 17.36 11.03 25.52
C MET B 90 15.98 10.42 25.25
N TYR B 91 14.90 11.20 25.48
CA TYR B 91 13.48 10.88 25.30
C TYR B 91 13.18 9.37 25.13
N ASP B 92 13.52 8.55 26.15
CA ASP B 92 13.32 7.09 26.10
C ASP B 92 11.86 6.69 26.18
N THR B 93 11.30 6.25 25.03
CA THR B 93 9.91 5.83 24.81
C THR B 93 8.87 6.85 25.31
N GLY B 94 8.71 7.99 24.63
CA GLY B 94 9.40 8.37 23.40
C GLY B 94 8.40 8.68 22.32
N SER B 95 7.36 7.83 22.22
CA SER B 95 6.27 7.97 21.27
C SER B 95 5.40 9.20 21.61
N ASN B 96 5.01 9.34 22.89
CA ASN B 96 4.18 10.45 23.38
C ASN B 96 4.64 10.97 24.76
N GLY B 97 4.20 12.18 25.09
CA GLY B 97 4.50 12.88 26.33
C GLY B 97 4.03 12.15 27.58
N LEU B 98 2.86 11.49 27.51
CA LEU B 98 2.28 10.70 28.60
C LEU B 98 3.17 9.49 28.89
N GLU B 99 3.65 8.80 27.84
CA GLU B 99 4.54 7.64 27.93
C GLU B 99 5.87 8.06 28.55
N CYS B 100 6.47 9.16 28.04
CA CYS B 100 7.73 9.76 28.52
C CYS B 100 7.67 10.06 30.01
N LEU B 101 6.53 10.63 30.48
CA LEU B 101 6.28 11.01 31.86
C LEU B 101 6.30 9.79 32.79
N GLU B 102 5.65 8.68 32.37
CA GLU B 102 5.58 7.43 33.13
C GLU B 102 6.94 6.84 33.51
N HIS B 103 7.92 6.88 32.57
CA HIS B 103 9.29 6.39 32.77
C HIS B 103 10.02 7.19 33.85
N ASP B 104 9.83 8.53 33.84
CA ASP B 104 10.40 9.47 34.80
C ASP B 104 9.87 9.19 36.20
N LEU B 105 8.55 8.89 36.31
CA LEU B 105 7.89 8.55 37.57
C LEU B 105 8.40 7.19 38.09
N GLN B 106 8.61 6.23 37.16
CA GLN B 106 9.14 4.89 37.45
C GLN B 106 10.58 4.96 37.97
N TYR B 107 11.36 5.97 37.51
CA TYR B 107 12.73 6.23 37.93
C TYR B 107 12.76 6.73 39.39
N ILE B 108 11.85 7.69 39.72
CA ILE B 108 11.70 8.28 41.06
C ILE B 108 11.38 7.18 42.09
N HIS B 109 10.64 6.14 41.66
CA HIS B 109 10.29 4.96 42.46
C HIS B 109 11.53 4.14 42.84
N GLY B 110 12.53 4.12 41.95
CA GLY B 110 13.78 3.42 42.17
C GLY B 110 14.87 4.28 42.79
N VAL B 111 14.50 5.46 43.33
CA VAL B 111 15.43 6.42 43.95
C VAL B 111 14.98 6.83 45.37
N TRP B 112 13.68 7.19 45.55
CA TRP B 112 13.11 7.64 46.83
C TRP B 112 13.13 6.65 48.00
N GLU B 113 13.46 5.37 47.72
CA GLU B 113 13.54 4.32 48.74
C GLU B 113 14.95 3.72 48.83
N THR B 114 15.76 3.88 47.76
CA THR B 114 17.15 3.41 47.64
C THR B 114 18.13 4.43 48.23
N TYR B 115 19.20 3.95 48.90
CA TYR B 115 20.24 4.80 49.48
C TYR B 115 21.40 5.00 48.51
N PHE B 116 21.85 6.25 48.37
CA PHE B 116 22.99 6.64 47.53
C PHE B 116 23.87 7.58 48.35
N PRO B 117 25.22 7.46 48.30
CA PRO B 117 26.07 8.37 49.09
C PRO B 117 25.90 9.85 48.71
N PRO B 118 25.77 10.77 49.70
CA PRO B 118 25.56 12.19 49.37
C PRO B 118 26.65 12.84 48.52
N ALA B 119 26.26 13.89 47.78
CA ALA B 119 27.04 14.67 46.82
C ALA B 119 28.43 15.22 47.28
N LEU B 120 28.49 16.52 47.66
CA LEU B 120 29.71 17.25 48.09
C LEU B 120 30.81 17.40 47.00
N SER B 121 30.39 17.43 45.71
CA SER B 121 31.20 17.60 44.49
C SER B 121 32.26 16.53 44.17
N ALA B 122 32.35 16.14 42.89
CA ALA B 122 33.31 15.16 42.38
C ALA B 122 33.91 15.53 40.99
N PRO B 123 33.13 15.91 39.94
CA PRO B 123 33.76 16.26 38.66
C PRO B 123 34.37 17.66 38.64
N GLU B 124 35.66 17.74 38.28
CA GLU B 124 36.51 18.94 38.16
C GLU B 124 36.82 19.70 39.43
N CYS B 125 35.98 19.57 40.46
CA CYS B 125 36.11 20.34 41.70
C CYS B 125 36.91 19.71 42.82
N TYR B 126 37.51 20.58 43.66
CA TYR B 126 38.23 20.33 44.91
C TYR B 126 37.14 19.83 45.88
N PRO B 127 37.39 18.85 46.80
CA PRO B 127 36.31 18.40 47.69
C PRO B 127 35.93 19.47 48.70
N ALA B 128 34.61 19.70 48.85
CA ALA B 128 34.06 20.71 49.76
C ALA B 128 34.18 20.28 51.23
N THR B 129 34.79 21.14 52.05
CA THR B 129 34.99 20.91 53.47
C THR B 129 33.85 21.51 54.31
N GLU B 130 33.65 20.97 55.53
CA GLU B 130 32.72 21.34 56.61
C GLU B 130 32.32 20.08 57.35
N ASP B 131 32.15 20.14 58.69
CA ASP B 131 31.71 18.96 59.44
C ASP B 131 30.23 18.68 59.21
N ASN B 132 29.52 19.65 58.57
CA ASN B 132 28.12 19.51 58.16
C ASN B 132 28.00 18.52 56.98
N ALA B 133 29.15 18.09 56.41
CA ALA B 133 29.24 17.04 55.38
C ALA B 133 28.91 15.74 56.09
N GLY B 134 29.30 15.68 57.38
CA GLY B 134 28.99 14.60 58.31
C GLY B 134 27.54 14.70 58.76
N ALA B 135 26.98 15.93 58.78
CA ALA B 135 25.59 16.22 59.13
C ALA B 135 24.66 16.03 57.93
N LEU B 136 25.20 16.15 56.69
CA LEU B 136 24.45 15.96 55.44
C LEU B 136 24.10 14.49 55.30
N ASP B 137 25.10 13.59 55.48
CA ASP B 137 24.91 12.13 55.44
C ASP B 137 23.95 11.73 56.56
N ARG B 138 24.06 12.41 57.73
CA ARG B 138 23.20 12.20 58.89
C ARG B 138 21.77 12.62 58.58
N PHE B 139 21.59 13.72 57.83
CA PHE B 139 20.27 14.24 57.42
C PHE B 139 19.61 13.38 56.34
N TYR B 140 20.40 12.89 55.35
CA TYR B 140 19.91 12.03 54.28
C TYR B 140 19.40 10.70 54.83
N GLN B 141 20.10 10.15 55.84
CA GLN B 141 19.74 8.92 56.53
C GLN B 141 18.59 9.18 57.53
N SER B 142 18.48 10.43 58.04
CA SER B 142 17.42 10.87 58.97
C SER B 142 16.08 10.86 58.25
N LEU B 143 16.08 11.26 56.96
CA LEU B 143 14.91 11.25 56.08
C LEU B 143 14.44 9.79 55.94
N PRO B 144 13.13 9.49 56.12
CA PRO B 144 12.70 8.08 56.08
C PRO B 144 12.60 7.44 54.71
N GLY B 145 11.44 7.53 54.08
CA GLY B 145 11.19 6.93 52.78
C GLY B 145 11.01 7.90 51.64
N ARG B 146 9.83 7.85 51.04
CA ARG B 146 9.43 8.63 49.86
C ARG B 146 9.27 10.16 50.10
N THR B 147 10.38 10.82 50.46
CA THR B 147 10.39 12.29 50.68
C THR B 147 11.05 12.97 49.48
N TRP B 148 10.84 14.30 49.32
CA TRP B 148 11.44 15.08 48.24
C TRP B 148 12.97 15.15 48.38
N GLY B 149 13.46 15.07 49.61
CA GLY B 149 14.89 15.06 49.93
C GLY B 149 15.58 13.81 49.41
N ASP B 150 14.92 12.65 49.55
CA ASP B 150 15.44 11.35 49.08
C ASP B 150 15.61 11.32 47.55
N VAL B 151 14.85 12.16 46.84
CA VAL B 151 14.91 12.28 45.37
C VAL B 151 16.00 13.29 44.98
N MET B 152 15.97 14.48 45.62
CA MET B 152 16.90 15.59 45.35
C MET B 152 18.34 15.35 45.79
N ILE B 153 18.60 15.29 47.13
CA ILE B 153 19.93 15.09 47.74
C ILE B 153 20.97 14.25 46.97
N PRO B 154 20.68 13.00 46.49
CA PRO B 154 21.71 12.27 45.74
C PRO B 154 21.99 12.79 44.33
N SER B 155 20.99 13.41 43.68
CA SER B 155 21.09 13.95 42.32
C SER B 155 21.77 15.32 42.25
N THR B 156 21.28 16.30 43.03
CA THR B 156 21.82 17.67 43.04
C THR B 156 23.10 17.84 43.86
N MET B 157 24.23 17.96 43.16
CA MET B 157 25.57 18.12 43.71
C MET B 157 25.83 19.56 44.19
N ALA B 158 25.47 20.54 43.36
CA ALA B 158 25.64 21.98 43.60
C ALA B 158 24.82 22.50 44.79
N GLY B 159 23.68 21.86 45.06
CA GLY B 159 22.78 22.24 46.15
C GLY B 159 23.31 21.91 47.52
N ASN B 160 23.77 20.66 47.72
CA ASN B 160 24.32 20.16 48.97
C ASN B 160 25.59 20.91 49.40
N ALA B 161 26.43 21.29 48.41
CA ALA B 161 27.68 22.01 48.62
C ALA B 161 27.45 23.43 49.13
N TRP B 162 26.37 24.09 48.69
CA TRP B 162 26.05 25.46 49.12
C TRP B 162 25.27 25.51 50.43
N VAL B 163 24.71 24.37 50.88
CA VAL B 163 23.93 24.28 52.11
C VAL B 163 24.77 23.71 53.27
N TRP B 164 25.41 22.55 53.05
CA TRP B 164 26.22 21.87 54.07
C TRP B 164 27.72 22.23 54.07
N ALA B 165 28.19 22.99 53.08
CA ALA B 165 29.58 23.43 52.99
C ALA B 165 29.67 24.88 52.47
N TYR B 166 28.74 25.73 52.95
CA TYR B 166 28.62 27.16 52.60
C TYR B 166 29.88 27.98 52.91
N ASN B 167 30.53 27.70 54.06
CA ASN B 167 31.74 28.40 54.51
C ASN B 167 32.87 28.29 53.48
N TYR B 168 33.08 27.08 52.93
CA TYR B 168 34.10 26.80 51.93
C TYR B 168 33.81 27.52 50.61
N CYS B 169 32.55 27.42 50.12
CA CYS B 169 32.08 28.01 48.86
C CYS B 169 32.28 29.52 48.76
N VAL B 170 31.91 30.27 49.82
CA VAL B 170 32.03 31.73 49.84
C VAL B 170 33.48 32.22 49.86
N ASN B 171 34.36 31.51 50.60
CA ASN B 171 35.79 31.84 50.70
C ASN B 171 36.53 31.59 49.39
N ASN B 172 36.06 30.62 48.60
CA ASN B 172 36.64 30.26 47.30
C ASN B 172 35.92 31.00 46.16
N GLN B 173 35.45 30.27 45.11
CA GLN B 173 34.76 30.82 43.94
C GLN B 173 35.48 31.95 43.16
N GLY B 174 36.27 31.61 42.14
CA GLY B 174 36.52 30.26 41.68
C GLY B 174 35.94 29.97 40.30
N ALA B 175 36.78 29.45 39.38
CA ALA B 175 36.38 29.12 38.02
C ALA B 175 36.30 27.59 37.83
N ALA B 176 37.10 27.03 36.90
CA ALA B 176 37.14 25.60 36.57
C ALA B 176 37.62 24.67 37.70
N PRO B 177 38.76 24.91 38.42
CA PRO B 177 39.15 23.96 39.49
C PRO B 177 38.33 24.10 40.78
N LEU B 178 37.94 25.34 41.12
CA LEU B 178 37.15 25.66 42.32
C LEU B 178 35.65 25.73 42.00
N VAL B 179 34.85 26.29 42.93
CA VAL B 179 33.39 26.41 42.81
C VAL B 179 32.96 27.46 41.77
N TYR B 180 32.24 27.00 40.73
CA TYR B 180 31.71 27.80 39.62
C TYR B 180 30.18 27.89 39.67
N PHE B 181 29.56 26.85 40.23
CA PHE B 181 28.11 26.65 40.33
C PHE B 181 27.43 27.51 41.38
N GLY B 182 26.11 27.68 41.20
CA GLY B 182 25.24 28.40 42.10
C GLY B 182 24.47 27.42 42.97
N ASN B 183 23.34 27.86 43.54
CA ASN B 183 22.53 26.98 44.38
C ASN B 183 21.19 26.62 43.73
N PRO B 184 21.05 25.36 43.24
CA PRO B 184 19.77 24.94 42.64
C PRO B 184 18.62 24.83 43.65
N TYR B 185 18.92 24.67 44.96
CA TYR B 185 17.89 24.59 46.01
C TYR B 185 17.22 25.94 46.21
N ASP B 186 18.00 27.04 46.07
CA ASP B 186 17.48 28.39 46.16
C ASP B 186 16.57 28.66 44.97
N SER B 187 17.01 28.29 43.74
CA SER B 187 16.25 28.42 42.50
C SER B 187 14.95 27.61 42.55
N GLN B 188 14.96 26.46 43.25
CA GLN B 188 13.80 25.59 43.43
C GLN B 188 12.81 26.19 44.45
N ILE B 189 13.31 26.65 45.61
CA ILE B 189 12.50 27.27 46.66
C ILE B 189 11.88 28.59 46.19
N ASP B 190 12.67 29.44 45.48
CA ASP B 190 12.22 30.73 44.94
C ASP B 190 11.07 30.56 43.96
N SER B 191 11.16 29.55 43.07
CA SER B 191 10.14 29.24 42.08
C SER B 191 8.92 28.54 42.68
N LEU B 192 9.13 27.73 43.74
CA LEU B 192 8.05 27.01 44.44
C LEU B 192 7.17 28.00 45.21
N LEU B 193 7.77 29.06 45.77
CA LEU B 193 7.06 30.12 46.49
C LEU B 193 6.31 31.01 45.49
N ALA B 194 6.92 31.22 44.29
CA ALA B 194 6.36 32.01 43.19
C ALA B 194 5.15 31.30 42.61
N MET B 195 5.12 29.96 42.70
CA MET B 195 4.00 29.11 42.28
C MET B 195 2.83 29.30 43.25
N GLY B 196 3.14 29.70 44.48
CA GLY B 196 2.17 29.97 45.52
C GLY B 196 2.06 28.90 46.58
N ALA B 197 3.20 28.39 47.07
CA ALA B 197 3.24 27.36 48.10
C ALA B 197 4.38 27.56 49.10
N ASP B 198 4.08 27.33 50.39
CA ASP B 198 5.06 27.46 51.48
C ASP B 198 5.69 26.10 51.78
N PRO B 199 7.00 25.90 51.47
CA PRO B 199 7.63 24.59 51.75
C PRO B 199 8.23 24.47 53.15
N PHE B 200 7.69 25.23 54.14
CA PHE B 200 8.21 25.19 55.51
C PHE B 200 7.17 24.99 56.62
N THR B 201 6.46 26.08 57.03
CA THR B 201 5.46 26.12 58.13
C THR B 201 4.44 24.98 58.20
N GLY B 202 3.40 25.03 57.36
CA GLY B 202 2.35 24.03 57.31
C GLY B 202 2.77 22.73 56.62
N GLY B 203 3.74 22.85 55.72
CA GLY B 203 4.28 21.74 54.94
C GLY B 203 5.00 20.70 55.75
N SER B 204 5.73 21.12 56.81
CA SER B 204 6.49 20.22 57.69
C SER B 204 5.56 19.35 58.55
N ILE B 205 4.35 19.86 58.86
CA ILE B 205 3.33 19.20 59.69
C ILE B 205 2.66 17.99 59.00
N THR B 206 2.75 17.89 57.65
CA THR B 206 2.15 16.80 56.86
C THR B 206 2.78 15.42 57.11
N GLY B 207 4.11 15.36 57.15
CA GLY B 207 4.84 14.12 57.37
C GLY B 207 6.27 14.28 57.86
N ASP B 208 7.15 13.28 57.65
CA ASP B 208 6.83 12.03 56.95
C ASP B 208 6.43 10.90 57.92
N GLY B 209 7.37 10.46 58.76
CA GLY B 209 7.17 9.41 59.75
C GLY B 209 6.86 8.06 59.15
N LYS B 210 7.84 7.46 58.45
CA LYS B 210 7.70 6.16 57.79
C LYS B 210 8.97 5.28 57.91
N ASN B 211 9.03 4.17 57.14
CA ASN B 211 10.13 3.20 57.08
C ASN B 211 11.42 3.84 56.50
N PRO B 212 12.63 3.48 57.01
CA PRO B 212 13.87 4.10 56.49
C PRO B 212 14.29 3.72 55.06
N SER B 213 15.28 4.46 54.51
CA SER B 213 15.85 4.26 53.18
C SER B 213 16.68 2.97 53.15
N VAL B 214 16.34 2.04 52.23
CA VAL B 214 17.03 0.75 52.10
C VAL B 214 18.38 0.83 51.36
N GLY B 215 19.34 0.01 51.79
CA GLY B 215 20.68 -0.06 51.22
C GLY B 215 20.69 -0.60 49.81
N THR B 216 21.54 0.00 48.93
CA THR B 216 21.66 -0.36 47.51
C THR B 216 22.37 -1.69 47.24
N GLY B 217 21.78 -2.47 46.34
CA GLY B 217 22.31 -3.76 45.89
C GLY B 217 22.78 -3.66 44.46
N ASN B 218 24.06 -3.27 44.27
CA ASN B 218 24.70 -3.05 42.97
C ASN B 218 26.24 -3.11 42.99
N ALA B 219 26.85 -3.57 41.88
CA ALA B 219 28.31 -3.70 41.69
C ALA B 219 28.71 -3.40 40.24
N THR B 220 30.00 -3.05 40.02
CA THR B 220 30.55 -2.74 38.70
C THR B 220 31.54 -3.80 38.22
N VAL B 221 31.55 -4.07 36.89
CA VAL B 221 32.44 -5.07 36.29
C VAL B 221 33.80 -4.47 35.93
N SER B 222 34.88 -5.21 36.21
CA SER B 222 36.25 -4.80 35.92
C SER B 222 36.51 -4.94 34.41
N ALA B 223 36.38 -3.81 33.68
CA ALA B 223 36.55 -3.75 32.23
C ALA B 223 37.87 -3.10 31.82
N SER B 224 38.52 -3.66 30.78
CA SER B 224 39.79 -3.16 30.24
C SER B 224 39.52 -2.24 29.04
N SER B 225 39.49 -0.91 29.30
CA SER B 225 39.25 0.12 28.28
C SER B 225 40.02 1.41 28.61
N ALA B 227 40.36 2.34 20.38
CA ALA B 227 39.67 3.33 19.58
C ALA B 227 38.34 3.76 20.21
N ASN B 228 38.01 5.06 20.09
CA ASN B 228 36.78 5.63 20.64
C ASN B 228 35.74 5.94 19.55
N ARG B 229 36.17 6.61 18.46
CA ARG B 229 35.31 6.97 17.34
C ARG B 229 35.01 5.78 16.43
N GLU B 230 36.02 4.90 16.21
CA GLU B 230 35.92 3.70 15.38
C GLU B 230 35.08 2.58 16.00
N LYS B 231 34.86 2.62 17.34
CA LYS B 231 34.06 1.64 18.08
C LYS B 231 32.57 1.69 17.69
N LEU B 232 32.04 2.93 17.51
CA LEU B 232 30.66 3.19 17.10
C LEU B 232 30.44 2.83 15.61
N LYS B 233 31.49 3.03 14.78
CA LYS B 233 31.50 2.75 13.34
C LYS B 233 31.28 1.27 13.03
N LYS B 234 31.91 0.37 13.83
CA LYS B 234 31.81 -1.10 13.69
C LYS B 234 30.37 -1.59 13.79
N ALA B 235 29.56 -0.98 14.69
CA ALA B 235 28.15 -1.31 14.90
C ALA B 235 27.26 -0.62 13.86
N LEU B 236 27.65 0.60 13.42
CA LEU B 236 26.94 1.40 12.41
C LEU B 236 26.93 0.69 11.06
N THR B 237 28.01 -0.05 10.75
CA THR B 237 28.17 -0.84 9.52
C THR B 237 27.37 -2.13 9.62
N ASP B 238 27.41 -2.81 10.79
CA ASP B 238 26.72 -4.06 11.05
C ASP B 238 25.20 -3.93 11.01
N LEU B 239 24.66 -2.79 11.53
CA LEU B 239 23.22 -2.49 11.55
C LEU B 239 22.70 -2.20 10.14
N PHE B 240 23.55 -1.59 9.29
CA PHE B 240 23.21 -1.25 7.91
C PHE B 240 23.38 -2.46 6.97
N ASN B 241 24.06 -3.53 7.44
CA ASN B 241 24.31 -4.75 6.69
C ASN B 241 23.36 -5.91 7.04
N ASN B 242 23.14 -6.16 8.34
CA ASN B 242 22.26 -7.24 8.83
C ASN B 242 20.80 -7.05 8.45
N ASN B 243 20.28 -5.81 8.57
CA ASN B 243 18.90 -5.46 8.24
C ASN B 243 18.71 -5.39 6.72
N GLU B 250 19.62 -4.00 -4.07
CA GLU B 250 19.33 -2.57 -4.16
C GLU B 250 20.62 -1.76 -4.31
N PHE B 251 20.61 -0.76 -5.22
CA PHE B 251 21.75 0.12 -5.49
C PHE B 251 22.01 1.10 -4.34
N TYR B 252 20.95 1.78 -3.87
CA TYR B 252 21.03 2.73 -2.75
C TYR B 252 21.30 2.00 -1.43
N GLY B 253 20.78 0.78 -1.31
CA GLY B 253 20.96 -0.09 -0.15
C GLY B 253 22.39 -0.58 0.01
N ASN B 254 23.05 -0.89 -1.13
CA ASN B 254 24.45 -1.34 -1.16
C ASN B 254 25.39 -0.20 -0.78
N GLN B 255 25.01 1.05 -1.14
CA GLN B 255 25.74 2.27 -0.82
C GLN B 255 25.65 2.58 0.68
N VAL B 256 24.51 2.21 1.31
CA VAL B 256 24.25 2.39 2.73
C VAL B 256 24.95 1.30 3.56
N LEU B 257 25.05 0.07 2.99
CA LEU B 257 25.70 -1.08 3.63
C LEU B 257 27.22 -0.90 3.66
N ASN B 258 27.82 -0.42 2.56
CA ASN B 258 29.25 -0.16 2.45
C ASN B 258 29.46 1.33 2.13
N ALA B 259 29.80 2.13 3.15
CA ALA B 259 29.98 3.57 3.01
C ALA B 259 31.21 4.13 3.74
N MET B 260 31.46 3.67 4.99
CA MET B 260 32.55 4.12 5.86
C MET B 260 33.94 4.10 5.20
N LYS B 261 34.41 5.30 4.78
CA LYS B 261 35.71 5.51 4.12
C LYS B 261 36.23 6.91 4.42
N LEU B 270 32.02 12.18 22.13
CA LEU B 270 31.50 10.84 22.32
C LEU B 270 32.07 10.18 23.57
N THR B 271 31.44 10.46 24.72
CA THR B 271 31.82 9.92 26.03
C THR B 271 31.35 8.48 26.21
N ASP B 272 31.80 7.81 27.31
CA ASP B 272 31.42 6.43 27.63
C ASP B 272 29.91 6.28 27.88
N ASP B 273 29.28 7.30 28.50
CA ASP B 273 27.84 7.35 28.76
C ASP B 273 27.09 7.61 27.45
N GLY B 274 27.66 8.48 26.60
CA GLY B 274 27.11 8.84 25.29
C GLY B 274 27.17 7.73 24.27
N LEU B 275 28.26 6.94 24.29
CA LEU B 275 28.47 5.80 23.41
C LEU B 275 27.50 4.66 23.72
N ASN B 276 27.19 4.46 25.02
CA ASN B 276 26.27 3.43 25.50
C ASN B 276 24.83 3.73 25.12
N ALA B 277 24.44 5.03 25.14
CA ALA B 277 23.10 5.51 24.79
C ALA B 277 22.80 5.26 23.31
N ILE B 278 23.81 5.48 22.44
CA ILE B 278 23.72 5.27 20.99
C ILE B 278 23.66 3.76 20.70
N LEU B 279 24.52 2.98 21.40
CA LEU B 279 24.60 1.52 21.28
C LEU B 279 23.34 0.80 21.75
N GLN B 280 22.65 1.36 22.78
CA GLN B 280 21.40 0.78 23.28
C GLN B 280 20.22 1.17 22.39
N LEU B 281 20.32 2.33 21.69
CA LEU B 281 19.31 2.82 20.75
C LEU B 281 19.31 1.94 19.49
N ILE B 282 20.51 1.53 19.04
CA ILE B 282 20.73 0.65 17.88
C ILE B 282 20.21 -0.76 18.21
N ALA B 283 20.40 -1.19 19.48
CA ALA B 283 19.98 -2.49 20.00
C ALA B 283 18.45 -2.66 20.03
N ASP B 284 17.71 -1.62 20.46
CA ASP B 284 16.24 -1.65 20.53
C ASP B 284 15.56 -1.62 19.15
N VAL B 285 16.35 -1.39 18.08
CA VAL B 285 15.89 -1.38 16.69
C VAL B 285 16.06 -2.76 16.06
N ASN B 286 17.26 -3.37 16.20
CA ASN B 286 17.58 -4.69 15.66
C ASN B 286 16.80 -5.81 16.36
N GLY B 309 19.95 -23.86 23.76
CA GLY B 309 20.32 -25.25 23.98
C GLY B 309 20.17 -25.67 25.42
N SER B 310 18.98 -26.23 25.78
CA SER B 310 18.64 -26.69 27.12
C SER B 310 19.49 -27.86 27.61
N ASP B 311 19.95 -28.72 26.68
CA ASP B 311 20.78 -29.90 26.96
C ASP B 311 22.16 -29.53 27.51
N ARG B 312 22.70 -28.38 27.06
CA ARG B 312 24.00 -27.87 27.48
C ARG B 312 23.94 -27.33 28.92
N VAL B 313 22.81 -26.69 29.28
CA VAL B 313 22.54 -26.11 30.60
C VAL B 313 22.28 -27.20 31.66
N ALA B 314 21.44 -28.20 31.31
CA ALA B 314 21.02 -29.32 32.17
C ALA B 314 22.16 -30.11 32.82
N ALA B 315 23.29 -30.30 32.11
CA ALA B 315 24.45 -31.04 32.61
C ALA B 315 25.20 -30.29 33.72
N ASN B 316 25.41 -28.97 33.54
CA ASN B 316 26.13 -28.12 34.49
C ASN B 316 25.24 -27.60 35.64
N LEU B 317 23.90 -27.66 35.47
CA LEU B 317 22.90 -27.19 36.44
C LEU B 317 23.01 -27.85 37.81
N ALA B 318 23.11 -29.19 37.86
CA ALA B 318 23.17 -29.94 39.12
C ALA B 318 24.60 -30.18 39.60
N ASN B 319 25.42 -30.89 38.79
CA ASN B 319 26.81 -31.29 39.07
C ASN B 319 27.80 -30.15 39.36
N ALA B 320 27.37 -28.88 39.24
CA ALA B 320 28.23 -27.73 39.49
C ALA B 320 27.52 -26.53 40.14
N GLN B 321 26.59 -25.88 39.42
CA GLN B 321 25.87 -24.66 39.85
C GLN B 321 25.09 -24.74 41.16
N ALA B 322 24.03 -25.59 41.22
CA ALA B 322 23.17 -25.77 42.41
C ALA B 322 23.92 -26.23 43.65
N GLN B 323 25.03 -26.97 43.46
CA GLN B 323 25.88 -27.49 44.52
C GLN B 323 26.75 -26.40 45.18
N VAL B 324 27.17 -25.38 44.42
CA VAL B 324 28.02 -24.28 44.92
C VAL B 324 27.24 -23.06 45.44
N GLY B 325 27.85 -22.36 46.40
CA GLY B 325 27.28 -21.14 46.97
C GLY B 325 27.38 -20.95 48.47
N LYS B 326 28.54 -20.52 49.07
CA LYS B 326 29.90 -20.24 48.56
C LYS B 326 30.12 -18.99 47.68
N TYR B 327 31.37 -18.46 47.70
CA TYR B 327 31.80 -17.31 46.92
C TYR B 327 32.57 -17.82 45.69
N ILE B 328 32.13 -17.43 44.48
CA ILE B 328 32.74 -17.88 43.23
C ILE B 328 33.74 -16.92 42.61
N GLY B 329 33.54 -15.61 42.79
CA GLY B 329 34.41 -14.58 42.25
C GLY B 329 35.71 -14.33 43.02
N ASP B 330 36.13 -13.06 43.26
CA ASP B 330 35.53 -11.74 42.96
C ASP B 330 34.41 -11.31 43.90
N GLY B 331 33.46 -12.22 44.16
CA GLY B 331 32.30 -11.98 45.00
C GLY B 331 31.30 -11.00 44.42
N GLN B 332 31.29 -10.87 43.08
CA GLN B 332 30.42 -9.97 42.34
C GLN B 332 29.39 -10.77 41.50
N CYS B 333 28.27 -10.12 41.14
CA CYS B 333 27.19 -10.71 40.34
C CYS B 333 27.64 -11.16 38.94
N TYR B 334 28.61 -10.44 38.34
CA TYR B 334 29.20 -10.74 37.03
C TYR B 334 30.01 -12.03 37.05
N ALA B 335 30.64 -12.34 38.20
CA ALA B 335 31.47 -13.53 38.42
C ALA B 335 30.66 -14.81 38.42
N TRP B 336 29.51 -14.84 39.13
CA TRP B 336 28.61 -15.99 39.20
C TRP B 336 28.01 -16.27 37.81
N VAL B 337 27.69 -15.20 37.06
CA VAL B 337 27.17 -15.24 35.70
C VAL B 337 28.29 -15.74 34.76
N GLY B 338 29.50 -15.21 34.95
CA GLY B 338 30.69 -15.56 34.19
C GLY B 338 31.10 -17.02 34.35
N TRP B 339 31.07 -17.51 35.61
CA TRP B 339 31.39 -18.89 35.96
C TRP B 339 30.39 -19.87 35.35
N TRP B 340 29.09 -19.52 35.40
CA TRP B 340 28.00 -20.33 34.84
C TRP B 340 28.07 -20.39 33.32
N SER B 341 28.34 -19.24 32.65
CA SER B 341 28.46 -19.16 31.20
C SER B 341 29.67 -19.97 30.70
N ALA B 342 30.83 -19.83 31.38
CA ALA B 342 32.06 -20.56 31.04
C ALA B 342 31.91 -22.08 31.16
N ARG B 343 31.05 -22.54 32.08
CA ARG B 343 30.76 -23.96 32.31
C ARG B 343 29.89 -24.53 31.18
N VAL B 344 29.02 -23.69 30.59
CA VAL B 344 28.10 -24.08 29.52
C VAL B 344 28.69 -23.77 28.13
N CYS B 345 28.86 -22.46 27.81
CA CYS B 345 29.37 -21.98 26.52
C CYS B 345 30.88 -22.08 26.33
N GLY B 346 31.63 -21.76 27.37
CA GLY B 346 33.09 -21.80 27.34
C GLY B 346 33.76 -20.51 27.80
N SER B 348 33.52 -16.43 29.75
CA SER B 348 33.16 -15.74 30.99
C SER B 348 33.05 -14.22 30.83
N ILE B 349 32.48 -13.55 31.84
CA ILE B 349 32.30 -12.10 31.87
C ILE B 349 33.37 -11.44 32.76
N SER B 350 33.45 -11.86 34.04
CA SER B 350 34.42 -11.34 35.00
C SER B 350 35.78 -12.00 34.82
N TYR B 351 36.86 -11.19 34.81
CA TYR B 351 38.25 -11.63 34.64
C TYR B 351 38.74 -12.53 35.79
N SER B 352 38.16 -12.35 37.01
CA SER B 352 38.49 -13.12 38.21
C SER B 352 38.07 -14.59 38.15
N THR B 353 37.10 -14.93 37.26
CA THR B 353 36.64 -16.29 37.04
C THR B 353 37.73 -17.18 36.40
N GLY B 354 38.78 -16.58 35.84
CA GLY B 354 39.93 -17.29 35.27
C GLY B 354 39.57 -18.28 34.19
N ASP B 355 38.80 -17.79 33.22
CA ASP B 355 38.23 -18.48 32.06
C ASP B 355 38.40 -17.52 30.87
N PRO B 356 38.36 -17.97 29.57
CA PRO B 356 38.53 -17.03 28.45
C PRO B 356 37.39 -16.01 28.34
N MET B 357 37.73 -14.76 27.97
CA MET B 357 36.78 -13.66 27.87
C MET B 357 36.00 -13.63 26.55
N LEU B 358 34.77 -13.11 26.60
CA LEU B 358 33.90 -12.94 25.44
C LEU B 358 34.29 -11.63 24.72
N PRO B 359 34.13 -11.52 23.38
CA PRO B 359 34.51 -10.26 22.71
C PRO B 359 33.64 -9.05 23.07
N LEU B 360 34.18 -8.16 23.94
CA LEU B 360 33.51 -6.96 24.41
C LEU B 360 33.19 -5.99 23.26
N ILE B 361 31.90 -5.91 22.90
CA ILE B 361 31.42 -5.07 21.79
C ILE B 361 30.69 -3.77 22.21
N GLY B 362 30.60 -3.56 23.53
CA GLY B 362 29.94 -2.38 24.10
C GLY B 362 30.16 -2.25 25.60
N ASP B 363 29.07 -2.18 26.36
CA ASP B 363 29.08 -2.07 27.82
C ASP B 363 28.72 -3.44 28.44
N GLY B 364 29.59 -4.02 29.27
CA GLY B 364 30.87 -3.47 29.69
C GLY B 364 31.01 -3.42 31.19
N MET B 365 30.78 -2.24 31.78
CA MET B 365 30.87 -2.04 33.23
C MET B 365 29.55 -2.38 33.94
N ASN B 366 28.43 -1.80 33.46
CA ASN B 366 27.11 -2.01 34.05
C ASN B 366 26.51 -3.38 33.74
N ALA B 367 25.65 -3.89 34.65
CA ALA B 367 24.94 -5.16 34.50
C ALA B 367 23.69 -4.99 33.64
N HIS B 368 23.36 -3.74 33.25
CA HIS B 368 22.25 -3.37 32.39
C HIS B 368 22.79 -2.78 31.04
N SER B 369 23.14 -3.64 30.08
CA SER B 369 22.99 -5.09 30.15
C SER B 369 24.22 -5.83 29.62
N ILE B 370 24.17 -7.18 29.66
CA ILE B 370 25.23 -8.05 29.18
C ILE B 370 24.82 -8.71 27.85
N HIS B 371 24.18 -7.92 26.97
CA HIS B 371 23.74 -8.38 25.65
C HIS B 371 23.91 -7.30 24.58
N TRP B 374 29.49 -7.82 24.84
CA TRP B 374 29.84 -9.20 25.20
C TRP B 374 29.81 -10.14 23.99
N ASP B 375 28.74 -10.05 23.16
CA ASP B 375 28.50 -10.84 21.94
C ASP B 375 28.45 -12.38 22.15
N TRP B 376 27.22 -12.94 22.22
CA TRP B 376 26.94 -14.37 22.34
C TRP B 376 26.15 -14.73 21.02
N SER B 377 26.67 -15.44 19.98
CA SER B 377 27.96 -16.07 19.64
C SER B 377 28.31 -17.48 20.16
N ILE B 378 27.44 -18.06 21.02
CA ILE B 378 27.64 -19.41 21.56
C ILE B 378 26.32 -20.12 21.94
N ALA B 379 25.85 -21.02 21.05
CA ALA B 379 24.63 -21.83 21.15
C ALA B 379 23.32 -21.05 21.42
N ASN B 380 22.98 -20.79 22.71
CA ASN B 380 21.80 -20.06 23.14
C ASN B 380 22.21 -18.96 24.13
N THR B 381 22.13 -17.64 23.82
CA THR B 381 21.60 -16.91 22.64
C THR B 381 20.06 -16.89 22.58
N GLY B 382 19.47 -15.85 23.19
CA GLY B 382 18.02 -15.65 23.27
C GLY B 382 17.57 -14.22 23.05
N ILE B 383 18.49 -13.23 23.26
CA ILE B 383 18.29 -11.80 23.05
C ILE B 383 17.33 -11.09 24.02
N VAL B 384 16.00 -11.18 23.77
CA VAL B 384 14.90 -10.59 24.56
C VAL B 384 15.24 -9.26 25.25
N ASN B 385 15.58 -8.23 24.46
CA ASN B 385 15.95 -6.90 24.95
C ASN B 385 14.71 -6.08 25.30
N TYR B 386 14.58 -5.71 26.59
CA TYR B 386 13.45 -4.92 27.09
C TYR B 386 13.86 -3.43 27.25
N PRO B 387 13.46 -2.53 26.33
CA PRO B 387 13.86 -1.11 26.48
C PRO B 387 12.94 -0.31 27.40
N VAL B 388 13.53 0.67 28.14
CA VAL B 388 12.92 1.60 29.10
C VAL B 388 11.64 1.12 29.82
N GLY B 389 10.53 1.03 29.10
CA GLY B 389 9.25 0.58 29.60
C GLY B 389 8.43 -0.15 28.55
N THR B 390 8.15 -1.44 28.75
CA THR B 390 8.57 -2.22 29.92
C THR B 390 9.56 -3.32 29.51
N VAL B 391 9.14 -4.60 29.51
CA VAL B 391 7.80 -5.05 29.89
C VAL B 391 7.86 -6.14 30.97
N GLY B 392 8.66 -7.18 30.69
CA GLY B 392 8.83 -8.32 31.59
C GLY B 392 8.91 -9.64 30.83
N ARG B 393 7.79 -10.02 30.18
CA ARG B 393 7.61 -11.24 29.39
C ARG B 393 7.92 -12.53 30.15
N LYS B 394 6.89 -13.12 30.79
CA LYS B 394 6.99 -14.36 31.58
C LYS B 394 7.31 -15.57 30.71
N GLU B 395 6.83 -15.58 29.44
CA GLU B 395 7.03 -16.66 28.47
C GLU B 395 8.50 -16.79 28.03
N ASP B 396 9.25 -15.68 28.02
CA ASP B 396 10.66 -15.63 27.63
C ASP B 396 11.65 -16.00 28.77
N LEU B 397 11.23 -16.88 29.70
CA LEU B 397 12.05 -17.31 30.83
C LEU B 397 13.17 -18.29 30.39
N ARG B 398 12.84 -19.59 30.25
CA ARG B 398 13.75 -20.69 29.84
C ARG B 398 14.95 -20.93 30.78
N VAL B 399 14.84 -21.95 31.64
CA VAL B 399 15.87 -22.37 32.61
C VAL B 399 17.11 -22.96 31.88
N GLY B 400 18.31 -22.44 32.14
CA GLY B 400 18.59 -21.35 33.08
C GLY B 400 19.29 -20.20 32.40
N ALA B 401 18.51 -19.19 31.99
CA ALA B 401 18.98 -17.99 31.30
C ALA B 401 19.57 -16.96 32.25
N ILE B 402 20.52 -16.14 31.73
CA ILE B 402 21.16 -15.07 32.50
C ILE B 402 20.25 -13.84 32.44
N TRP B 403 19.71 -13.40 33.60
CA TRP B 403 18.82 -12.25 33.66
C TRP B 403 19.52 -10.97 34.07
N CYS B 404 19.14 -9.84 33.44
CA CYS B 404 19.73 -8.53 33.70
C CYS B 404 18.67 -7.55 34.19
N ALA B 405 18.93 -6.89 35.34
CA ALA B 405 18.02 -5.93 35.97
C ALA B 405 18.38 -4.48 35.65
N THR B 406 17.36 -3.59 35.63
CA THR B 406 17.52 -2.15 35.33
C THR B 406 18.39 -1.38 36.34
N ALA B 407 18.98 -0.25 35.87
CA ALA B 407 19.88 0.64 36.62
C ALA B 407 19.42 0.96 38.04
N PHE B 408 18.13 1.30 38.22
CA PHE B 408 17.53 1.62 39.52
C PHE B 408 16.23 0.81 39.66
N SER B 409 16.38 -0.53 39.80
CA SER B 409 15.31 -1.53 39.91
C SER B 409 14.21 -1.22 40.92
N GLY B 410 14.59 -0.76 42.10
CA GLY B 410 13.65 -0.45 43.17
C GLY B 410 13.05 -1.71 43.76
N ALA B 411 11.72 -1.85 43.65
CA ALA B 411 10.87 -2.93 44.19
C ALA B 411 11.54 -4.19 44.78
N PRO B 412 12.21 -5.10 44.03
CA PRO B 412 12.78 -6.30 44.69
C PRO B 412 14.24 -6.20 45.15
N PHE B 413 15.15 -5.75 44.27
CA PHE B 413 16.60 -5.67 44.51
C PHE B 413 17.12 -4.31 44.97
N TYR B 414 16.45 -3.20 44.58
CA TYR B 414 16.82 -1.81 44.89
C TYR B 414 18.23 -1.44 44.36
N THR B 415 18.47 -1.70 43.06
CA THR B 415 19.75 -1.47 42.39
C THR B 415 20.08 0.02 42.22
N GLY B 416 21.35 0.33 41.91
CA GLY B 416 21.84 1.68 41.71
C GLY B 416 22.95 1.79 40.68
N GLN B 417 22.83 2.76 39.75
CA GLN B 417 23.77 3.06 38.64
C GLN B 417 23.95 1.83 37.71
N TYR B 418 24.74 0.84 38.16
CA TYR B 418 24.96 -0.43 37.47
C TYR B 418 23.98 -1.42 38.10
N GLY B 419 23.17 -2.07 37.27
CA GLY B 419 22.14 -3.00 37.70
C GLY B 419 22.60 -4.28 38.36
N HIS B 420 21.72 -5.30 38.37
CA HIS B 420 22.01 -6.61 38.95
C HIS B 420 21.86 -7.71 37.91
N THR B 421 22.63 -8.80 38.09
CA THR B 421 22.61 -9.96 37.18
C THR B 421 22.62 -11.30 37.94
N GLY B 422 21.84 -12.25 37.43
CA GLY B 422 21.73 -13.59 38.01
C GLY B 422 21.21 -14.63 37.03
N ILE B 423 20.94 -15.85 37.55
CA ILE B 423 20.46 -17.00 36.78
C ILE B 423 19.12 -17.48 37.35
N ILE B 424 18.17 -17.87 36.48
CA ILE B 424 16.86 -18.41 36.89
C ILE B 424 16.94 -19.93 37.09
N GLU B 425 16.56 -20.41 38.30
CA GLU B 425 16.60 -21.83 38.64
C GLU B 425 15.27 -22.53 38.32
N SER B 426 14.16 -21.96 38.81
CA SER B 426 12.80 -22.47 38.61
C SER B 426 11.76 -21.36 38.79
N TRP B 427 10.56 -21.54 38.22
CA TRP B 427 9.48 -20.56 38.33
C TRP B 427 8.08 -21.17 38.32
N SER B 428 7.12 -20.42 38.86
CA SER B 428 5.69 -20.74 38.91
C SER B 428 4.94 -19.48 38.48
N ASP B 429 3.66 -19.60 38.07
CA ASP B 429 2.86 -18.46 37.64
C ASP B 429 2.49 -17.53 38.81
N THR B 431 5.55 -17.20 41.76
CA THR B 431 6.89 -16.86 42.25
C THR B 431 8.02 -17.43 41.38
N VAL B 432 9.22 -16.79 41.44
CA VAL B 432 10.41 -17.18 40.68
C VAL B 432 11.66 -17.37 41.57
N THR B 433 12.33 -18.53 41.42
CA THR B 433 13.55 -18.89 42.15
C THR B 433 14.76 -18.54 41.29
N VAL B 434 15.68 -17.71 41.83
CA VAL B 434 16.90 -17.29 41.14
C VAL B 434 18.16 -17.52 41.96
N LEU B 435 19.28 -17.77 41.28
CA LEU B 435 20.60 -17.97 41.88
C LEU B 435 21.47 -16.78 41.49
N GLU B 436 21.89 -15.97 42.49
CA GLU B 436 22.70 -14.77 42.29
C GLU B 436 23.77 -14.62 43.37
N GLN B 437 24.76 -13.72 43.14
CA GLN B 437 25.84 -13.50 44.10
C GLN B 437 25.72 -12.20 44.94
N ASN B 438 26.27 -11.06 44.46
CA ASN B 438 26.32 -9.80 45.20
C ASN B 438 25.00 -9.09 45.58
N ILE B 439 24.26 -9.68 46.53
CA ILE B 439 23.04 -9.09 47.09
C ILE B 439 23.41 -8.61 48.49
N LEU B 440 23.71 -7.30 48.60
CA LEU B 440 24.14 -6.60 49.81
C LEU B 440 25.43 -7.17 50.48
N GLY B 441 26.27 -7.81 49.68
CA GLY B 441 27.54 -8.37 50.14
C GLY B 441 27.73 -9.86 49.87
N SER B 442 27.05 -10.39 48.83
CA SER B 442 27.12 -11.80 48.38
C SER B 442 26.66 -12.82 49.48
N PRO B 443 26.89 -14.18 49.41
CA PRO B 443 27.56 -15.00 48.40
C PRO B 443 26.56 -15.54 47.37
N VAL B 444 26.87 -16.69 46.75
CA VAL B 444 25.96 -17.32 45.79
C VAL B 444 24.78 -17.89 46.60
N ILE B 445 23.68 -17.14 46.66
CA ILE B 445 22.49 -17.49 47.42
C ILE B 445 21.30 -17.81 46.51
N ARG B 446 20.30 -18.52 47.06
CA ARG B 446 19.06 -18.89 46.38
C ARG B 446 17.96 -17.98 46.93
N SER B 447 17.39 -17.11 46.07
CA SER B 447 16.35 -16.16 46.48
C SER B 447 15.11 -16.22 45.61
N THR B 448 13.93 -16.25 46.26
CA THR B 448 12.62 -16.30 45.59
C THR B 448 11.94 -14.93 45.67
N TYR B 449 11.47 -14.43 44.52
CA TYR B 449 10.81 -13.13 44.39
C TYR B 449 9.45 -13.26 43.70
N ASP B 450 8.59 -12.23 43.83
CA ASP B 450 7.28 -12.19 43.18
C ASP B 450 7.50 -12.12 41.66
N LEU B 451 6.83 -13.03 40.91
CA LEU B 451 6.93 -13.12 39.44
C LEU B 451 6.67 -11.80 38.73
N ASN B 452 5.60 -11.09 39.13
CA ASN B 452 5.23 -9.78 38.57
C ASN B 452 6.24 -8.69 38.95
N THR B 453 6.68 -8.67 40.23
CA THR B 453 7.65 -7.71 40.76
C THR B 453 9.06 -7.90 40.17
N PHE B 454 9.49 -9.16 39.97
CA PHE B 454 10.80 -9.51 39.41
C PHE B 454 10.88 -9.18 37.92
N LEU B 455 9.82 -9.50 37.14
CA LEU B 455 9.74 -9.23 35.71
C LEU B 455 9.84 -7.74 35.40
N SER B 456 9.28 -6.90 36.30
CA SER B 456 9.27 -5.44 36.22
C SER B 456 10.70 -4.87 36.26
N THR B 457 11.61 -5.55 36.99
CA THR B 457 13.01 -5.17 37.13
C THR B 457 13.86 -5.55 35.93
N LEU B 458 13.53 -6.68 35.26
CA LEU B 458 14.26 -7.23 34.11
C LEU B 458 14.33 -6.30 32.90
N THR B 459 15.56 -6.11 32.38
CA THR B 459 15.88 -5.28 31.22
C THR B 459 16.32 -6.12 30.01
N GLY B 460 16.69 -7.38 30.25
CA GLY B 460 17.11 -8.32 29.22
C GLY B 460 17.52 -9.68 29.74
N LEU B 461 17.37 -10.73 28.89
CA LEU B 461 17.71 -12.11 29.21
C LEU B 461 18.49 -12.80 28.09
N ILE B 462 19.50 -13.63 28.45
CA ILE B 462 20.35 -14.35 27.49
C ILE B 462 20.11 -15.85 27.61
N ILE C 4 -11.62 -9.82 -15.61
CA ILE C 4 -10.35 -10.03 -14.92
C ILE C 4 -10.50 -10.46 -13.46
N ASN C 5 -11.34 -9.73 -12.67
CA ASN C 5 -11.55 -10.00 -11.24
C ASN C 5 -12.54 -11.11 -10.86
N VAL C 6 -12.21 -11.84 -9.77
CA VAL C 6 -12.99 -12.96 -9.21
C VAL C 6 -13.60 -12.53 -7.87
N ASN C 7 -14.87 -12.90 -7.62
CA ASN C 7 -15.58 -12.59 -6.37
C ASN C 7 -15.88 -13.86 -5.57
N VAL C 8 -15.45 -13.89 -4.30
CA VAL C 8 -15.65 -15.03 -3.38
C VAL C 8 -16.45 -14.65 -2.12
N GLU C 9 -16.98 -15.65 -1.41
CA GLU C 9 -17.79 -15.49 -0.19
C GLU C 9 -16.96 -15.37 1.09
N ASN C 10 -17.55 -14.76 2.13
CA ASN C 10 -16.94 -14.61 3.45
C ASN C 10 -17.21 -15.88 4.28
N VAL C 11 -16.33 -16.88 4.12
CA VAL C 11 -16.40 -18.21 4.76
C VAL C 11 -15.83 -18.16 6.21
N SER C 12 -15.49 -16.95 6.69
CA SER C 12 -14.89 -16.69 8.00
C SER C 12 -15.86 -16.40 9.15
N GLY C 13 -17.09 -15.99 8.82
CA GLY C 13 -18.11 -15.63 9.80
C GLY C 13 -17.77 -14.39 10.61
N VAL C 14 -16.87 -13.55 10.05
CA VAL C 14 -16.38 -12.31 10.68
C VAL C 14 -16.66 -11.14 9.73
N GLN C 15 -17.35 -10.12 10.25
CA GLN C 15 -17.67 -8.91 9.49
C GLN C 15 -17.09 -7.71 10.23
N GLY C 16 -16.14 -7.04 9.60
CA GLY C 16 -15.48 -5.87 10.16
C GLY C 16 -14.19 -5.48 9.47
N PHE C 17 -13.38 -4.65 10.16
CA PHE C 17 -12.11 -4.13 9.67
C PHE C 17 -11.13 -3.77 10.79
N LEU C 18 -9.83 -3.68 10.45
CA LEU C 18 -8.75 -3.29 11.35
C LEU C 18 -8.43 -1.81 11.10
N PHE C 19 -8.16 -1.02 12.16
CA PHE C 19 -7.84 0.39 12.02
C PHE C 19 -6.66 0.89 12.84
N HIS C 20 -5.75 1.63 12.17
CA HIS C 20 -4.54 2.21 12.77
C HIS C 20 -4.21 3.62 12.25
N THR C 21 -3.37 4.35 13.01
CA THR C 21 -2.90 5.69 12.71
C THR C 21 -1.42 5.67 12.33
N ASP C 22 -1.04 6.49 11.34
CA ASP C 22 0.35 6.67 10.92
C ASP C 22 0.88 8.03 11.36
N GLY C 23 0.01 8.84 11.98
CA GLY C 23 0.35 10.18 12.48
C GLY C 23 1.14 10.19 13.77
N LYS C 24 1.36 11.40 14.33
CA LYS C 24 2.09 11.64 15.59
C LYS C 24 1.50 10.89 16.80
N GLU C 25 0.23 11.17 17.16
CA GLU C 25 -0.44 10.50 18.28
C GLU C 25 -1.08 9.20 17.76
N SER C 26 -0.71 8.05 18.35
CA SER C 26 -1.21 6.75 17.92
C SER C 26 -1.91 5.97 19.03
N TYR C 27 -3.00 5.29 18.67
CA TYR C 27 -3.80 4.45 19.57
C TYR C 27 -3.50 2.97 19.31
N GLY C 28 -2.49 2.71 18.48
CA GLY C 28 -2.08 1.35 18.10
C GLY C 28 -3.06 0.72 17.14
N TYR C 29 -3.20 -0.62 17.22
CA TYR C 29 -4.11 -1.38 16.36
C TYR C 29 -5.38 -1.78 17.10
N ARG C 30 -6.54 -1.46 16.49
CA ARG C 30 -7.87 -1.77 17.02
C ARG C 30 -8.76 -2.26 15.87
N ALA C 31 -9.78 -3.09 16.18
CA ALA C 31 -10.66 -3.64 15.15
C ALA C 31 -12.11 -3.82 15.58
N PHE C 32 -13.03 -3.80 14.60
CA PHE C 32 -14.45 -4.04 14.79
C PHE C 32 -14.74 -5.47 14.31
N ILE C 33 -15.15 -6.36 15.23
CA ILE C 33 -15.49 -7.74 14.88
C ILE C 33 -16.97 -7.97 15.22
N ASN C 34 -17.80 -8.10 14.16
CA ASN C 34 -19.26 -8.31 14.22
C ASN C 34 -19.98 -7.24 15.07
N GLY C 35 -19.65 -5.97 14.79
CA GLY C 35 -20.22 -4.81 15.47
C GLY C 35 -19.68 -4.56 16.87
N VAL C 36 -18.65 -5.31 17.28
CA VAL C 36 -18.02 -5.20 18.60
C VAL C 36 -16.58 -4.65 18.46
N GLU C 37 -16.29 -3.52 19.13
CA GLU C 37 -14.98 -2.88 19.10
C GLU C 37 -14.03 -3.58 20.09
N ILE C 38 -12.87 -4.03 19.60
CA ILE C 38 -11.85 -4.72 20.40
C ILE C 38 -10.45 -4.15 20.11
N GLY C 39 -9.61 -4.15 21.14
CA GLY C 39 -8.25 -3.64 21.06
C GLY C 39 -7.21 -4.74 20.92
N ILE C 40 -6.38 -4.64 19.87
CA ILE C 40 -5.32 -5.62 19.59
C ILE C 40 -4.05 -5.24 20.36
N LYS C 41 -3.47 -6.21 21.09
CA LYS C 41 -2.26 -6.01 21.88
C LYS C 41 -0.99 -6.45 21.16
N ASP C 42 -1.03 -7.60 20.44
CA ASP C 42 0.12 -8.15 19.73
C ASP C 42 0.03 -8.05 18.21
N ILE C 43 1.20 -7.99 17.54
CA ILE C 43 1.33 -7.90 16.09
C ILE C 43 0.91 -9.19 15.36
N GLU C 44 0.99 -10.34 16.07
CA GLU C 44 0.61 -11.67 15.56
C GLU C 44 -0.88 -11.73 15.23
N THR C 45 -1.72 -11.14 16.11
CA THR C 45 -3.17 -11.08 15.95
C THR C 45 -3.54 -10.16 14.78
N VAL C 46 -2.77 -9.06 14.60
CA VAL C 46 -2.95 -8.08 13.51
C VAL C 46 -2.73 -8.77 12.16
N GLN C 47 -1.56 -9.44 12.00
CA GLN C 47 -1.16 -10.17 10.80
C GLN C 47 -2.11 -11.31 10.47
N GLY C 48 -2.65 -11.96 11.51
CA GLY C 48 -3.60 -13.05 11.40
C GLY C 48 -4.95 -12.58 10.89
N PHE C 49 -5.51 -11.52 11.51
CA PHE C 49 -6.79 -10.94 11.14
C PHE C 49 -6.78 -10.23 9.78
N GLN C 50 -5.60 -9.71 9.34
CA GLN C 50 -5.41 -9.04 8.05
C GLN C 50 -5.70 -9.97 6.87
N GLN C 51 -5.59 -11.29 7.11
CA GLN C 51 -5.84 -12.35 6.11
C GLN C 51 -7.34 -12.57 5.86
N ILE C 52 -8.20 -12.22 6.86
CA ILE C 52 -9.66 -12.39 6.77
C ILE C 52 -10.45 -11.08 6.64
N ILE C 53 -10.02 -10.02 7.37
CA ILE C 53 -10.67 -8.71 7.36
C ILE C 53 -9.73 -7.59 6.86
N PRO C 54 -10.21 -6.52 6.19
CA PRO C 54 -9.29 -5.49 5.68
C PRO C 54 -8.73 -4.57 6.76
N SER C 55 -7.50 -4.06 6.54
CA SER C 55 -6.82 -3.13 7.44
C SER C 55 -6.82 -1.75 6.79
N ILE C 56 -7.57 -0.80 7.36
CA ILE C 56 -7.71 0.57 6.87
C ILE C 56 -7.12 1.61 7.84
N ASN C 57 -6.89 2.84 7.35
CA ASN C 57 -6.33 3.93 8.14
C ASN C 57 -7.39 4.94 8.59
N ILE C 58 -7.51 5.13 9.91
CA ILE C 58 -8.45 6.08 10.53
C ILE C 58 -7.66 6.93 11.53
N SER C 59 -7.74 8.27 11.38
CA SER C 59 -7.09 9.23 12.27
C SER C 59 -7.76 9.22 13.65
N LYS C 60 -6.99 9.45 14.72
CA LYS C 60 -7.44 9.49 16.11
C LYS C 60 -8.65 10.41 16.33
N SER C 61 -8.67 11.56 15.63
CA SER C 61 -9.73 12.57 15.69
C SER C 61 -11.07 12.06 15.15
N ASP C 62 -11.03 11.19 14.12
CA ASP C 62 -12.21 10.63 13.46
C ASP C 62 -12.78 9.35 14.09
N VAL C 63 -12.01 8.67 14.96
CA VAL C 63 -12.39 7.41 15.66
C VAL C 63 -13.75 7.52 16.38
N GLU C 64 -13.99 8.63 17.09
CA GLU C 64 -15.23 8.90 17.83
C GLU C 64 -16.48 8.86 16.93
N ALA C 65 -16.39 9.41 15.70
CA ALA C 65 -17.48 9.44 14.73
C ALA C 65 -17.80 8.05 14.17
N ILE C 66 -16.77 7.21 13.94
CA ILE C 66 -16.90 5.84 13.41
C ILE C 66 -17.63 4.93 14.41
N ARG C 67 -17.38 5.14 15.72
CA ARG C 67 -17.99 4.38 16.82
C ARG C 67 -19.52 4.47 16.79
N LYS C 68 -20.05 5.70 16.57
CA LYS C 68 -21.49 5.99 16.50
C LYS C 68 -22.16 5.30 15.31
N ALA C 69 -21.45 5.26 14.16
CA ALA C 69 -21.94 4.64 12.92
C ALA C 69 -21.90 3.11 12.96
N MET C 70 -20.87 2.54 13.60
CA MET C 70 -20.67 1.09 13.71
C MET C 70 -21.53 0.43 14.81
N LYS C 71 -22.10 1.24 15.73
CA LYS C 71 -22.95 0.76 16.82
C LYS C 71 -24.35 0.39 16.32
N SER D 2 -15.44 -6.49 -21.88
CA SER D 2 -14.57 -5.43 -21.38
C SER D 2 -13.77 -5.91 -20.15
N LYS D 3 -14.47 -6.13 -19.02
CA LYS D 3 -13.89 -6.60 -17.76
C LYS D 3 -14.84 -7.66 -17.18
N ILE D 4 -14.47 -8.94 -17.35
CA ILE D 4 -15.28 -10.09 -16.90
C ILE D 4 -15.20 -10.35 -15.39
N ASN D 5 -16.37 -10.56 -14.75
CA ASN D 5 -16.47 -10.83 -13.31
C ASN D 5 -16.87 -12.28 -13.06
N VAL D 6 -16.16 -12.96 -12.14
CA VAL D 6 -16.45 -14.36 -11.79
C VAL D 6 -16.98 -14.42 -10.37
N ASN D 7 -18.30 -14.62 -10.22
CA ASN D 7 -18.97 -14.72 -8.92
C ASN D 7 -19.02 -16.17 -8.45
N VAL D 8 -18.34 -16.47 -7.32
CA VAL D 8 -18.25 -17.82 -6.75
C VAL D 8 -19.11 -17.96 -5.48
N GLU D 9 -19.90 -19.06 -5.41
CA GLU D 9 -20.78 -19.39 -4.28
C GLU D 9 -20.18 -20.52 -3.44
N ASN D 10 -20.25 -20.40 -2.10
CA ASN D 10 -19.75 -21.39 -1.16
C ASN D 10 -20.69 -22.60 -1.08
N VAL D 11 -20.14 -23.78 -0.70
CA VAL D 11 -20.89 -25.04 -0.63
C VAL D 11 -20.71 -25.82 0.71
N SER D 12 -19.69 -25.46 1.49
CA SER D 12 -19.32 -26.15 2.73
C SER D 12 -20.30 -26.05 3.90
N GLY D 13 -21.08 -24.98 3.96
CA GLY D 13 -22.03 -24.72 5.05
C GLY D 13 -21.35 -24.48 6.39
N VAL D 14 -20.07 -24.05 6.34
CA VAL D 14 -19.24 -23.78 7.52
C VAL D 14 -18.74 -22.34 7.44
N GLN D 15 -18.99 -21.55 8.50
CA GLN D 15 -18.56 -20.17 8.61
C GLN D 15 -17.70 -20.02 9.85
N GLY D 16 -16.43 -19.71 9.66
CA GLY D 16 -15.50 -19.55 10.77
C GLY D 16 -14.03 -19.60 10.38
N PHE D 17 -13.15 -19.81 11.37
CA PHE D 17 -11.70 -19.83 11.18
C PHE D 17 -10.97 -20.68 12.22
N LEU D 18 -9.73 -21.08 11.89
CA LEU D 18 -8.83 -21.83 12.76
C LEU D 18 -7.84 -20.84 13.39
N PHE D 19 -7.57 -20.96 14.70
CA PHE D 19 -6.66 -20.05 15.40
C PHE D 19 -5.65 -20.74 16.29
N HIS D 20 -4.38 -20.27 16.22
CA HIS D 20 -3.23 -20.78 16.96
C HIS D 20 -2.17 -19.69 17.22
N THR D 21 -1.08 -20.05 17.93
CA THR D 21 0.05 -19.17 18.24
C THR D 21 1.37 -19.86 17.89
N ASP D 22 2.38 -19.06 17.52
CA ASP D 22 3.71 -19.55 17.18
C ASP D 22 4.74 -19.26 18.28
N GLY D 23 4.32 -18.50 19.30
CA GLY D 23 5.15 -18.13 20.44
C GLY D 23 5.17 -19.16 21.55
N LYS D 24 5.24 -18.70 22.81
CA LYS D 24 5.25 -19.56 24.00
C LYS D 24 4.34 -19.01 25.09
N SER D 26 1.52 -21.58 24.46
CA SER D 26 0.60 -22.00 23.40
C SER D 26 -0.60 -22.79 23.92
N TYR D 27 -1.77 -22.57 23.31
CA TYR D 27 -3.04 -23.23 23.61
C TYR D 27 -3.36 -24.27 22.51
N GLY D 28 -2.41 -24.46 21.60
CA GLY D 28 -2.54 -25.36 20.46
C GLY D 28 -3.48 -24.83 19.40
N TYR D 29 -4.12 -25.75 18.66
CA TYR D 29 -5.06 -25.40 17.60
C TYR D 29 -6.49 -25.43 18.08
N ARG D 30 -7.19 -24.29 17.90
CA ARG D 30 -8.60 -24.10 18.26
C ARG D 30 -9.33 -23.49 17.08
N ALA D 31 -10.66 -23.67 17.00
CA ALA D 31 -11.46 -23.14 15.89
C ALA D 31 -12.88 -22.71 16.24
N PHE D 32 -13.38 -21.69 15.53
CA PHE D 32 -14.73 -21.18 15.67
C PHE D 32 -15.52 -21.68 14.44
N ILE D 33 -16.48 -22.60 14.65
CA ILE D 33 -17.29 -23.18 13.57
C ILE D 33 -18.76 -22.85 13.81
N ASN D 34 -19.32 -22.00 12.94
CA ASN D 34 -20.71 -21.50 12.97
C ASN D 34 -21.08 -20.86 14.32
N GLY D 35 -20.20 -19.97 14.80
CA GLY D 35 -20.36 -19.24 16.06
C GLY D 35 -20.10 -20.06 17.31
N VAL D 36 -19.59 -21.31 17.14
CA VAL D 36 -19.29 -22.24 18.25
C VAL D 36 -17.77 -22.46 18.34
N GLU D 37 -17.19 -22.20 19.53
CA GLU D 37 -15.75 -22.39 19.77
C GLU D 37 -15.46 -23.85 20.10
N ILE D 38 -14.51 -24.47 19.36
CA ILE D 38 -14.13 -25.87 19.53
C ILE D 38 -12.60 -26.04 19.54
N GLY D 39 -12.14 -27.03 20.31
CA GLY D 39 -10.72 -27.33 20.42
C GLY D 39 -10.30 -28.53 19.59
N ILE D 40 -9.30 -28.34 18.71
CA ILE D 40 -8.78 -29.40 17.84
C ILE D 40 -7.70 -30.19 18.58
N LYS D 41 -7.81 -31.53 18.55
CA LYS D 41 -6.88 -32.43 19.22
C LYS D 41 -5.79 -32.97 18.30
N ASP D 42 -6.14 -33.33 17.04
CA ASP D 42 -5.19 -33.88 16.07
C ASP D 42 -4.88 -32.95 14.90
N ILE D 43 -3.68 -33.11 14.31
CA ILE D 43 -3.19 -32.33 13.16
C ILE D 43 -3.94 -32.65 11.86
N GLU D 44 -4.54 -33.86 11.77
CA GLU D 44 -5.33 -34.33 10.61
C GLU D 44 -6.58 -33.47 10.41
N THR D 45 -7.27 -33.12 11.52
CA THR D 45 -8.47 -32.29 11.53
C THR D 45 -8.12 -30.84 11.14
N VAL D 46 -6.93 -30.36 11.56
CA VAL D 46 -6.41 -29.03 11.26
C VAL D 46 -6.20 -28.91 9.74
N GLN D 47 -5.45 -29.84 9.15
CA GLN D 47 -5.14 -29.90 7.71
C GLN D 47 -6.40 -30.05 6.85
N GLY D 48 -7.38 -30.79 7.37
CA GLY D 48 -8.66 -31.02 6.71
C GLY D 48 -9.51 -29.76 6.67
N PHE D 49 -9.67 -29.10 7.83
CA PHE D 49 -10.44 -27.87 7.95
C PHE D 49 -9.82 -26.66 7.26
N GLN D 50 -8.47 -26.66 7.11
CA GLN D 50 -7.72 -25.59 6.43
C GLN D 50 -8.11 -25.46 4.96
N GLN D 51 -8.66 -26.54 4.38
CA GLN D 51 -9.12 -26.61 2.99
C GLN D 51 -10.46 -25.90 2.78
N ILE D 52 -11.27 -25.76 3.85
CA ILE D 52 -12.59 -25.10 3.80
C ILE D 52 -12.67 -23.75 4.53
N ILE D 53 -11.99 -23.62 5.69
CA ILE D 53 -11.97 -22.40 6.51
C ILE D 53 -10.53 -21.86 6.67
N PRO D 54 -10.33 -20.51 6.81
CA PRO D 54 -8.94 -20.00 6.93
C PRO D 54 -8.30 -20.25 8.29
N SER D 55 -6.96 -20.38 8.31
CA SER D 55 -6.19 -20.57 9.52
C SER D 55 -5.40 -19.28 9.79
N ILE D 56 -5.77 -18.58 10.87
CA ILE D 56 -5.16 -17.31 11.27
C ILE D 56 -4.40 -17.41 12.60
N ASN D 57 -3.53 -16.44 12.89
CA ASN D 57 -2.73 -16.40 14.11
C ASN D 57 -3.30 -15.41 15.12
N ILE D 58 -3.62 -15.91 16.34
CA ILE D 58 -4.14 -15.11 17.45
C ILE D 58 -3.30 -15.43 18.70
N SER D 59 -2.73 -14.40 19.32
CA SER D 59 -1.93 -14.52 20.54
C SER D 59 -2.85 -14.87 21.72
N LYS D 60 -2.32 -15.65 22.69
CA LYS D 60 -3.03 -16.10 23.89
C LYS D 60 -3.70 -14.95 24.67
N SER D 61 -3.03 -13.78 24.72
CA SER D 61 -3.50 -12.57 25.40
C SER D 61 -4.75 -11.96 24.76
N ASP D 62 -4.87 -12.08 23.42
CA ASP D 62 -5.99 -11.53 22.65
C ASP D 62 -7.21 -12.44 22.50
N VAL D 63 -7.04 -13.76 22.78
CA VAL D 63 -8.10 -14.79 22.69
C VAL D 63 -9.39 -14.41 23.43
N GLU D 64 -9.26 -13.88 24.67
CA GLU D 64 -10.37 -13.45 25.53
C GLU D 64 -11.27 -12.40 24.86
N ALA D 65 -10.65 -11.42 24.15
CA ALA D 65 -11.36 -10.35 23.44
C ALA D 65 -12.15 -10.86 22.23
N ILE D 66 -11.58 -11.83 21.49
CA ILE D 66 -12.19 -12.44 20.29
C ILE D 66 -13.45 -13.23 20.66
N ARG D 67 -13.44 -13.90 21.83
CA ARG D 67 -14.55 -14.70 22.37
C ARG D 67 -15.82 -13.87 22.52
N LYS D 68 -15.68 -12.65 23.07
CA LYS D 68 -16.78 -11.70 23.32
C LYS D 68 -17.41 -11.23 22.00
N ALA D 69 -16.57 -10.98 20.98
CA ALA D 69 -17.01 -10.50 19.66
C ALA D 69 -17.66 -11.61 18.81
N MET D 70 -17.15 -12.85 18.92
CA MET D 70 -17.65 -14.01 18.17
C MET D 70 -18.93 -14.64 18.76
N LYS D 71 -19.26 -14.30 20.02
CA LYS D 71 -20.45 -14.80 20.72
C LYS D 71 -21.71 -14.11 20.23
N LYS E 3 -18.81 -5.26 -19.96
CA LYS E 3 -18.38 -5.93 -18.73
C LYS E 3 -19.41 -6.96 -18.25
N ILE E 4 -19.36 -8.18 -18.85
CA ILE E 4 -20.27 -9.28 -18.53
C ILE E 4 -19.84 -10.01 -17.25
N ASN E 5 -20.78 -10.73 -16.60
CA ASN E 5 -20.51 -11.46 -15.37
C ASN E 5 -20.93 -12.93 -15.43
N VAL E 6 -19.97 -13.83 -15.21
CA VAL E 6 -20.19 -15.28 -15.17
C VAL E 6 -20.30 -15.73 -13.71
N ASN E 7 -21.49 -16.21 -13.31
CA ASN E 7 -21.78 -16.62 -11.93
C ASN E 7 -21.77 -18.12 -11.77
N VAL E 8 -20.84 -18.65 -10.95
CA VAL E 8 -20.74 -20.07 -10.63
C VAL E 8 -21.43 -20.33 -9.28
N GLU E 9 -22.76 -20.57 -9.35
CA GLU E 9 -23.64 -20.77 -8.21
C GLU E 9 -24.00 -22.24 -7.96
N ASN E 10 -24.18 -22.61 -6.68
CA ASN E 10 -24.52 -23.97 -6.27
C ASN E 10 -26.00 -24.28 -6.52
N VAL E 11 -26.25 -25.10 -7.56
CA VAL E 11 -27.60 -25.52 -7.98
C VAL E 11 -27.98 -26.87 -7.36
N SER E 12 -26.97 -27.60 -6.83
CA SER E 12 -27.12 -28.93 -6.23
C SER E 12 -28.08 -29.00 -5.05
N GLY E 13 -28.30 -27.87 -4.37
CA GLY E 13 -29.17 -27.76 -3.21
C GLY E 13 -28.64 -28.53 -2.01
N VAL E 14 -27.30 -28.76 -1.99
CA VAL E 14 -26.60 -29.51 -0.94
C VAL E 14 -25.47 -28.65 -0.37
N GLN E 15 -25.49 -28.46 0.96
CA GLN E 15 -24.49 -27.69 1.69
C GLN E 15 -23.85 -28.57 2.77
N GLY E 16 -22.56 -28.84 2.62
CA GLY E 16 -21.82 -29.67 3.55
C GLY E 16 -20.50 -30.21 3.05
N PHE E 17 -20.00 -31.29 3.70
CA PHE E 17 -18.72 -31.90 3.37
C PHE E 17 -18.64 -33.40 3.74
N LEU E 18 -17.70 -34.12 3.11
CA LEU E 18 -17.42 -35.53 3.38
C LEU E 18 -16.22 -35.60 4.33
N PHE E 19 -16.32 -36.40 5.42
CA PHE E 19 -15.25 -36.51 6.41
C PHE E 19 -14.86 -37.94 6.74
N HIS E 20 -13.53 -38.19 6.79
CA HIS E 20 -12.95 -39.50 7.09
C HIS E 20 -11.57 -39.36 7.77
N THR E 21 -11.09 -40.46 8.37
CA THR E 21 -9.78 -40.50 9.04
C THR E 21 -8.83 -41.49 8.35
N ASP E 22 -7.52 -41.19 8.38
CA ASP E 22 -6.47 -42.01 7.78
C ASP E 22 -5.59 -42.73 8.83
N GLY E 23 -5.95 -42.56 10.10
CA GLY E 23 -5.26 -43.17 11.23
C GLY E 23 -5.59 -44.62 11.46
N LYS E 24 -5.11 -45.17 12.60
CA LYS E 24 -5.29 -46.57 13.01
C LYS E 24 -6.76 -46.99 13.12
N GLU E 25 -7.55 -46.35 14.00
CA GLU E 25 -8.98 -46.64 14.18
C GLU E 25 -9.78 -45.80 13.19
N SER E 26 -10.56 -46.46 12.32
CA SER E 26 -11.34 -45.78 11.28
C SER E 26 -12.84 -46.00 11.38
N TYR E 27 -13.61 -44.92 11.12
CA TYR E 27 -15.07 -44.93 11.12
C TYR E 27 -15.61 -44.96 9.68
N GLY E 28 -14.70 -45.10 8.71
CA GLY E 28 -14.99 -45.12 7.29
C GLY E 28 -15.33 -43.74 6.76
N TYR E 29 -16.22 -43.68 5.77
CA TYR E 29 -16.65 -42.42 5.16
C TYR E 29 -18.02 -41.98 5.69
N ARG E 30 -18.08 -40.75 6.19
CA ARG E 30 -19.28 -40.11 6.75
C ARG E 30 -19.40 -38.71 6.16
N ALA E 31 -20.61 -38.13 6.18
CA ALA E 31 -20.84 -36.80 5.60
C ALA E 31 -21.90 -35.97 6.33
N PHE E 32 -21.81 -34.63 6.19
CA PHE E 32 -22.76 -33.67 6.75
C PHE E 32 -23.52 -32.98 5.61
N ILE E 33 -24.73 -33.47 5.28
CA ILE E 33 -25.57 -32.90 4.22
C ILE E 33 -26.72 -32.07 4.79
N ASN E 34 -26.69 -30.74 4.55
CA ASN E 34 -27.66 -29.74 5.01
C ASN E 34 -27.89 -29.79 6.54
N GLY E 35 -26.80 -29.86 7.29
CA GLY E 35 -26.80 -29.92 8.75
C GLY E 35 -27.20 -31.27 9.34
N VAL E 36 -27.33 -32.30 8.48
CA VAL E 36 -27.71 -33.66 8.88
C VAL E 36 -26.52 -34.60 8.65
N GLU E 37 -26.09 -35.30 9.71
CA GLU E 37 -24.97 -36.25 9.67
C GLU E 37 -25.45 -37.59 9.13
N ILE E 38 -24.78 -38.11 8.08
CA ILE E 38 -25.11 -39.38 7.44
C ILE E 38 -23.88 -40.23 7.20
N GLY E 39 -24.05 -41.55 7.29
CA GLY E 39 -22.98 -42.52 7.09
C GLY E 39 -23.01 -43.18 5.72
N ILE E 40 -21.90 -43.07 4.97
CA ILE E 40 -21.78 -43.67 3.64
C ILE E 40 -21.32 -45.13 3.76
N LYS E 41 -22.01 -46.04 3.06
CA LYS E 41 -21.73 -47.47 3.06
C LYS E 41 -20.85 -47.91 1.87
N ASP E 42 -21.12 -47.37 0.66
CA ASP E 42 -20.39 -47.71 -0.56
C ASP E 42 -19.52 -46.59 -1.10
N ILE E 43 -18.47 -46.99 -1.84
CA ILE E 43 -17.48 -46.11 -2.47
C ILE E 43 -18.09 -45.29 -3.62
N GLU E 44 -19.16 -45.82 -4.28
CA GLU E 44 -19.87 -45.18 -5.39
C GLU E 44 -20.51 -43.86 -4.94
N THR E 45 -21.12 -43.86 -3.73
CA THR E 45 -21.78 -42.69 -3.15
C THR E 45 -20.73 -41.62 -2.78
N VAL E 46 -19.54 -42.07 -2.30
CA VAL E 46 -18.41 -41.21 -1.92
C VAL E 46 -17.93 -40.45 -3.17
N GLN E 47 -17.62 -41.19 -4.26
CA GLN E 47 -17.15 -40.65 -5.54
C GLN E 47 -18.17 -39.71 -6.19
N GLY E 48 -19.46 -40.03 -6.02
CA GLY E 48 -20.57 -39.24 -6.53
C GLY E 48 -20.70 -37.92 -5.81
N PHE E 49 -20.72 -37.95 -4.47
CA PHE E 49 -20.84 -36.75 -3.63
C PHE E 49 -19.60 -35.84 -3.68
N GLN E 50 -18.41 -36.42 -3.95
CA GLN E 50 -17.14 -35.68 -4.07
C GLN E 50 -17.17 -34.65 -5.21
N GLN E 51 -18.06 -34.87 -6.20
CA GLN E 51 -18.26 -34.01 -7.36
C GLN E 51 -19.06 -32.75 -7.01
N ILE E 52 -19.87 -32.79 -5.94
CA ILE E 52 -20.70 -31.64 -5.50
C ILE E 52 -20.25 -31.00 -4.18
N ILE E 53 -19.80 -31.82 -3.21
CA ILE E 53 -19.34 -31.36 -1.89
C ILE E 53 -17.86 -31.74 -1.63
N PRO E 54 -17.08 -30.94 -0.86
CA PRO E 54 -15.66 -31.29 -0.63
C PRO E 54 -15.44 -32.45 0.34
N SER E 55 -14.35 -33.21 0.14
CA SER E 55 -13.96 -34.33 1.00
C SER E 55 -12.73 -33.92 1.83
N ILE E 56 -12.92 -33.76 3.14
CA ILE E 56 -11.87 -33.32 4.08
C ILE E 56 -11.53 -34.40 5.11
N ASN E 57 -10.39 -34.24 5.81
CA ASN E 57 -9.91 -35.18 6.82
C ASN E 57 -10.19 -34.71 8.23
N ILE E 58 -10.89 -35.54 9.00
CA ILE E 58 -11.24 -35.30 10.41
C ILE E 58 -10.94 -36.57 11.20
N SER E 59 -10.06 -36.47 12.21
CA SER E 59 -9.65 -37.58 13.07
C SER E 59 -10.81 -37.99 13.98
N LYS E 60 -10.89 -39.30 14.32
CA LYS E 60 -11.92 -39.91 15.18
C LYS E 60 -12.11 -39.18 16.50
N SER E 61 -11.01 -38.69 17.10
CA SER E 61 -10.99 -37.96 18.38
C SER E 61 -11.70 -36.59 18.28
N ASP E 62 -11.60 -35.93 17.12
CA ASP E 62 -12.17 -34.61 16.87
C ASP E 62 -13.63 -34.60 16.38
N VAL E 63 -14.15 -35.76 15.91
CA VAL E 63 -15.53 -35.93 15.38
C VAL E 63 -16.60 -35.39 16.34
N GLU E 64 -16.48 -35.68 17.65
CA GLU E 64 -17.41 -35.25 18.70
C GLU E 64 -17.57 -33.72 18.77
N ALA E 65 -16.45 -32.98 18.63
CA ALA E 65 -16.43 -31.51 18.66
C ALA E 65 -17.12 -30.88 17.44
N ILE E 66 -16.94 -31.49 16.25
CA ILE E 66 -17.52 -31.03 14.97
C ILE E 66 -19.05 -31.16 15.00
N ARG E 67 -19.58 -32.23 15.63
CA ARG E 67 -21.01 -32.51 15.77
C ARG E 67 -21.75 -31.37 16.46
N LYS E 68 -21.17 -30.83 17.56
CA LYS E 68 -21.73 -29.74 18.36
C LYS E 68 -21.78 -28.43 17.57
N ALA E 69 -20.76 -28.17 16.74
CA ALA E 69 -20.66 -26.97 15.92
C ALA E 69 -21.57 -27.00 14.69
N MET E 70 -21.73 -28.19 14.07
CA MET E 70 -22.57 -28.39 12.89
C MET E 70 -24.07 -28.50 13.19
N LYS E 71 -24.44 -28.71 14.47
CA LYS E 71 -25.83 -28.82 14.90
C LYS E 71 -26.51 -27.45 14.95
N GLU F 9 -34.65 -17.93 -4.86
CA GLU F 9 -33.41 -17.20 -4.62
C GLU F 9 -32.34 -17.46 -5.70
N ASN F 10 -32.56 -18.49 -6.54
CA ASN F 10 -31.65 -18.89 -7.63
C ASN F 10 -32.36 -18.86 -8.99
N VAL F 11 -31.59 -18.67 -10.09
CA VAL F 11 -32.10 -18.66 -11.46
C VAL F 11 -32.48 -20.13 -11.81
N SER F 12 -33.43 -20.32 -12.76
CA SER F 12 -34.00 -21.61 -13.21
C SER F 12 -35.02 -22.18 -12.23
N GLY F 13 -34.96 -21.70 -10.98
CA GLY F 13 -35.87 -22.03 -9.89
C GLY F 13 -35.90 -23.48 -9.49
N VAL F 14 -34.81 -24.23 -9.78
CA VAL F 14 -34.68 -25.65 -9.47
C VAL F 14 -33.43 -25.88 -8.64
N GLN F 15 -33.59 -26.48 -7.45
CA GLN F 15 -32.48 -26.82 -6.55
C GLN F 15 -32.51 -28.32 -6.26
N GLY F 16 -31.47 -29.02 -6.68
CA GLY F 16 -31.35 -30.47 -6.48
C GLY F 16 -30.33 -31.16 -7.36
N PHE F 17 -30.46 -32.50 -7.47
CA PHE F 17 -29.56 -33.34 -8.25
C PHE F 17 -30.22 -34.62 -8.78
N LEU F 18 -29.60 -35.24 -9.82
CA LEU F 18 -30.02 -36.51 -10.40
C LEU F 18 -29.15 -37.62 -9.82
N PHE F 19 -29.75 -38.76 -9.45
CA PHE F 19 -29.02 -39.89 -8.87
C PHE F 19 -29.38 -41.26 -9.43
N HIS F 20 -28.35 -42.11 -9.64
CA HIS F 20 -28.48 -43.46 -10.19
C HIS F 20 -27.33 -44.37 -9.70
N THR F 21 -27.40 -45.67 -10.01
CA THR F 21 -26.36 -46.64 -9.64
C THR F 21 -25.84 -47.46 -10.83
N ASP F 22 -24.52 -47.69 -10.87
CA ASP F 22 -23.85 -48.45 -11.92
C ASP F 22 -23.60 -49.91 -11.50
N GLY F 23 -24.01 -50.25 -10.28
CA GLY F 23 -23.86 -51.59 -9.70
C GLY F 23 -24.84 -52.62 -10.24
N LYS F 24 -24.83 -53.82 -9.61
CA LYS F 24 -25.67 -54.97 -9.98
C LYS F 24 -27.17 -54.66 -9.92
N GLU F 25 -27.70 -54.30 -8.75
CA GLU F 25 -29.12 -53.95 -8.56
C GLU F 25 -29.30 -52.47 -8.84
N SER F 26 -30.16 -52.12 -9.82
CA SER F 26 -30.39 -50.74 -10.22
C SER F 26 -31.84 -50.29 -10.05
N TYR F 27 -32.01 -49.06 -9.56
CA TYR F 27 -33.30 -48.40 -9.35
C TYR F 27 -33.59 -47.39 -10.48
N GLY F 28 -32.74 -47.40 -11.51
CA GLY F 28 -32.83 -46.49 -12.64
C GLY F 28 -32.40 -45.09 -12.29
N TYR F 29 -33.01 -44.10 -12.95
CA TYR F 29 -32.71 -42.69 -12.72
C TYR F 29 -33.78 -42.04 -11.86
N ARG F 30 -33.35 -41.42 -10.76
CA ARG F 30 -34.20 -40.72 -9.80
C ARG F 30 -33.60 -39.35 -9.51
N ALA F 31 -34.44 -38.39 -9.06
CA ALA F 31 -33.95 -37.03 -8.79
C ALA F 31 -34.65 -36.35 -7.62
N PHE F 32 -33.96 -35.38 -7.01
CA PHE F 32 -34.46 -34.55 -5.92
C PHE F 32 -34.66 -33.15 -6.52
N ILE F 33 -35.91 -32.70 -6.65
CA ILE F 33 -36.23 -31.38 -7.20
C ILE F 33 -36.98 -30.56 -6.15
N ASN F 34 -36.29 -29.52 -5.61
CA ASN F 34 -36.77 -28.60 -4.57
C ASN F 34 -37.26 -29.34 -3.30
N GLY F 35 -36.44 -30.27 -2.84
CA GLY F 35 -36.70 -31.07 -1.65
C GLY F 35 -37.71 -32.18 -1.84
N VAL F 36 -38.14 -32.44 -3.10
CA VAL F 36 -39.12 -33.46 -3.45
C VAL F 36 -38.45 -34.54 -4.30
N GLU F 37 -38.54 -35.82 -3.85
CA GLU F 37 -37.96 -36.96 -4.56
C GLU F 37 -38.91 -37.43 -5.66
N ILE F 38 -38.40 -37.54 -6.90
CA ILE F 38 -39.16 -37.96 -8.07
C ILE F 38 -38.40 -39.00 -8.89
N GLY F 39 -39.15 -39.92 -9.51
CA GLY F 39 -38.60 -40.98 -10.33
C GLY F 39 -38.71 -40.70 -11.81
N ILE F 40 -37.56 -40.72 -12.52
CA ILE F 40 -37.50 -40.48 -13.96
C ILE F 40 -37.72 -41.78 -14.72
N LYS F 41 -38.63 -41.75 -15.72
CA LYS F 41 -38.97 -42.91 -16.55
C LYS F 41 -38.21 -42.95 -17.88
N ASP F 42 -38.05 -41.79 -18.54
CA ASP F 42 -37.38 -41.69 -19.84
C ASP F 42 -36.02 -40.99 -19.78
N ILE F 43 -35.12 -41.36 -20.70
CA ILE F 43 -33.77 -40.80 -20.81
C ILE F 43 -33.76 -39.34 -21.33
N GLU F 44 -34.85 -38.91 -22.03
CA GLU F 44 -35.03 -37.55 -22.54
C GLU F 44 -35.10 -36.55 -21.39
N THR F 45 -35.83 -36.91 -20.30
CA THR F 45 -35.99 -36.09 -19.10
C THR F 45 -34.66 -36.00 -18.33
N VAL F 46 -33.88 -37.11 -18.33
CA VAL F 46 -32.56 -37.21 -17.69
C VAL F 46 -31.60 -36.22 -18.36
N GLN F 47 -31.47 -36.31 -19.70
CA GLN F 47 -30.61 -35.45 -20.53
C GLN F 47 -31.02 -33.98 -20.44
N GLY F 48 -32.31 -33.72 -20.31
CA GLY F 48 -32.87 -32.38 -20.18
C GLY F 48 -32.52 -31.74 -18.85
N PHE F 49 -32.75 -32.48 -17.75
CA PHE F 49 -32.44 -32.03 -16.38
C PHE F 49 -30.95 -31.90 -16.09
N GLN F 50 -30.11 -32.71 -16.77
CA GLN F 50 -28.65 -32.69 -16.64
C GLN F 50 -28.05 -31.33 -17.03
N GLN F 51 -28.78 -30.56 -17.85
CA GLN F 51 -28.40 -29.22 -18.32
C GLN F 51 -28.59 -28.14 -17.24
N ILE F 52 -29.49 -28.39 -16.26
CA ILE F 52 -29.78 -27.45 -15.18
C ILE F 52 -29.30 -27.91 -13.79
N ILE F 53 -29.42 -29.22 -13.48
CA ILE F 53 -29.00 -29.80 -12.21
C ILE F 53 -27.91 -30.88 -12.38
N PRO F 54 -26.99 -31.10 -11.40
CA PRO F 54 -25.94 -32.12 -11.59
C PRO F 54 -26.41 -33.56 -11.45
N SER F 55 -25.75 -34.49 -12.17
CA SER F 55 -26.04 -35.91 -12.12
C SER F 55 -24.91 -36.62 -11.37
N ILE F 56 -25.23 -37.17 -10.19
CA ILE F 56 -24.27 -37.86 -9.32
C ILE F 56 -24.61 -39.36 -9.15
N ASN F 57 -23.64 -40.16 -8.66
CA ASN F 57 -23.81 -41.59 -8.44
C ASN F 57 -24.01 -41.94 -6.97
N ILE F 58 -25.13 -42.60 -6.66
CA ILE F 58 -25.50 -43.04 -5.30
C ILE F 58 -25.88 -44.53 -5.36
N SER F 59 -25.24 -45.37 -4.53
CA SER F 59 -25.53 -46.79 -4.43
C SER F 59 -26.88 -47.01 -3.76
N LYS F 60 -27.60 -48.08 -4.15
CA LYS F 60 -28.93 -48.46 -3.65
C LYS F 60 -28.99 -48.54 -2.11
N SER F 61 -27.91 -49.03 -1.49
CA SER F 61 -27.77 -49.18 -0.03
C SER F 61 -27.73 -47.83 0.70
N ASP F 62 -27.14 -46.80 0.07
CA ASP F 62 -27.01 -45.45 0.64
C ASP F 62 -28.19 -44.50 0.41
N VAL F 63 -29.09 -44.83 -0.54
CA VAL F 63 -30.26 -44.03 -0.91
C VAL F 63 -31.13 -43.65 0.31
N GLU F 64 -31.37 -44.61 1.23
CA GLU F 64 -32.16 -44.44 2.44
C GLU F 64 -31.63 -43.33 3.35
N ALA F 65 -30.29 -43.23 3.50
CA ALA F 65 -29.62 -42.23 4.32
C ALA F 65 -29.72 -40.81 3.73
N ILE F 66 -29.66 -40.69 2.39
CA ILE F 66 -29.74 -39.42 1.66
C ILE F 66 -31.15 -38.81 1.79
N ARG F 67 -32.20 -39.67 1.82
CA ARG F 67 -33.61 -39.28 1.95
C ARG F 67 -33.86 -38.50 3.24
N LYS F 68 -33.25 -38.95 4.37
CA LYS F 68 -33.37 -38.33 5.69
C LYS F 68 -32.72 -36.95 5.73
N ALA F 69 -31.56 -36.79 5.04
CA ALA F 69 -30.81 -35.53 4.97
C ALA F 69 -31.47 -34.50 4.05
N MET F 70 -32.06 -34.96 2.93
CA MET F 70 -32.72 -34.10 1.94
C MET F 70 -34.14 -33.67 2.33
N LYS F 71 -34.75 -34.32 3.34
CA LYS F 71 -36.09 -34.01 3.83
C LYS F 71 -36.08 -32.75 4.69
N ASN G 7 -25.54 -11.70 -20.21
CA ASN G 7 -26.87 -11.24 -19.85
C ASN G 7 -27.09 -11.22 -18.33
N VAL G 8 -28.02 -10.37 -17.86
CA VAL G 8 -28.39 -10.26 -16.46
C VAL G 8 -29.76 -10.93 -16.25
N GLU G 9 -29.76 -12.18 -15.76
CA GLU G 9 -30.96 -12.98 -15.55
C GLU G 9 -31.54 -12.86 -14.13
N ASN G 10 -30.71 -12.39 -13.17
CA ASN G 10 -31.11 -12.19 -11.77
C ASN G 10 -32.03 -10.97 -11.60
N VAL G 11 -32.04 -10.07 -12.60
CA VAL G 11 -32.84 -8.84 -12.65
C VAL G 11 -34.23 -9.08 -13.28
N SER G 12 -34.44 -10.25 -13.92
CA SER G 12 -35.69 -10.61 -14.60
C SER G 12 -36.89 -10.85 -13.69
N GLY G 13 -36.64 -11.25 -12.43
CA GLY G 13 -37.68 -11.56 -11.46
C GLY G 13 -38.52 -12.76 -11.83
N VAL G 14 -37.95 -13.66 -12.65
CA VAL G 14 -38.59 -14.87 -13.15
C VAL G 14 -37.73 -16.08 -12.79
N GLN G 15 -38.31 -17.05 -12.09
CA GLN G 15 -37.64 -18.28 -11.68
C GLN G 15 -38.41 -19.48 -12.26
N GLY G 16 -37.76 -20.21 -13.15
CA GLY G 16 -38.35 -21.37 -13.79
C GLY G 16 -37.65 -21.84 -15.06
N PHE G 17 -38.36 -22.65 -15.86
CA PHE G 17 -37.83 -23.23 -17.10
C PHE G 17 -38.92 -23.53 -18.13
N LEU G 18 -38.51 -23.68 -19.41
CA LEU G 18 -39.38 -24.06 -20.54
C LEU G 18 -39.19 -25.55 -20.79
N PHE G 19 -40.30 -26.28 -21.02
CA PHE G 19 -40.25 -27.72 -21.26
C PHE G 19 -41.09 -28.20 -22.44
N HIS G 20 -40.49 -29.07 -23.27
CA HIS G 20 -41.10 -29.65 -24.47
C HIS G 20 -40.55 -31.06 -24.74
N THR G 21 -41.24 -31.84 -25.60
CA THR G 21 -40.81 -33.19 -25.97
C THR G 21 -40.53 -33.33 -27.47
N ASP G 22 -39.46 -34.06 -27.81
CA ASP G 22 -39.06 -34.31 -29.19
C ASP G 22 -39.53 -35.68 -29.70
N GLY G 23 -40.20 -36.43 -28.82
CA GLY G 23 -40.73 -37.77 -29.11
C GLY G 23 -41.98 -37.79 -29.96
N LYS G 24 -42.58 -39.00 -30.10
CA LYS G 24 -43.79 -39.24 -30.90
C LYS G 24 -44.99 -38.37 -30.49
N GLU G 25 -45.47 -38.53 -29.25
CA GLU G 25 -46.61 -37.75 -28.75
C GLU G 25 -46.08 -36.45 -28.14
N SER G 26 -46.53 -35.29 -28.65
CA SER G 26 -46.08 -33.98 -28.17
C SER G 26 -47.18 -33.12 -27.57
N TYR G 27 -46.85 -32.43 -26.46
CA TYR G 27 -47.73 -31.50 -25.75
C TYR G 27 -47.37 -30.04 -26.08
N GLY G 28 -46.46 -29.87 -27.04
CA GLY G 28 -45.96 -28.58 -27.49
C GLY G 28 -45.01 -27.97 -26.47
N TYR G 29 -45.01 -26.64 -26.38
CA TYR G 29 -44.17 -25.90 -25.43
C TYR G 29 -44.95 -25.44 -24.22
N ARG G 30 -44.47 -25.80 -23.03
CA ARG G 30 -45.04 -25.45 -21.74
C ARG G 30 -43.95 -24.91 -20.83
N ALA G 31 -44.30 -24.12 -19.80
CA ALA G 31 -43.30 -23.54 -18.90
C ALA G 31 -43.77 -23.39 -17.47
N PHE G 32 -42.80 -23.37 -16.54
CA PHE G 32 -43.01 -23.13 -15.11
C PHE G 32 -42.45 -21.74 -14.82
N ILE G 33 -43.32 -20.79 -14.48
CA ILE G 33 -42.90 -19.41 -14.18
C ILE G 33 -43.34 -19.04 -12.76
N ASN G 34 -42.35 -18.91 -11.86
CA ASN G 34 -42.51 -18.60 -10.43
C ASN G 34 -43.45 -19.58 -9.71
N GLY G 35 -43.22 -20.88 -9.94
CA GLY G 35 -44.01 -21.96 -9.36
C GLY G 35 -45.38 -22.17 -9.97
N VAL G 36 -45.67 -21.48 -11.08
CA VAL G 36 -46.95 -21.56 -11.79
C VAL G 36 -46.73 -22.20 -13.18
N GLU G 37 -47.46 -23.30 -13.48
CA GLU G 37 -47.38 -23.98 -14.77
C GLU G 37 -48.27 -23.28 -15.79
N ILE G 38 -47.70 -22.92 -16.94
CA ILE G 38 -48.39 -22.22 -18.03
C ILE G 38 -48.08 -22.83 -19.39
N GLY G 39 -49.06 -22.79 -20.29
CA GLY G 39 -48.94 -23.33 -21.64
C GLY G 39 -48.68 -22.26 -22.68
N ILE G 40 -47.61 -22.41 -23.46
CA ILE G 40 -47.22 -21.46 -24.50
C ILE G 40 -47.92 -21.81 -25.82
N LYS G 41 -48.59 -20.82 -26.44
CA LYS G 41 -49.32 -20.99 -27.69
C LYS G 41 -48.51 -20.60 -28.93
N ASP G 42 -47.73 -19.50 -28.85
CA ASP G 42 -46.93 -19.01 -29.97
C ASP G 42 -45.42 -19.21 -29.79
N ILE G 43 -44.70 -19.35 -30.92
CA ILE G 43 -43.24 -19.55 -30.95
C ILE G 43 -42.46 -18.29 -30.52
N GLU G 44 -43.08 -17.10 -30.67
CA GLU G 44 -42.51 -15.79 -30.31
C GLU G 44 -42.27 -15.71 -28.80
N THR G 45 -43.22 -16.22 -27.99
CA THR G 45 -43.15 -16.25 -26.52
C THR G 45 -42.06 -17.22 -26.08
N VAL G 46 -41.89 -18.34 -26.80
CA VAL G 46 -40.87 -19.38 -26.54
C VAL G 46 -39.48 -18.76 -26.70
N GLN G 47 -39.23 -18.14 -27.87
CA GLN G 47 -37.96 -17.49 -28.23
C GLN G 47 -37.63 -16.32 -27.29
N GLY G 48 -38.66 -15.60 -26.84
CA GLY G 48 -38.54 -14.49 -25.92
C GLY G 48 -38.12 -14.94 -24.52
N PHE G 49 -38.83 -15.94 -23.98
CA PHE G 49 -38.55 -16.51 -22.66
C PHE G 49 -37.25 -17.29 -22.58
N GLN G 50 -36.78 -17.86 -23.71
CA GLN G 50 -35.51 -18.60 -23.80
C GLN G 50 -34.30 -17.73 -23.48
N GLN G 51 -34.46 -16.40 -23.63
CA GLN G 51 -33.43 -15.38 -23.35
C GLN G 51 -33.27 -15.13 -21.84
N ILE G 52 -34.30 -15.42 -21.03
CA ILE G 52 -34.29 -15.21 -19.57
C ILE G 52 -34.28 -16.51 -18.75
N ILE G 53 -35.04 -17.54 -19.19
CA ILE G 53 -35.15 -18.84 -18.51
C ILE G 53 -34.67 -20.01 -19.41
N PRO G 54 -34.11 -21.11 -18.86
CA PRO G 54 -33.62 -22.19 -19.72
C PRO G 54 -34.72 -23.06 -20.33
N SER G 55 -34.45 -23.62 -21.52
CA SER G 55 -35.38 -24.52 -22.22
C SER G 55 -34.81 -25.94 -22.17
N ILE G 56 -35.50 -26.83 -21.42
CA ILE G 56 -35.10 -28.21 -21.23
C ILE G 56 -36.09 -29.22 -21.84
N ASN G 57 -35.66 -30.48 -22.00
CA ASN G 57 -36.47 -31.56 -22.57
C ASN G 57 -37.03 -32.50 -21.51
N ILE G 58 -38.37 -32.61 -21.46
CA ILE G 58 -39.09 -33.50 -20.54
C ILE G 58 -40.10 -34.32 -21.35
N SER G 59 -40.04 -35.65 -21.23
CA SER G 59 -40.95 -36.58 -21.89
C SER G 59 -42.35 -36.47 -21.27
N LYS G 60 -43.40 -36.68 -22.08
CA LYS G 60 -44.81 -36.63 -21.68
C LYS G 60 -45.13 -37.48 -20.45
N SER G 61 -44.49 -38.67 -20.36
CA SER G 61 -44.65 -39.63 -19.27
C SER G 61 -44.13 -39.11 -17.92
N ASP G 62 -43.05 -38.29 -17.96
CA ASP G 62 -42.40 -37.73 -16.77
C ASP G 62 -42.99 -36.40 -16.26
N VAL G 63 -43.78 -35.70 -17.10
CA VAL G 63 -44.42 -34.40 -16.79
C VAL G 63 -45.20 -34.41 -15.45
N GLU G 64 -45.97 -35.49 -15.21
CA GLU G 64 -46.78 -35.68 -13.99
C GLU G 64 -45.93 -35.63 -12.71
N ALA G 65 -44.73 -36.24 -12.72
CA ALA G 65 -43.80 -36.28 -11.59
C ALA G 65 -43.19 -34.91 -11.29
N ILE G 66 -42.88 -34.12 -12.33
CA ILE G 66 -42.28 -32.79 -12.23
C ILE G 66 -43.27 -31.79 -11.60
N ARG G 67 -44.58 -31.94 -11.89
CA ARG G 67 -45.66 -31.10 -11.36
C ARG G 67 -45.71 -31.14 -9.84
N LYS G 68 -45.57 -32.35 -9.25
CA LYS G 68 -45.59 -32.58 -7.80
C LYS G 68 -44.40 -31.92 -7.10
N ALA G 69 -43.21 -31.96 -7.73
CA ALA G 69 -41.97 -31.38 -7.21
C ALA G 69 -41.94 -29.86 -7.32
N MET G 70 -42.49 -29.30 -8.41
CA MET G 70 -42.52 -27.86 -8.68
C MET G 70 -43.63 -27.11 -7.90
N LYS G 71 -44.63 -27.85 -7.36
CA LYS G 71 -45.74 -27.28 -6.58
C LYS G 71 -45.29 -26.86 -5.19
N ASN H 7 -35.11 -5.89 -1.59
CA ASN H 7 -34.04 -5.79 -0.59
C ASN H 7 -32.96 -6.85 -0.80
N VAL H 8 -31.68 -6.44 -0.61
CA VAL H 8 -30.47 -7.27 -0.73
C VAL H 8 -30.30 -7.95 -2.11
N GLU H 9 -30.37 -7.14 -3.19
CA GLU H 9 -30.23 -7.60 -4.58
C GLU H 9 -29.88 -6.45 -5.53
N ASN H 10 -28.95 -6.71 -6.48
CA ASN H 10 -28.45 -5.79 -7.53
C ASN H 10 -28.12 -4.35 -7.06
N VAL H 11 -28.37 -3.33 -7.92
CA VAL H 11 -28.12 -1.92 -7.63
C VAL H 11 -29.25 -0.99 -8.14
N SER H 12 -29.94 -1.39 -9.23
CA SER H 12 -31.04 -0.62 -9.82
C SER H 12 -32.32 -0.64 -8.98
N GLY H 13 -32.47 -1.66 -8.13
CA GLY H 13 -33.64 -1.84 -7.27
C GLY H 13 -34.92 -2.13 -8.05
N VAL H 14 -34.75 -2.64 -9.29
CA VAL H 14 -35.84 -2.96 -10.22
C VAL H 14 -35.71 -4.43 -10.64
N GLN H 15 -36.79 -5.20 -10.43
CA GLN H 15 -36.86 -6.61 -10.82
C GLN H 15 -38.02 -6.82 -11.77
N GLY H 16 -37.71 -7.19 -13.00
CA GLY H 16 -38.71 -7.43 -14.04
C GLY H 16 -38.19 -7.44 -15.46
N PHE H 17 -39.11 -7.28 -16.44
CA PHE H 17 -38.80 -7.31 -17.86
C PHE H 17 -39.78 -6.49 -18.70
N LEU H 18 -39.37 -6.12 -19.93
CA LEU H 18 -40.18 -5.40 -20.91
C LEU H 18 -40.73 -6.42 -21.92
N PHE H 19 -42.02 -6.31 -22.28
CA PHE H 19 -42.64 -7.24 -23.22
C PHE H 19 -43.51 -6.59 -24.29
N HIS H 20 -43.38 -7.11 -25.52
CA HIS H 20 -44.10 -6.63 -26.70
C HIS H 20 -44.28 -7.73 -27.75
N THR H 21 -45.10 -7.47 -28.77
CA THR H 21 -45.33 -8.39 -29.87
C THR H 21 -44.99 -7.74 -31.20
N ASP H 22 -44.34 -8.49 -32.10
CA ASP H 22 -43.95 -7.96 -33.41
C ASP H 22 -44.96 -8.38 -34.49
N GLY H 23 -45.90 -9.23 -34.13
CA GLY H 23 -46.90 -9.76 -35.04
C GLY H 23 -48.03 -8.83 -35.43
N LYS H 24 -49.06 -9.41 -36.08
CA LYS H 24 -50.28 -8.73 -36.48
C LYS H 24 -51.09 -8.66 -35.20
N GLU H 25 -51.60 -7.47 -34.89
CA GLU H 25 -52.29 -7.11 -33.63
C GLU H 25 -51.27 -6.95 -32.50
N SER H 26 -50.99 -5.69 -32.16
CA SER H 26 -50.02 -5.30 -31.14
C SER H 26 -50.64 -4.51 -30.00
N TYR H 27 -50.15 -4.77 -28.77
CA TYR H 27 -50.56 -4.10 -27.53
C TYR H 27 -49.51 -3.04 -27.12
N GLY H 28 -48.55 -2.80 -28.00
CA GLY H 28 -47.45 -1.88 -27.78
C GLY H 28 -46.42 -2.44 -26.82
N TYR H 29 -45.76 -1.54 -26.07
CA TYR H 29 -44.76 -1.93 -25.09
C TYR H 29 -45.32 -1.88 -23.69
N ARG H 30 -45.20 -3.00 -22.98
CA ARG H 30 -45.67 -3.17 -21.59
C ARG H 30 -44.53 -3.76 -20.77
N ALA H 31 -44.56 -3.55 -19.44
CA ALA H 31 -43.51 -4.06 -18.57
C ALA H 31 -43.99 -4.49 -17.18
N PHE H 32 -43.23 -5.40 -16.56
CA PHE H 32 -43.47 -5.88 -15.19
C PHE H 32 -42.36 -5.29 -14.33
N ILE H 33 -42.70 -4.36 -13.43
CA ILE H 33 -41.72 -3.71 -12.55
C ILE H 33 -42.07 -3.99 -11.08
N ASN H 34 -41.22 -4.80 -10.42
CA ASN H 34 -41.35 -5.25 -9.03
C ASN H 34 -42.72 -5.90 -8.74
N GLY H 35 -43.11 -6.82 -9.62
CA GLY H 35 -44.36 -7.59 -9.55
C GLY H 35 -45.60 -6.81 -9.96
N VAL H 36 -45.42 -5.58 -10.47
CA VAL H 36 -46.50 -4.69 -10.89
C VAL H 36 -46.47 -4.50 -12.41
N GLU H 37 -47.59 -4.80 -13.09
CA GLU H 37 -47.71 -4.66 -14.54
C GLU H 37 -48.04 -3.21 -14.90
N ILE H 38 -47.25 -2.61 -15.79
CA ILE H 38 -47.38 -1.23 -16.26
C ILE H 38 -47.30 -1.13 -17.77
N GLY H 39 -48.05 -0.20 -18.33
CA GLY H 39 -48.07 0.06 -19.77
C GLY H 39 -47.22 1.28 -20.13
N ILE H 40 -46.25 1.09 -21.04
CA ILE H 40 -45.35 2.14 -21.49
C ILE H 40 -45.98 2.93 -22.65
N LYS H 41 -45.97 4.27 -22.52
CA LYS H 41 -46.55 5.20 -23.49
C LYS H 41 -45.57 5.73 -24.53
N ASP H 42 -44.33 6.06 -24.13
CA ASP H 42 -43.31 6.59 -25.05
C ASP H 42 -42.13 5.63 -25.26
N ILE H 43 -41.47 5.76 -26.42
CA ILE H 43 -40.30 4.97 -26.82
C ILE H 43 -39.05 5.31 -25.98
N GLU H 44 -39.00 6.54 -25.41
CA GLU H 44 -37.90 7.03 -24.56
C GLU H 44 -37.80 6.20 -23.27
N THR H 45 -38.95 5.86 -22.66
CA THR H 45 -39.04 5.06 -21.44
C THR H 45 -38.61 3.62 -21.73
N VAL H 46 -38.95 3.10 -22.93
CA VAL H 46 -38.59 1.76 -23.39
C VAL H 46 -37.07 1.63 -23.49
N GLN H 47 -36.42 2.57 -24.23
CA GLN H 47 -34.98 2.63 -24.44
C GLN H 47 -34.21 2.82 -23.13
N GLY H 48 -34.80 3.58 -22.21
CA GLY H 48 -34.24 3.85 -20.88
C GLY H 48 -34.24 2.62 -20.01
N PHE H 49 -35.40 1.94 -19.91
CA PHE H 49 -35.57 0.73 -19.11
C PHE H 49 -34.82 -0.49 -19.66
N GLN H 50 -34.58 -0.52 -21.00
CA GLN H 50 -33.83 -1.60 -21.69
C GLN H 50 -32.39 -1.70 -21.18
N GLN H 51 -31.86 -0.60 -20.62
CA GLN H 51 -30.51 -0.50 -20.07
C GLN H 51 -30.40 -1.18 -18.70
N ILE H 52 -31.52 -1.32 -17.96
CA ILE H 52 -31.55 -1.93 -16.62
C ILE H 52 -32.27 -3.28 -16.55
N ILE H 53 -33.38 -3.44 -17.31
CA ILE H 53 -34.18 -4.68 -17.35
C ILE H 53 -34.25 -5.27 -18.78
N PRO H 54 -34.35 -6.62 -18.94
CA PRO H 54 -34.37 -7.18 -20.31
C PRO H 54 -35.68 -6.97 -21.07
N SER H 55 -35.59 -6.87 -22.40
CA SER H 55 -36.74 -6.71 -23.29
C SER H 55 -36.97 -8.03 -24.04
N ILE H 56 -38.06 -8.73 -23.73
CA ILE H 56 -38.41 -10.01 -24.35
C ILE H 56 -39.69 -9.94 -25.19
N ASN H 57 -39.93 -10.93 -26.06
CA ASN H 57 -41.11 -10.97 -26.93
C ASN H 57 -42.15 -11.95 -26.42
N ILE H 58 -43.40 -11.46 -26.21
CA ILE H 58 -44.54 -12.25 -25.75
C ILE H 58 -45.73 -11.94 -26.67
N SER H 59 -46.33 -12.99 -27.25
CA SER H 59 -47.49 -12.87 -28.13
C SER H 59 -48.73 -12.49 -27.30
N LYS H 60 -49.66 -11.71 -27.91
CA LYS H 60 -50.90 -11.23 -27.30
C LYS H 60 -51.73 -12.35 -26.64
N SER H 61 -51.76 -13.55 -27.27
CA SER H 61 -52.47 -14.73 -26.81
C SER H 61 -51.90 -15.31 -25.50
N ASP H 62 -50.57 -15.20 -25.31
CA ASP H 62 -49.87 -15.72 -24.13
C ASP H 62 -49.80 -14.78 -22.92
N VAL H 63 -50.06 -13.46 -23.13
CA VAL H 63 -50.03 -12.42 -22.10
C VAL H 63 -50.85 -12.77 -20.84
N GLU H 64 -52.07 -13.31 -21.03
CA GLU H 64 -52.99 -13.72 -19.97
C GLU H 64 -52.37 -14.75 -19.00
N ALA H 65 -51.62 -15.73 -19.54
CA ALA H 65 -50.96 -16.79 -18.78
C ALA H 65 -49.79 -16.26 -17.94
N ILE H 66 -49.02 -15.28 -18.48
CA ILE H 66 -47.86 -14.66 -17.82
C ILE H 66 -48.30 -13.83 -16.60
N ARG H 67 -49.48 -13.19 -16.68
CA ARG H 67 -50.07 -12.36 -15.62
C ARG H 67 -50.28 -13.17 -14.34
N LYS H 68 -50.82 -14.40 -14.48
CA LYS H 68 -51.10 -15.32 -13.37
C LYS H 68 -49.82 -15.79 -12.67
N ALA H 69 -48.75 -16.03 -13.45
CA ALA H 69 -47.45 -16.48 -12.95
C ALA H 69 -46.65 -15.37 -12.27
N MET H 70 -46.75 -14.13 -12.79
CA MET H 70 -46.04 -12.96 -12.27
C MET H 70 -46.69 -12.32 -11.03
N LYS H 71 -47.97 -12.68 -10.75
CA LYS H 71 -48.74 -12.17 -9.61
C LYS H 71 -48.30 -12.87 -8.32
N LYS I 3 -3.26 -10.81 0.87
CA LYS I 3 -2.84 -10.40 2.20
C LYS I 3 -3.54 -9.11 2.68
N ILE I 4 -3.93 -8.23 1.73
CA ILE I 4 -4.60 -6.95 2.01
C ILE I 4 -6.13 -7.09 2.14
N ASN I 5 -6.72 -8.19 1.60
CA ASN I 5 -8.16 -8.49 1.59
C ASN I 5 -8.95 -7.36 0.93
N VAL I 6 -8.94 -7.32 -0.41
CA VAL I 6 -9.60 -6.31 -1.23
C VAL I 6 -11.12 -6.45 -1.25
N ASN I 7 -11.83 -5.31 -1.09
CA ASN I 7 -13.30 -5.26 -1.13
C ASN I 7 -13.77 -4.96 -2.56
N VAL I 8 -14.96 -5.47 -2.94
CA VAL I 8 -15.55 -5.30 -4.27
C VAL I 8 -16.13 -3.88 -4.53
N GLU I 9 -17.07 -3.43 -3.67
CA GLU I 9 -17.71 -2.11 -3.70
C GLU I 9 -18.38 -1.66 -5.03
N ASN I 10 -19.63 -2.11 -5.40
CA ASN I 10 -20.56 -3.12 -4.86
C ASN I 10 -21.18 -2.98 -3.44
N VAL I 11 -20.61 -2.13 -2.56
CA VAL I 11 -21.10 -1.94 -1.19
C VAL I 11 -21.54 -0.49 -0.88
N SER I 12 -22.20 0.15 -1.85
CA SER I 12 -22.68 1.54 -1.75
C SER I 12 -23.86 1.73 -0.80
N GLY I 13 -24.62 0.67 -0.55
CA GLY I 13 -25.81 0.70 0.30
C GLY I 13 -26.93 1.55 -0.27
N VAL I 14 -26.92 1.76 -1.60
CA VAL I 14 -27.89 2.56 -2.34
C VAL I 14 -28.51 1.70 -3.43
N GLN I 15 -29.84 1.59 -3.43
CA GLN I 15 -30.59 0.84 -4.42
C GLN I 15 -31.57 1.78 -5.13
N GLY I 16 -31.35 1.99 -6.42
CA GLY I 16 -32.19 2.86 -7.24
C GLY I 16 -31.57 3.29 -8.55
N PHE I 17 -32.13 4.37 -9.13
CA PHE I 17 -31.70 4.91 -10.42
C PHE I 17 -32.01 6.41 -10.57
N LEU I 18 -31.32 7.07 -11.51
CA LEU I 18 -31.56 8.46 -11.86
C LEU I 18 -32.44 8.46 -13.10
N PHE I 19 -33.39 9.42 -13.18
CA PHE I 19 -34.31 9.51 -14.31
C PHE I 19 -34.57 10.94 -14.79
N HIS I 20 -34.60 11.11 -16.12
CA HIS I 20 -34.82 12.40 -16.77
C HIS I 20 -35.50 12.22 -18.14
N THR I 21 -35.83 13.33 -18.82
CA THR I 21 -36.43 13.31 -20.16
C THR I 21 -35.71 14.25 -21.14
N ASP I 22 -35.51 13.78 -22.39
CA ASP I 22 -34.86 14.53 -23.46
C ASP I 22 -35.88 15.18 -24.41
N GLY I 23 -37.17 14.97 -24.13
CA GLY I 23 -38.28 15.50 -24.90
C GLY I 23 -38.57 16.97 -24.68
N LYS I 24 -39.69 17.46 -25.26
CA LYS I 24 -40.14 18.86 -25.21
C LYS I 24 -40.32 19.38 -23.77
N GLU I 25 -41.24 18.79 -23.00
CA GLU I 25 -41.49 19.19 -21.61
C GLU I 25 -40.57 18.39 -20.69
N SER I 26 -39.72 19.09 -19.91
CA SER I 26 -38.74 18.46 -19.02
C SER I 26 -38.95 18.76 -17.54
N TYR I 27 -38.74 17.73 -16.70
CA TYR I 27 -38.83 17.81 -15.24
C TYR I 27 -37.43 17.84 -14.61
N GLY I 28 -36.40 17.93 -15.47
CA GLY I 28 -35.00 17.93 -15.07
C GLY I 28 -34.53 16.56 -14.65
N TYR I 29 -33.58 16.51 -13.70
CA TYR I 29 -33.05 15.25 -13.16
C TYR I 29 -33.68 14.92 -11.82
N ARG I 30 -34.31 13.74 -11.73
CA ARG I 30 -34.95 13.22 -10.52
C ARG I 30 -34.42 11.81 -10.26
N ALA I 31 -34.57 11.30 -9.01
CA ALA I 31 -34.05 9.98 -8.67
C ALA I 31 -34.91 9.19 -7.70
N PHE I 32 -34.58 7.90 -7.53
CA PHE I 32 -35.19 6.98 -6.59
C PHE I 32 -34.05 6.38 -5.77
N ILE I 33 -33.96 6.73 -4.48
CA ILE I 33 -32.90 6.23 -3.60
C ILE I 33 -33.52 5.49 -2.42
N ASN I 34 -33.34 4.14 -2.41
CA ASN I 34 -33.86 3.20 -1.41
C ASN I 34 -35.38 3.31 -1.22
N GLY I 35 -36.09 3.31 -2.35
CA GLY I 35 -37.55 3.39 -2.41
C GLY I 35 -38.12 4.77 -2.15
N VAL I 36 -37.25 5.80 -2.05
CA VAL I 36 -37.64 7.20 -1.79
C VAL I 36 -37.34 8.06 -3.02
N GLU I 37 -38.38 8.75 -3.54
CA GLU I 37 -38.26 9.62 -4.72
C GLU I 37 -37.69 10.98 -4.31
N ILE I 38 -36.67 11.45 -5.06
CA ILE I 38 -35.97 12.70 -4.78
C ILE I 38 -35.76 13.58 -6.03
N GLY I 39 -35.57 14.88 -5.80
CA GLY I 39 -35.31 15.86 -6.86
C GLY I 39 -33.88 16.35 -6.82
N ILE I 40 -33.15 16.26 -7.96
CA ILE I 40 -31.76 16.70 -8.07
C ILE I 40 -31.68 18.13 -8.62
N LYS I 41 -30.99 19.04 -7.91
CA LYS I 41 -30.85 20.44 -8.28
C LYS I 41 -29.60 20.77 -9.11
N ASP I 42 -28.43 20.21 -8.74
CA ASP I 42 -27.18 20.46 -9.44
C ASP I 42 -26.66 19.26 -10.26
N ILE I 43 -25.89 19.56 -11.32
CA ILE I 43 -25.28 18.59 -12.22
C ILE I 43 -24.17 17.77 -11.54
N GLU I 44 -23.54 18.34 -10.49
CA GLU I 44 -22.47 17.70 -9.72
C GLU I 44 -22.97 16.44 -9.00
N THR I 45 -24.19 16.51 -8.44
CA THR I 45 -24.85 15.41 -7.73
C THR I 45 -25.24 14.31 -8.73
N VAL I 46 -25.65 14.69 -9.96
CA VAL I 46 -26.03 13.78 -11.05
C VAL I 46 -24.80 12.95 -11.44
N GLN I 47 -23.68 13.63 -11.76
CA GLN I 47 -22.41 13.02 -12.16
C GLN I 47 -21.81 12.12 -11.06
N GLY I 48 -22.01 12.52 -9.81
CA GLY I 48 -21.56 11.79 -8.63
C GLY I 48 -22.33 10.50 -8.42
N PHE I 49 -23.67 10.58 -8.47
CA PHE I 49 -24.56 9.43 -8.30
C PHE I 49 -24.51 8.46 -9.48
N GLN I 50 -24.16 8.94 -10.70
CA GLN I 50 -24.04 8.13 -11.91
C GLN I 50 -22.95 7.06 -11.78
N GLN I 51 -21.99 7.28 -10.86
CA GLN I 51 -20.87 6.38 -10.56
C GLN I 51 -21.31 5.19 -9.71
N ILE I 52 -22.41 5.32 -8.95
CA ILE I 52 -22.95 4.26 -8.08
C ILE I 52 -24.28 3.65 -8.54
N ILE I 53 -25.20 4.49 -9.07
CA ILE I 53 -26.52 4.06 -9.56
C ILE I 53 -26.71 4.38 -11.06
N PRO I 54 -27.50 3.59 -11.83
CA PRO I 54 -27.64 3.89 -13.27
C PRO I 54 -28.53 5.09 -13.58
N SER I 55 -28.23 5.78 -14.70
CA SER I 55 -29.00 6.92 -15.19
C SER I 55 -29.78 6.49 -16.43
N ILE I 56 -31.13 6.42 -16.30
CA ILE I 56 -32.02 6.00 -17.38
C ILE I 56 -32.96 7.12 -17.83
N ASN I 57 -33.58 6.95 -19.02
CA ASN I 57 -34.50 7.92 -19.59
C ASN I 57 -35.95 7.49 -19.42
N ILE I 58 -36.76 8.34 -18.78
CA ILE I 58 -38.19 8.12 -18.54
C ILE I 58 -38.94 9.38 -19.00
N SER I 59 -39.92 9.21 -19.91
CA SER I 59 -40.75 10.30 -20.41
C SER I 59 -41.69 10.77 -19.30
N LYS I 60 -42.03 12.08 -19.30
CA LYS I 60 -42.91 12.74 -18.32
C LYS I 60 -44.26 12.02 -18.16
N SER I 61 -44.82 11.49 -19.27
CA SER I 61 -46.09 10.77 -19.31
C SER I 61 -46.05 9.45 -18.54
N ASP I 62 -44.89 8.76 -18.55
CA ASP I 62 -44.69 7.46 -17.89
C ASP I 62 -44.28 7.53 -16.41
N VAL I 63 -43.81 8.70 -15.93
CA VAL I 63 -43.35 8.94 -14.55
C VAL I 63 -44.36 8.48 -13.48
N GLU I 64 -45.66 8.81 -13.69
CA GLU I 64 -46.77 8.44 -12.80
C GLU I 64 -46.89 6.93 -12.55
N ALA I 65 -46.70 6.13 -13.62
CA ALA I 65 -46.77 4.66 -13.57
C ALA I 65 -45.60 4.04 -12.80
N ILE I 66 -44.39 4.62 -12.95
CA ILE I 66 -43.17 4.15 -12.28
C ILE I 66 -43.25 4.36 -10.76
N ARG I 67 -43.90 5.46 -10.32
CA ARG I 67 -44.09 5.82 -8.91
C ARG I 67 -44.83 4.71 -8.15
N LYS I 68 -45.91 4.17 -8.76
CA LYS I 68 -46.76 3.12 -8.20
C LYS I 68 -46.00 1.80 -8.04
N ALA I 69 -45.12 1.47 -9.00
CA ALA I 69 -44.31 0.25 -9.01
C ALA I 69 -43.14 0.32 -8.03
N MET I 70 -42.52 1.51 -7.88
CA MET I 70 -41.37 1.72 -7.01
C MET I 70 -41.71 1.88 -5.51
N LYS I 71 -43.00 2.04 -5.17
CA LYS I 71 -43.44 2.20 -3.77
C LYS I 71 -44.25 1.00 -3.28
N ILE J 4 -6.69 -12.92 -11.51
CA ILE J 4 -6.16 -11.72 -10.85
C ILE J 4 -7.25 -10.91 -10.16
N ASN J 5 -6.88 -10.19 -9.08
CA ASN J 5 -7.76 -9.34 -8.25
C ASN J 5 -8.96 -10.08 -7.62
N VAL J 6 -8.67 -11.03 -6.70
CA VAL J 6 -9.70 -11.79 -6.00
C VAL J 6 -10.35 -10.94 -4.90
N ASN J 7 -11.68 -10.75 -4.98
CA ASN J 7 -12.45 -9.94 -4.03
C ASN J 7 -13.32 -10.80 -3.12
N VAL J 8 -13.46 -10.36 -1.84
CA VAL J 8 -14.28 -11.04 -0.85
C VAL J 8 -15.58 -10.25 -0.63
N GLU J 9 -16.73 -10.96 -0.71
CA GLU J 9 -18.07 -10.39 -0.57
C GLU J 9 -18.55 -10.40 0.89
N ASN J 10 -19.10 -9.25 1.35
CA ASN J 10 -19.63 -9.01 2.70
C ASN J 10 -18.61 -9.33 3.82
N VAL J 11 -17.49 -8.56 3.83
CA VAL J 11 -16.39 -8.74 4.79
C VAL J 11 -16.13 -7.50 5.64
N SER J 12 -16.16 -6.29 5.02
CA SER J 12 -15.90 -5.03 5.73
C SER J 12 -16.99 -4.68 6.75
N GLY J 13 -18.21 -5.18 6.53
CA GLY J 13 -19.36 -4.92 7.38
C GLY J 13 -19.80 -3.47 7.36
N VAL J 14 -19.44 -2.75 6.28
CA VAL J 14 -19.74 -1.32 6.09
C VAL J 14 -20.50 -1.15 4.78
N GLN J 15 -21.69 -0.51 4.85
CA GLN J 15 -22.53 -0.21 3.68
C GLN J 15 -22.78 1.29 3.63
N GLY J 16 -22.26 1.93 2.59
CA GLY J 16 -22.41 3.37 2.40
C GLY J 16 -21.46 4.00 1.41
N PHE J 17 -21.29 5.33 1.49
CA PHE J 17 -20.44 6.10 0.58
C PHE J 17 -19.89 7.38 1.21
N LEU J 18 -18.80 7.92 0.61
CA LEU J 18 -18.17 9.18 1.01
C LEU J 18 -18.68 10.28 0.07
N PHE J 19 -19.01 11.45 0.63
CA PHE J 19 -19.52 12.59 -0.16
C PHE J 19 -18.88 13.93 0.15
N HIS J 20 -18.60 14.71 -0.91
CA HIS J 20 -17.98 16.05 -0.85
C HIS J 20 -18.39 16.91 -2.04
N THR J 21 -18.05 18.23 -2.00
CA THR J 21 -18.33 19.16 -3.09
C THR J 21 -17.07 19.89 -3.57
N ASP J 22 -16.93 20.05 -4.90
CA ASP J 22 -15.79 20.72 -5.52
C ASP J 22 -16.10 22.19 -5.87
N GLY J 23 -17.32 22.63 -5.57
CA GLY J 23 -17.81 23.97 -5.84
C GLY J 23 -17.34 25.02 -4.85
N GLU J 25 -19.30 26.85 -2.24
CA GLU J 25 -19.22 26.63 -0.80
C GLU J 25 -19.01 25.15 -0.52
N SER J 26 -18.10 24.83 0.41
CA SER J 26 -17.77 23.44 0.76
C SER J 26 -18.03 23.11 2.24
N TYR J 27 -18.60 21.93 2.50
CA TYR J 27 -18.89 21.41 3.84
C TYR J 27 -17.80 20.42 4.28
N GLY J 28 -16.88 20.12 3.36
CA GLY J 28 -15.77 19.20 3.56
C GLY J 28 -16.15 17.77 3.18
N TYR J 29 -15.42 16.79 3.73
CA TYR J 29 -15.69 15.38 3.48
C TYR J 29 -16.60 14.81 4.56
N ARG J 30 -17.72 14.22 4.13
CA ARG J 30 -18.74 13.59 4.98
C ARG J 30 -19.06 12.20 4.44
N ALA J 31 -19.60 11.31 5.28
CA ALA J 31 -19.90 9.94 4.86
C ALA J 31 -21.14 9.34 5.53
N PHE J 32 -21.78 8.39 4.83
CA PHE J 32 -22.92 7.62 5.32
C PHE J 32 -22.41 6.21 5.58
N ILE J 33 -22.37 5.80 6.85
CA ILE J 33 -21.89 4.48 7.24
C ILE J 33 -23.00 3.73 7.97
N ASN J 34 -23.55 2.70 7.30
CA ASN J 34 -24.65 1.84 7.77
C ASN J 34 -25.90 2.65 8.18
N GLY J 35 -26.29 3.57 7.31
CA GLY J 35 -27.45 4.45 7.50
C GLY J 35 -27.25 5.59 8.48
N VAL J 36 -26.00 5.78 8.95
CA VAL J 36 -25.63 6.83 9.92
C VAL J 36 -24.70 7.85 9.23
N GLU J 37 -25.09 9.14 9.26
CA GLU J 37 -24.32 10.23 8.67
C GLU J 37 -23.23 10.69 9.64
N ILE J 38 -21.98 10.71 9.17
CA ILE J 38 -20.82 11.12 9.97
C ILE J 38 -19.90 12.08 9.20
N GLY J 39 -19.26 12.99 9.94
CA GLY J 39 -18.35 13.98 9.37
C GLY J 39 -16.89 13.63 9.56
N ILE J 40 -16.14 13.60 8.44
CA ILE J 40 -14.71 13.28 8.44
C ILE J 40 -13.89 14.55 8.68
N LYS J 41 -12.94 14.48 9.62
CA LYS J 41 -12.07 15.60 10.01
C LYS J 41 -10.72 15.59 9.30
N ASP J 42 -10.09 14.41 9.14
CA ASP J 42 -8.78 14.29 8.50
C ASP J 42 -8.81 13.55 7.15
N ILE J 43 -7.82 13.86 6.28
CA ILE J 43 -7.65 13.27 4.95
C ILE J 43 -7.24 11.79 5.00
N GLU J 44 -6.60 11.36 6.11
CA GLU J 44 -6.14 9.98 6.35
C GLU J 44 -7.33 9.02 6.42
N THR J 45 -8.42 9.43 7.10
CA THR J 45 -9.65 8.66 7.26
C THR J 45 -10.39 8.56 5.91
N VAL J 46 -10.32 9.63 5.08
CA VAL J 46 -10.93 9.70 3.74
C VAL J 46 -10.26 8.65 2.84
N GLN J 47 -8.91 8.69 2.75
CA GLN J 47 -8.09 7.77 1.96
C GLN J 47 -8.25 6.31 2.40
N GLY J 48 -8.43 6.10 3.70
CA GLY J 48 -8.63 4.80 4.30
C GLY J 48 -9.97 4.20 3.94
N PHE J 49 -11.05 4.99 4.12
CA PHE J 49 -12.42 4.58 3.80
C PHE J 49 -12.70 4.41 2.31
N GLN J 50 -11.95 5.15 1.45
CA GLN J 50 -12.06 5.08 -0.01
C GLN J 50 -11.71 3.68 -0.55
N GLN J 51 -10.94 2.91 0.23
CA GLN J 51 -10.52 1.54 -0.09
C GLN J 51 -11.64 0.51 0.13
N ILE J 52 -12.63 0.84 1.00
CA ILE J 52 -13.76 -0.05 1.31
C ILE J 52 -15.12 0.44 0.78
N ILE J 53 -15.37 1.77 0.82
CA ILE J 53 -16.62 2.39 0.34
C ILE J 53 -16.36 3.42 -0.79
N PRO J 54 -17.30 3.62 -1.76
CA PRO J 54 -17.03 4.59 -2.84
C PRO J 54 -17.12 6.05 -2.43
N SER J 55 -16.35 6.92 -3.11
CA SER J 55 -16.35 8.37 -2.89
C SER J 55 -17.03 9.05 -4.07
N ILE J 56 -18.20 9.65 -3.82
CA ILE J 56 -19.01 10.34 -4.84
C ILE J 56 -19.13 11.86 -4.56
N ASN J 57 -19.55 12.63 -5.58
CA ASN J 57 -19.71 14.08 -5.46
C ASN J 57 -21.17 14.49 -5.32
N ILE J 58 -21.49 15.22 -4.24
CA ILE J 58 -22.84 15.73 -3.93
C ILE J 58 -22.72 17.23 -3.61
N SER J 59 -23.48 18.07 -4.34
CA SER J 59 -23.51 19.51 -4.14
C SER J 59 -24.23 19.84 -2.82
N LYS J 60 -23.81 20.93 -2.15
CA LYS J 60 -24.36 21.41 -0.88
C LYS J 60 -25.89 21.55 -0.88
N SER J 61 -26.46 22.01 -2.03
CA SER J 61 -27.90 22.21 -2.24
C SER J 61 -28.68 20.90 -2.21
N ASP J 62 -28.07 19.80 -2.71
CA ASP J 62 -28.70 18.48 -2.79
C ASP J 62 -28.56 17.59 -1.55
N VAL J 63 -27.63 17.93 -0.64
CA VAL J 63 -27.35 17.19 0.63
C VAL J 63 -28.62 16.91 1.45
N GLU J 64 -29.50 17.94 1.61
CA GLU J 64 -30.76 17.87 2.35
C GLU J 64 -31.69 16.76 1.85
N ALA J 65 -31.78 16.60 0.51
CA ALA J 65 -32.63 15.60 -0.15
C ALA J 65 -32.12 14.18 0.06
N ILE J 66 -30.77 13.99 0.05
CA ILE J 66 -30.11 12.69 0.23
C ILE J 66 -30.32 12.16 1.66
N ARG J 67 -30.35 13.08 2.66
CA ARG J 67 -30.57 12.75 4.07
C ARG J 67 -31.90 12.03 4.30
N LYS J 68 -32.98 12.53 3.65
CA LYS J 68 -34.33 11.97 3.74
C LYS J 68 -34.42 10.58 3.14
N ALA J 69 -33.71 10.33 2.02
CA ALA J 69 -33.68 9.05 1.32
C ALA J 69 -32.83 8.00 2.04
N MET J 70 -31.71 8.42 2.67
CA MET J 70 -30.78 7.54 3.38
C MET J 70 -31.25 7.17 4.80
N LYS J 71 -32.24 7.91 5.34
CA LYS J 71 -32.80 7.66 6.67
C LYS J 71 -33.75 6.46 6.66
N ILE K 4 17.25 6.00 13.56
CA ILE K 4 16.95 4.80 12.78
C ILE K 4 17.14 5.01 11.27
N ASN K 5 16.80 6.22 10.76
CA ASN K 5 16.89 6.57 9.34
C ASN K 5 18.25 7.13 8.92
N VAL K 6 18.72 6.75 7.71
CA VAL K 6 20.00 7.19 7.13
C VAL K 6 19.78 8.22 6.00
N ASN K 7 20.40 9.41 6.13
CA ASN K 7 20.30 10.49 5.15
C ASN K 7 21.65 10.74 4.49
N ASN K 10 25.13 12.83 -0.70
CA ASN K 10 24.69 11.76 -1.61
C ASN K 10 23.55 12.25 -2.51
N VAL K 11 23.85 12.44 -3.81
CA VAL K 11 22.89 12.91 -4.83
C VAL K 11 22.95 12.01 -6.07
N SER K 12 21.81 11.88 -6.78
CA SER K 12 21.68 11.12 -8.03
C SER K 12 22.06 12.00 -9.23
N GLY K 13 21.98 11.44 -10.44
CA GLY K 13 22.30 12.14 -11.68
C GLY K 13 21.37 13.29 -12.00
N VAL K 14 20.08 13.14 -11.66
CA VAL K 14 19.02 14.14 -11.90
C VAL K 14 18.37 14.63 -10.59
N GLN K 15 17.49 15.65 -10.70
CA GLN K 15 16.77 16.24 -9.57
C GLN K 15 15.33 16.60 -9.97
N GLY K 16 14.37 15.83 -9.45
CA GLY K 16 12.95 16.01 -9.73
C GLY K 16 12.07 14.90 -9.19
N PHE K 17 10.89 14.71 -9.79
CA PHE K 17 9.92 13.68 -9.40
C PHE K 17 9.03 13.21 -10.55
N LEU K 18 8.46 11.99 -10.40
CA LEU K 18 7.53 11.39 -11.36
C LEU K 18 6.09 11.61 -10.89
N PHE K 19 5.17 11.82 -11.85
CA PHE K 19 3.74 12.07 -11.63
C PHE K 19 2.85 10.95 -12.19
N HIS K 20 1.92 10.43 -11.36
CA HIS K 20 0.97 9.36 -11.72
C HIS K 20 -0.34 9.48 -10.92
N THR K 21 -1.47 9.74 -11.62
CA THR K 21 -2.79 9.88 -10.99
C THR K 21 -3.61 8.58 -11.09
N ILE K 33 20.84 16.98 -12.63
CA ILE K 33 20.08 17.92 -11.81
C ILE K 33 19.08 18.74 -12.65
N ASN K 34 17.98 19.20 -12.01
CA ASN K 34 16.90 20.02 -12.58
C ASN K 34 16.17 19.39 -13.79
N GLY K 35 15.30 20.18 -14.43
CA GLY K 35 14.53 19.76 -15.59
C GLY K 35 13.33 20.64 -15.89
N VAL K 36 12.66 20.38 -17.02
CA VAL K 36 11.47 21.11 -17.45
C VAL K 36 10.23 20.22 -17.38
N GLU K 37 9.99 19.39 -18.43
CA GLU K 37 8.86 18.46 -18.52
C GLU K 37 9.15 17.30 -19.47
N ILE K 38 8.80 16.07 -19.04
CA ILE K 38 8.98 14.85 -19.84
C ILE K 38 7.63 14.30 -20.28
N GLY K 39 7.39 14.32 -21.59
CA GLY K 39 6.15 13.86 -22.20
C GLY K 39 6.16 12.42 -22.64
N ILE K 40 7.29 11.94 -23.20
CA ILE K 40 7.48 10.57 -23.70
C ILE K 40 7.37 9.54 -22.56
N LYS K 41 6.37 8.64 -22.66
CA LYS K 41 6.10 7.64 -21.64
C LYS K 41 6.16 6.19 -22.11
N ASP K 42 6.70 5.33 -21.23
CA ASP K 42 6.86 3.88 -21.36
C ASP K 42 7.07 3.36 -19.94
N ILE K 43 6.50 2.18 -19.63
CA ILE K 43 6.59 1.59 -18.29
C ILE K 43 8.03 1.31 -17.82
N GLU K 44 8.93 0.95 -18.76
CA GLU K 44 10.34 0.65 -18.52
C GLU K 44 11.09 1.89 -18.01
N THR K 45 10.81 3.06 -18.61
CA THR K 45 11.39 4.36 -18.24
C THR K 45 10.90 4.78 -16.85
N VAL K 46 9.61 4.51 -16.54
CA VAL K 46 8.97 4.81 -15.25
C VAL K 46 9.67 4.04 -14.14
N GLN K 47 9.78 2.70 -14.30
CA GLN K 47 10.43 1.78 -13.34
C GLN K 47 11.91 2.11 -13.14
N GLY K 48 12.57 2.56 -14.22
CA GLY K 48 13.97 2.95 -14.21
C GLY K 48 14.21 4.21 -13.42
N PHE K 49 13.42 5.27 -13.71
CA PHE K 49 13.52 6.57 -13.04
C PHE K 49 13.07 6.53 -11.57
N GLN K 50 12.16 5.59 -11.22
CA GLN K 50 11.65 5.39 -9.84
C GLN K 50 12.77 5.02 -8.87
N GLN K 51 13.88 4.46 -9.40
CA GLN K 51 15.06 4.04 -8.64
C GLN K 51 15.94 5.24 -8.23
N ILE K 52 15.86 6.36 -8.97
CA ILE K 52 16.64 7.58 -8.71
C ILE K 52 15.82 8.78 -8.19
N ILE K 53 14.60 8.97 -8.73
CA ILE K 53 13.69 10.06 -8.33
C ILE K 53 12.35 9.53 -7.77
N PRO K 54 11.67 10.25 -6.82
CA PRO K 54 10.41 9.71 -6.26
C PRO K 54 9.20 9.83 -7.19
N SER K 55 8.25 8.90 -7.05
CA SER K 55 7.01 8.89 -7.83
C SER K 55 5.84 9.29 -6.93
N ILE K 56 5.25 10.47 -7.19
CA ILE K 56 4.14 11.01 -6.40
C ILE K 56 2.85 11.15 -7.23
N ASN K 57 1.70 11.35 -6.56
CA ASN K 57 0.40 11.49 -7.20
C ASN K 57 -0.08 12.94 -7.25
N ILE K 58 -0.38 13.44 -8.47
CA ILE K 58 -0.88 14.80 -8.69
C ILE K 58 -2.11 14.73 -9.61
N SER K 59 -3.23 15.33 -9.17
CA SER K 59 -4.48 15.36 -9.95
C SER K 59 -4.34 16.29 -11.14
N LYS K 60 -5.01 15.96 -12.26
CA LYS K 60 -5.01 16.72 -13.52
C LYS K 60 -5.34 18.20 -13.33
N SER K 61 -6.29 18.51 -12.42
CA SER K 61 -6.74 19.86 -12.09
C SER K 61 -5.64 20.71 -11.44
N ASP K 62 -4.77 20.09 -10.62
CA ASP K 62 -3.69 20.76 -9.89
C ASP K 62 -2.37 20.90 -10.66
N VAL K 63 -2.18 20.15 -11.77
CA VAL K 63 -0.98 20.17 -12.62
C VAL K 63 -0.55 21.58 -13.05
N GLU K 64 -1.52 22.43 -13.46
CA GLU K 64 -1.31 23.81 -13.90
C GLU K 64 -0.63 24.68 -12.83
N ALA K 65 -1.03 24.51 -11.55
CA ALA K 65 -0.48 25.24 -10.41
C ALA K 65 0.97 24.84 -10.09
N ILE K 66 1.30 23.53 -10.24
CA ILE K 66 2.64 22.98 -9.98
C ILE K 66 3.66 23.50 -11.00
N ARG K 67 3.22 23.71 -12.26
CA ARG K 67 4.04 24.22 -13.36
C ARG K 67 4.62 25.61 -13.05
N LYS K 68 3.79 26.50 -12.46
CA LYS K 68 4.17 27.85 -12.08
C LYS K 68 5.19 27.87 -10.94
N LYS L 3 15.80 8.97 18.07
CA LYS L 3 16.05 8.63 16.67
C LYS L 3 17.47 9.02 16.25
N ILE L 4 18.20 8.08 15.62
CA ILE L 4 19.57 8.28 15.16
C ILE L 4 19.64 8.51 13.65
N ASN L 5 20.06 9.72 13.24
CA ASN L 5 20.20 10.10 11.83
C ASN L 5 21.67 10.06 11.40
N VAL L 6 21.97 9.33 10.31
CA VAL L 6 23.32 9.17 9.77
C VAL L 6 23.47 9.95 8.45
N ASN L 7 24.40 10.91 8.42
CA ASN L 7 24.67 11.74 7.24
C ASN L 7 26.02 11.37 6.62
N VAL L 8 26.03 11.12 5.30
CA VAL L 8 27.23 10.74 4.55
C VAL L 8 27.36 11.48 3.22
N GLU L 9 28.59 11.89 2.86
CA GLU L 9 28.91 12.60 1.62
C GLU L 9 29.23 11.62 0.47
N ASN L 10 29.81 12.12 -0.65
CA ASN L 10 30.17 11.32 -1.82
C ASN L 10 31.50 11.76 -2.44
N VAL L 11 32.34 10.79 -2.84
CA VAL L 11 33.64 11.01 -3.45
C VAL L 11 33.82 10.12 -4.69
N ILE L 38 27.89 10.02 -23.11
CA ILE L 38 29.05 9.17 -23.34
C ILE L 38 28.66 7.80 -23.90
N GLY L 39 29.57 7.21 -24.68
CA GLY L 39 29.39 5.90 -25.30
C GLY L 39 30.10 4.79 -24.54
N ILE L 40 29.32 3.77 -24.11
CA ILE L 40 29.82 2.64 -23.34
C ILE L 40 30.43 1.57 -24.24
N LYS L 41 31.68 1.15 -23.94
CA LYS L 41 32.39 0.11 -24.68
C LYS L 41 32.27 -1.26 -24.02
N THR L 45 33.10 -2.59 -18.22
CA THR L 45 32.97 -1.16 -17.95
C THR L 45 31.64 -0.84 -17.25
N VAL L 46 30.55 -1.55 -17.63
CA VAL L 46 29.22 -1.41 -17.05
C VAL L 46 29.25 -1.81 -15.56
N GLN L 47 29.78 -3.01 -15.27
CA GLN L 47 29.93 -3.57 -13.92
C GLN L 47 30.84 -2.71 -13.03
N GLY L 48 31.87 -2.11 -13.64
CA GLY L 48 32.81 -1.22 -12.98
C GLY L 48 32.18 0.10 -12.58
N PHE L 49 31.48 0.75 -13.52
CA PHE L 49 30.80 2.03 -13.29
C PHE L 49 29.58 1.91 -12.37
N GLN L 50 28.94 0.72 -12.30
CA GLN L 50 27.79 0.43 -11.44
C GLN L 50 28.14 0.57 -9.95
N GLN L 51 29.44 0.44 -9.62
CA GLN L 51 29.98 0.57 -8.26
C GLN L 51 30.07 2.04 -7.80
N ILE L 52 30.14 3.00 -8.75
CA ILE L 52 30.22 4.43 -8.44
C ILE L 52 28.97 5.24 -8.82
N ILE L 53 28.32 4.91 -9.95
CA ILE L 53 27.09 5.59 -10.42
C ILE L 53 25.90 4.60 -10.54
N PRO L 54 24.62 5.06 -10.35
CA PRO L 54 23.50 4.10 -10.44
C PRO L 54 23.13 3.67 -11.86
N SER L 55 22.59 2.45 -11.98
CA SER L 55 22.15 1.88 -13.25
C SER L 55 20.62 1.86 -13.29
N ILE L 56 20.04 2.67 -14.20
CA ILE L 56 18.58 2.79 -14.36
C ILE L 56 18.09 2.26 -15.72
N LYS L 60 13.57 2.85 -24.91
CA LYS L 60 14.20 3.37 -26.13
C LYS L 60 13.44 4.57 -26.71
N SER L 61 12.09 4.54 -26.65
CA SER L 61 11.22 5.60 -27.16
C SER L 61 11.34 6.91 -26.36
N ASP L 62 11.60 6.81 -25.04
CA ASP L 62 11.73 7.95 -24.13
C ASP L 62 13.13 8.57 -24.04
N VAL L 63 14.18 7.86 -24.53
CA VAL L 63 15.58 8.29 -24.53
C VAL L 63 15.79 9.69 -25.12
N GLU L 64 15.12 10.00 -26.26
CA GLU L 64 15.18 11.29 -26.95
C GLU L 64 14.78 12.47 -26.06
N ALA L 65 13.73 12.29 -25.24
CA ALA L 65 13.21 13.31 -24.31
C ALA L 65 14.18 13.58 -23.15
N ILE L 66 14.84 12.53 -22.63
CA ILE L 66 15.81 12.62 -21.52
C ILE L 66 17.06 13.40 -21.93
N ARG L 67 17.49 13.26 -23.21
CA ARG L 67 18.66 13.94 -23.78
C ARG L 67 18.52 15.45 -23.71
N LYS L 68 17.32 15.98 -24.02
CA LYS L 68 17.00 17.41 -24.00
C LYS L 68 17.05 17.99 -22.58
N ALA L 69 16.57 17.21 -21.59
CA ALA L 69 16.53 17.60 -20.18
C ALA L 69 17.92 17.55 -19.53
N ILE M 4 19.85 11.98 17.63
CA ILE M 4 21.31 11.95 17.60
C ILE M 4 21.84 11.93 16.15
N ASN M 5 22.50 13.04 15.74
CA ASN M 5 23.07 13.19 14.41
C ASN M 5 24.54 12.74 14.37
N VAL M 6 24.89 11.90 13.38
CA VAL M 6 26.24 11.35 13.19
C VAL M 6 26.74 11.49 11.74
N ASN M 7 28.00 11.93 11.57
CA ASN M 7 28.64 12.12 10.27
C ASN M 7 29.96 11.34 10.16
N VAL M 8 30.89 11.56 11.12
CA VAL M 8 32.22 10.91 11.20
C VAL M 8 32.80 11.03 12.61
N ASN M 10 34.88 12.69 3.76
CA ASN M 10 34.79 14.09 3.36
C ASN M 10 36.01 14.90 3.82
N VAL M 11 36.59 14.54 4.98
CA VAL M 11 37.75 15.19 5.61
C VAL M 11 39.05 15.12 4.80
N SER M 12 39.17 14.13 3.90
CA SER M 12 40.33 13.94 3.03
C SER M 12 40.49 15.09 2.03
N GLY M 13 39.38 15.52 1.43
CA GLY M 13 39.33 16.60 0.45
C GLY M 13 39.97 16.23 -0.88
N VAL M 14 39.44 15.18 -1.52
CA VAL M 14 39.96 14.68 -2.80
C VAL M 14 39.00 14.76 -3.99
N GLN M 15 37.87 14.00 -3.96
CA GLN M 15 36.87 13.89 -5.03
C GLN M 15 37.47 13.29 -6.32
N GLY M 16 37.26 11.99 -6.52
CA GLY M 16 37.76 11.25 -7.66
C GLY M 16 37.66 9.74 -7.53
N PHE M 17 38.25 9.01 -8.51
CA PHE M 17 38.25 7.54 -8.57
C PHE M 17 39.45 6.96 -9.32
N LEU M 18 39.96 5.81 -8.85
CA LEU M 18 41.08 5.08 -9.45
C LEU M 18 40.56 4.16 -10.55
N PHE M 19 41.25 4.11 -11.70
CA PHE M 19 40.84 3.29 -12.85
C PHE M 19 41.98 2.45 -13.44
N TYR M 29 47.66 1.31 -13.49
CA TYR M 29 46.77 2.07 -12.60
C TYR M 29 46.90 3.57 -12.84
N ARG M 30 45.74 4.21 -13.05
CA ARG M 30 45.62 5.65 -13.29
C ARG M 30 44.49 6.20 -12.42
N PHE M 32 42.27 9.12 -11.45
CA PHE M 32 42.01 10.55 -11.51
C PHE M 32 41.69 11.14 -10.13
N ILE M 33 42.28 12.30 -9.81
CA ILE M 33 42.09 12.99 -8.54
C ILE M 33 41.03 14.10 -8.68
N ASN M 34 41.28 15.31 -8.12
CA ASN M 34 40.37 16.46 -8.16
C ASN M 34 40.27 17.06 -9.57
N GLY M 35 39.52 16.38 -10.44
CA GLY M 35 39.31 16.76 -11.83
C GLY M 35 40.54 16.62 -12.73
N VAL M 36 41.68 16.19 -12.16
CA VAL M 36 42.94 16.03 -12.87
C VAL M 36 43.34 14.56 -12.95
N GLU M 37 43.56 14.05 -14.18
CA GLU M 37 43.96 12.66 -14.43
C GLU M 37 45.47 12.51 -14.24
N ILE M 38 45.89 11.58 -13.37
CA ILE M 38 47.30 11.30 -13.05
C ILE M 38 47.60 9.81 -13.11
N GLY M 39 48.84 9.47 -13.47
CA GLY M 39 49.29 8.10 -13.59
C GLY M 39 50.07 7.60 -12.39
N ILE M 40 49.60 6.49 -11.79
CA ILE M 40 50.25 5.86 -10.65
C ILE M 40 51.35 4.91 -11.11
N LYS M 41 52.56 5.06 -10.54
CA LYS M 41 53.74 4.24 -10.89
C LYS M 41 53.97 3.08 -9.92
N ASP M 42 53.74 3.30 -8.61
CA ASP M 42 53.95 2.29 -7.55
C ASP M 42 52.67 1.70 -6.97
N ILE M 43 52.77 0.48 -6.40
CA ILE M 43 51.68 -0.26 -5.78
C ILE M 43 51.04 0.44 -4.57
N GLU M 44 51.79 1.35 -3.89
CA GLU M 44 51.28 2.10 -2.75
C GLU M 44 52.08 3.41 -2.53
N THR M 45 51.70 4.58 -3.10
CA THR M 45 50.64 4.99 -4.05
C THR M 45 49.23 4.34 -4.00
N VAL M 46 48.88 3.50 -5.01
CA VAL M 46 47.59 2.83 -5.23
C VAL M 46 46.81 2.35 -4.01
N GLN M 47 47.42 1.51 -3.16
CA GLN M 47 46.84 0.96 -1.92
C GLN M 47 46.49 2.07 -0.92
N GLY M 48 47.28 3.14 -0.93
CA GLY M 48 47.08 4.30 -0.07
C GLY M 48 45.84 5.09 -0.46
N PHE M 49 45.71 5.43 -1.76
CA PHE M 49 44.58 6.17 -2.31
C PHE M 49 43.26 5.38 -2.29
N GLN M 50 43.35 4.04 -2.35
CA GLN M 50 42.18 3.16 -2.31
C GLN M 50 41.39 3.27 -0.99
N GLN M 51 42.07 3.74 0.07
CA GLN M 51 41.50 3.96 1.40
C GLN M 51 40.63 5.23 1.46
N ILE M 52 40.87 6.22 0.56
CA ILE M 52 40.13 7.48 0.51
C ILE M 52 39.20 7.63 -0.71
N ILE M 53 39.63 7.14 -1.90
CA ILE M 53 38.84 7.20 -3.14
C ILE M 53 38.56 5.79 -3.70
N PRO M 54 37.41 5.55 -4.39
CA PRO M 54 37.13 4.18 -4.89
C PRO M 54 37.96 3.77 -6.09
N ILE M 58 40.91 -3.12 -16.64
CA ILE M 58 41.20 -1.70 -16.74
C ILE M 58 40.29 -0.97 -17.73
N SER M 59 39.75 -1.70 -18.74
CA SER M 59 38.87 -1.23 -19.82
C SER M 59 39.51 -0.13 -20.69
N LYS M 60 40.66 -0.48 -21.31
CA LYS M 60 41.46 0.39 -22.19
C LYS M 60 40.63 1.02 -23.32
N SER M 61 39.67 0.26 -23.87
CA SER M 61 38.77 0.69 -24.94
C SER M 61 37.80 1.80 -24.50
N ASP M 62 37.37 1.79 -23.23
CA ASP M 62 36.43 2.77 -22.68
C ASP M 62 37.07 4.05 -22.11
N VAL M 63 38.41 4.04 -21.86
CA VAL M 63 39.18 5.17 -21.31
C VAL M 63 38.96 6.49 -22.08
N GLU M 64 38.95 6.42 -23.43
CA GLU M 64 38.74 7.57 -24.32
C GLU M 64 37.41 8.31 -24.06
N ALA M 65 36.33 7.55 -23.81
CA ALA M 65 35.00 8.09 -23.53
C ALA M 65 34.93 8.80 -22.16
N ILE M 66 35.62 8.24 -21.14
CA ILE M 66 35.66 8.80 -19.78
C ILE M 66 36.42 10.12 -19.72
N ARG M 67 37.53 10.24 -20.49
CA ARG M 67 38.45 11.38 -20.54
C ARG M 67 37.83 12.79 -20.64
N LYS M 68 36.58 12.89 -21.13
CA LYS M 68 35.87 14.16 -21.23
C LYS M 68 35.36 14.59 -19.85
N ALA M 69 36.11 15.47 -19.17
CA ALA M 69 35.80 15.98 -17.83
C ALA M 69 35.49 17.48 -17.84
N MET M 70 36.24 18.27 -18.64
CA MET M 70 36.14 19.73 -18.80
C MET M 70 36.28 20.50 -17.49
N ASN N 10 33.87 22.16 7.73
CA ASN N 10 34.64 21.30 8.61
C ASN N 10 34.87 21.97 9.96
N VAL N 11 34.53 21.27 11.08
CA VAL N 11 34.70 21.77 12.45
C VAL N 11 36.17 22.09 12.74
N SER N 12 37.09 21.20 12.30
CA SER N 12 38.54 21.40 12.44
C SER N 12 39.05 22.51 11.50
N GLY N 13 38.37 22.72 10.38
CA GLY N 13 38.74 23.71 9.37
C GLY N 13 40.04 23.39 8.66
N VAL N 14 40.45 22.10 8.70
CA VAL N 14 41.66 21.56 8.09
C VAL N 14 41.27 20.48 7.09
N GLN N 15 41.61 20.72 5.80
CA GLN N 15 41.29 19.81 4.70
C GLN N 15 42.56 19.43 3.98
N GLY N 16 42.81 18.13 3.95
CA GLY N 16 43.98 17.53 3.32
C GLY N 16 44.25 16.16 3.88
N PHE N 17 45.46 15.66 3.63
CA PHE N 17 45.92 14.34 4.10
C PHE N 17 47.44 14.31 4.22
N LEU N 18 47.97 13.29 4.91
CA LEU N 18 49.41 13.12 5.10
C LEU N 18 49.92 11.93 4.29
N PHE N 19 51.06 12.11 3.62
CA PHE N 19 51.70 11.08 2.80
C PHE N 19 53.09 10.75 3.32
N HIS N 20 53.42 9.44 3.39
CA HIS N 20 54.71 8.93 3.86
C HIS N 20 55.01 7.51 3.36
N THR N 21 56.26 7.05 3.53
CA THR N 21 56.72 5.70 3.15
C THR N 21 57.72 5.13 4.16
N GLU N 25 64.89 4.93 0.21
CA GLU N 25 65.03 6.37 0.40
C GLU N 25 63.66 7.02 0.58
N SER N 26 63.45 7.68 1.74
CA SER N 26 62.19 8.33 2.08
C SER N 26 62.30 9.83 2.36
N TYR N 27 61.21 10.55 2.09
CA TYR N 27 61.08 11.99 2.33
C TYR N 27 60.65 12.25 3.79
N GLY N 28 59.94 11.28 4.37
CA GLY N 28 59.43 11.36 5.73
C GLY N 28 57.95 11.63 5.76
N TYR N 29 57.47 12.29 6.83
CA TYR N 29 56.06 12.64 6.98
C TYR N 29 55.77 14.01 6.34
N ARG N 30 54.65 14.10 5.59
CA ARG N 30 54.22 15.33 4.92
C ARG N 30 52.70 15.45 4.92
N PHE N 32 49.96 17.50 3.66
CA PHE N 32 49.43 18.66 2.96
C PHE N 32 48.07 19.07 3.54
N ILE N 33 47.89 20.38 3.81
CA ILE N 33 46.66 20.93 4.36
C ILE N 33 45.81 21.62 3.28
N ASN N 34 45.03 22.67 3.65
CA ASN N 34 44.16 23.52 2.82
C ASN N 34 44.81 24.01 1.51
N GLY N 35 45.01 23.07 0.59
CA GLY N 35 45.63 23.33 -0.71
C GLY N 35 47.11 23.63 -0.70
N VAL N 36 47.73 23.77 0.48
CA VAL N 36 49.15 24.06 0.64
C VAL N 36 49.90 22.86 1.21
N GLU N 37 51.01 22.49 0.56
CA GLU N 37 51.85 21.36 0.97
C GLU N 37 52.91 21.79 1.97
N ILE N 38 53.00 21.09 3.11
CA ILE N 38 53.94 21.36 4.20
C ILE N 38 54.65 20.09 4.66
N GLY N 39 55.92 20.23 5.04
CA GLY N 39 56.75 19.13 5.52
C GLY N 39 56.86 19.09 7.02
N ILE N 40 56.51 17.93 7.61
CA ILE N 40 56.56 17.70 9.05
C ILE N 40 57.96 17.28 9.50
N LYS N 41 58.48 17.94 10.54
CA LYS N 41 59.81 17.69 11.08
C LYS N 41 59.80 16.76 12.30
N ASP N 42 58.83 16.93 13.21
CA ASP N 42 58.71 16.12 14.43
C ASP N 42 57.54 15.14 14.42
N ILE N 43 57.68 14.04 15.18
CA ILE N 43 56.68 12.98 15.31
C ILE N 43 55.42 13.42 16.06
N GLU N 44 55.55 14.42 16.97
CA GLU N 44 54.44 14.98 17.75
C GLU N 44 53.39 15.59 16.81
N THR N 45 53.84 16.40 15.82
CA THR N 45 52.98 17.05 14.83
C THR N 45 52.26 16.03 13.95
N VAL N 46 52.94 14.90 13.64
CA VAL N 46 52.39 13.78 12.84
C VAL N 46 51.23 13.14 13.61
N GLN N 47 51.46 12.76 14.89
CA GLN N 47 50.48 12.14 15.79
C GLN N 47 49.30 13.07 16.07
N GLY N 48 49.56 14.38 16.12
CA GLY N 48 48.55 15.40 16.34
C GLY N 48 47.64 15.58 15.14
N PHE N 49 48.25 15.77 13.95
CA PHE N 49 47.57 15.96 12.66
C PHE N 49 46.72 14.77 12.23
N GLN N 50 47.21 13.52 12.47
CA GLN N 50 46.49 12.29 12.12
C GLN N 50 45.13 12.12 12.82
N GLN N 51 44.93 12.81 13.97
CA GLN N 51 43.66 12.82 14.71
C GLN N 51 42.57 13.60 13.97
N ILE N 52 42.95 14.55 13.08
CA ILE N 52 42.01 15.37 12.30
C ILE N 52 41.94 15.04 10.81
N ILE N 53 43.09 14.71 10.18
CA ILE N 53 43.17 14.35 8.75
C ILE N 53 43.67 12.90 8.52
N PRO N 54 43.25 12.18 7.44
CA PRO N 54 43.73 10.80 7.24
C PRO N 54 45.16 10.70 6.71
N SER N 55 45.80 9.53 6.91
CA SER N 55 47.17 9.25 6.46
C SER N 55 47.19 8.12 5.45
N SER N 59 55.10 7.39 -0.87
CA SER N 59 55.50 7.08 -2.24
C SER N 59 56.38 8.19 -2.79
N LYS N 60 57.60 7.84 -3.25
CA LYS N 60 58.53 8.84 -3.78
C LYS N 60 58.29 9.15 -5.26
N SER N 61 58.08 8.11 -6.08
CA SER N 61 57.86 8.20 -7.53
C SER N 61 56.53 8.89 -7.87
N ASP N 62 55.49 8.68 -7.04
CA ASP N 62 54.14 9.23 -7.25
C ASP N 62 53.91 10.64 -6.68
N VAL N 63 54.79 11.11 -5.76
CA VAL N 63 54.72 12.42 -5.10
C VAL N 63 54.55 13.59 -6.09
N GLU N 64 55.33 13.58 -7.19
CA GLU N 64 55.31 14.60 -8.25
C GLU N 64 53.94 14.77 -8.89
N ALA N 65 53.22 13.65 -9.12
CA ALA N 65 51.88 13.63 -9.72
C ALA N 65 50.81 14.22 -8.78
N ILE N 66 50.92 13.95 -7.46
CA ILE N 66 49.99 14.45 -6.43
C ILE N 66 50.05 15.97 -6.29
N ARG N 67 51.25 16.56 -6.44
CA ARG N 67 51.51 17.99 -6.36
C ARG N 67 50.71 18.79 -7.39
N LYS N 68 50.64 18.27 -8.63
CA LYS N 68 49.92 18.86 -9.76
C LYS N 68 48.40 18.83 -9.57
N ALA N 69 47.90 17.77 -8.92
CA ALA N 69 46.47 17.58 -8.67
C ALA N 69 45.89 18.56 -7.64
N MET N 70 46.72 19.27 -6.85
CA MET N 70 46.24 20.25 -5.87
C MET N 70 46.13 21.67 -6.47
N LYS N 71 44.96 22.31 -6.29
CA LYS N 71 44.62 23.67 -6.75
C LYS N 71 44.83 23.91 -8.27
N ASN O 7 24.50 14.98 20.05
CA ASN O 7 23.16 14.76 19.51
C ASN O 7 22.87 15.56 18.23
N VAL O 8 23.80 16.45 17.83
CA VAL O 8 23.69 17.29 16.63
C VAL O 8 25.07 17.65 16.02
N GLU O 9 25.06 18.37 14.88
CA GLU O 9 26.26 18.82 14.15
C GLU O 9 26.81 20.16 14.69
N ASN O 10 27.79 20.77 13.99
CA ASN O 10 28.41 22.04 14.36
C ASN O 10 27.65 23.24 13.76
N VAL O 11 27.23 24.17 14.64
CA VAL O 11 26.48 25.40 14.32
C VAL O 11 27.20 26.63 14.95
N SER O 12 28.23 26.36 15.76
CA SER O 12 29.09 27.30 16.51
C SER O 12 29.63 28.51 15.72
N GLY O 13 29.70 28.40 14.39
CA GLY O 13 30.22 29.44 13.53
C GLY O 13 31.71 29.68 13.69
N VAL O 14 32.43 28.67 14.24
CA VAL O 14 33.85 28.70 14.50
C VAL O 14 34.52 27.53 13.78
N GLN O 15 35.50 27.83 12.92
CA GLN O 15 36.26 26.83 12.16
C GLN O 15 37.74 26.96 12.51
N GLY O 16 38.28 25.91 13.14
CA GLY O 16 39.67 25.88 13.56
C GLY O 16 40.00 24.82 14.59
N PHE O 17 41.16 24.99 15.25
CA PHE O 17 41.68 24.06 16.25
C PHE O 17 42.59 24.73 17.28
N LEU O 18 42.77 24.07 18.44
CA LEU O 18 43.66 24.49 19.53
C LEU O 18 44.97 23.71 19.39
N PHE O 19 46.12 24.39 19.56
CA PHE O 19 47.43 23.75 19.43
C PHE O 19 48.40 24.10 20.55
N HIS O 20 49.14 23.09 21.04
CA HIS O 20 50.13 23.20 22.11
C HIS O 20 51.22 22.11 21.95
N THR O 21 52.31 22.22 22.74
CA THR O 21 53.41 21.25 22.72
C THR O 21 53.69 20.66 24.10
N ASP O 22 53.94 19.34 24.16
CA ASP O 22 54.26 18.62 25.39
C ASP O 22 55.77 18.41 25.55
N GLY O 23 56.55 18.91 24.58
CA GLY O 23 58.01 18.82 24.55
C GLY O 23 58.72 19.77 25.50
N LYS O 24 60.06 19.83 25.38
CA LYS O 24 60.95 20.64 26.21
C LYS O 24 60.63 22.14 26.19
N GLU O 25 60.72 22.79 25.03
CA GLU O 25 60.41 24.22 24.88
C GLU O 25 58.92 24.35 24.55
N SER O 26 58.18 25.10 25.38
CA SER O 26 56.73 25.27 25.19
C SER O 26 56.29 26.71 24.93
N TYR O 27 55.32 26.88 24.01
CA TYR O 27 54.73 28.17 23.65
C TYR O 27 53.34 28.32 24.28
N GLY O 28 52.98 27.37 25.14
CA GLY O 28 51.69 27.33 25.83
C GLY O 28 50.57 26.92 24.90
N TYR O 29 49.36 27.47 25.15
CA TYR O 29 48.18 27.18 24.34
C TYR O 29 47.87 28.31 23.36
N ARG O 30 47.77 27.96 22.07
CA ARG O 30 47.47 28.86 20.97
C ARG O 30 46.36 28.25 20.10
N ALA O 31 45.62 29.07 19.35
CA ALA O 31 44.51 28.57 18.52
C ALA O 31 44.32 29.33 17.21
N PHE O 32 43.73 28.64 16.22
CA PHE O 32 43.38 29.19 14.93
C PHE O 32 41.86 29.27 14.88
N ILE O 33 41.30 30.49 14.88
CA ILE O 33 39.85 30.69 14.86
C ILE O 33 39.47 31.49 13.62
N ASN O 34 38.79 30.82 12.66
CA ASN O 34 38.33 31.36 11.37
C ASN O 34 39.48 32.00 10.56
N GLY O 35 40.58 31.26 10.45
CA GLY O 35 41.78 31.67 9.72
C GLY O 35 42.64 32.70 10.43
N VAL O 36 42.32 33.03 11.69
CA VAL O 36 43.04 34.01 12.50
C VAL O 36 43.74 33.31 13.67
N GLU O 37 45.07 33.49 13.77
CA GLU O 37 45.87 32.90 14.85
C GLU O 37 45.80 33.78 16.10
N ILE O 38 45.45 33.17 17.23
CA ILE O 38 45.31 33.84 18.52
C ILE O 38 45.98 33.06 19.65
N GLY O 39 46.53 33.79 20.62
CA GLY O 39 47.20 33.21 21.78
C GLY O 39 46.32 33.21 23.02
N ILE O 40 46.14 32.01 23.61
CA ILE O 40 45.31 31.83 24.80
C ILE O 40 46.13 32.10 26.07
N LYS O 41 45.61 32.96 26.95
CA LYS O 41 46.26 33.37 28.21
C LYS O 41 45.80 32.55 29.42
N ASP O 42 44.48 32.26 29.51
CA ASP O 42 43.90 31.50 30.63
C ASP O 42 43.43 30.10 30.24
N ILE O 43 43.44 29.19 31.23
CA ILE O 43 43.03 27.79 31.08
C ILE O 43 41.50 27.64 30.89
N GLU O 44 40.72 28.63 31.37
CA GLU O 44 39.25 28.68 31.26
C GLU O 44 38.82 28.76 29.78
N THR O 45 39.54 29.58 28.98
CA THR O 45 39.28 29.77 27.55
C THR O 45 39.63 28.48 26.78
N VAL O 46 40.70 27.77 27.22
CA VAL O 46 41.15 26.51 26.62
C VAL O 46 40.05 25.45 26.79
N GLN O 47 39.59 25.23 28.04
CA GLN O 47 38.55 24.28 28.41
C GLN O 47 37.22 24.58 27.72
N GLY O 48 36.92 25.87 27.56
CA GLY O 48 35.71 26.37 26.91
C GLY O 48 35.70 26.07 25.42
N PHE O 49 36.81 26.43 24.73
CA PHE O 49 36.97 26.22 23.29
C PHE O 49 37.10 24.76 22.90
N GLN O 50 37.62 23.90 23.81
CA GLN O 50 37.79 22.46 23.60
C GLN O 50 36.43 21.76 23.36
N GLN O 51 35.34 22.36 23.84
CA GLN O 51 33.98 21.87 23.70
C GLN O 51 33.40 22.09 22.29
N ILE O 52 33.94 23.08 21.55
CA ILE O 52 33.50 23.42 20.18
C ILE O 52 34.51 23.09 19.08
N ILE O 53 35.81 23.31 19.33
CA ILE O 53 36.90 23.04 18.38
C ILE O 53 37.89 21.99 18.92
N PRO O 54 38.54 21.16 18.06
CA PRO O 54 39.46 20.14 18.58
C PRO O 54 40.81 20.69 19.07
N SER O 55 41.41 20.01 20.06
CA SER O 55 42.71 20.37 20.62
C SER O 55 43.73 19.33 20.16
N ILE O 56 44.68 19.75 19.30
CA ILE O 56 45.73 18.90 18.74
C ILE O 56 47.13 19.30 19.21
N ASN O 57 48.11 18.40 19.03
CA ASN O 57 49.51 18.65 19.43
C ASN O 57 50.39 18.99 18.23
N ILE O 58 51.06 20.16 18.27
CA ILE O 58 51.98 20.63 17.23
C ILE O 58 53.29 21.06 17.92
N SER O 59 54.42 20.51 17.46
CA SER O 59 55.76 20.85 17.98
C SER O 59 56.13 22.27 17.56
N LYS O 60 56.91 22.98 18.41
CA LYS O 60 57.37 24.36 18.19
C LYS O 60 58.06 24.56 16.83
N SER O 61 58.84 23.55 16.38
CA SER O 61 59.56 23.56 15.11
C SER O 61 58.64 23.55 13.89
N ASP O 62 57.48 22.87 14.00
CA ASP O 62 56.50 22.73 12.92
C ASP O 62 55.46 23.87 12.82
N VAL O 63 55.30 24.67 13.90
CA VAL O 63 54.33 25.79 13.99
C VAL O 63 54.43 26.76 12.80
N GLU O 64 55.67 27.12 12.39
CA GLU O 64 55.96 28.03 11.27
C GLU O 64 55.36 27.56 9.94
N ALA O 65 55.43 26.24 9.67
CA ALA O 65 54.89 25.62 8.45
C ALA O 65 53.36 25.62 8.41
N ILE O 66 52.71 25.42 9.58
CA ILE O 66 51.24 25.41 9.72
C ILE O 66 50.64 26.80 9.47
N ARG O 67 51.36 27.87 9.87
CA ARG O 67 50.97 29.28 9.68
C ARG O 67 50.75 29.60 8.20
N LYS O 68 51.66 29.14 7.32
CA LYS O 68 51.61 29.35 5.87
C LYS O 68 50.42 28.63 5.22
N ALA O 69 50.09 27.43 5.70
CA ALA O 69 48.98 26.61 5.20
C ALA O 69 47.62 27.12 5.66
N MET O 70 47.53 27.64 6.90
CA MET O 70 46.29 28.15 7.49
C MET O 70 45.94 29.57 7.04
N LYS O 71 46.91 30.31 6.45
CA LYS O 71 46.72 31.68 5.98
C LYS O 71 45.90 31.72 4.69
N SER P 12 17.82 27.16 12.19
CA SER P 12 17.69 28.34 13.06
C SER P 12 18.16 29.65 12.39
N GLY P 13 19.04 29.53 11.39
CA GLY P 13 19.62 30.66 10.68
C GLY P 13 20.52 31.53 11.54
N VAL P 14 21.04 30.94 12.63
CA VAL P 14 21.91 31.61 13.61
C VAL P 14 23.21 30.82 13.74
N GLN P 15 24.34 31.50 13.52
CA GLN P 15 25.68 30.91 13.64
C GLN P 15 26.48 31.70 14.67
N GLY P 16 26.83 31.03 15.76
CA GLY P 16 27.59 31.63 16.84
C GLY P 16 27.56 30.87 18.15
N PHE P 17 27.92 31.58 19.24
CA PHE P 17 27.99 31.00 20.59
C PHE P 17 27.79 32.04 21.70
N LEU P 18 27.43 31.55 22.90
CA LEU P 18 27.25 32.36 24.11
C LEU P 18 28.54 32.25 24.95
N PHE P 19 29.02 33.38 25.49
CA PHE P 19 30.24 33.39 26.29
C PHE P 19 30.16 34.19 27.59
N HIS P 20 30.72 33.63 28.67
CA HIS P 20 30.75 34.21 30.01
C HIS P 20 31.98 33.74 30.79
N THR P 21 32.24 34.34 31.96
CA THR P 21 33.36 33.96 32.83
C THR P 21 32.90 33.63 34.26
N ASP P 22 33.49 32.58 34.86
CA ASP P 22 33.17 32.12 36.21
C ASP P 22 34.18 32.66 37.23
N GLY P 23 35.19 33.37 36.75
CA GLY P 23 36.26 33.95 37.57
C GLY P 23 35.87 35.19 38.37
N LYS P 24 36.89 35.83 38.97
CA LYS P 24 36.76 37.03 39.81
C LYS P 24 36.20 38.22 39.03
N SER P 26 33.81 39.70 36.27
CA SER P 26 32.85 39.17 35.31
C SER P 26 32.19 40.25 34.46
N TYR P 27 32.01 39.92 33.15
CA TYR P 27 31.37 40.79 32.16
C TYR P 27 29.93 40.31 31.88
N GLY P 28 29.48 39.34 32.67
CA GLY P 28 28.16 38.74 32.54
C GLY P 28 28.06 37.83 31.33
N TYR P 29 26.87 37.76 30.71
CA TYR P 29 26.63 36.94 29.52
C TYR P 29 26.63 37.78 28.25
N ARG P 30 27.46 37.37 27.29
CA ARG P 30 27.62 38.02 25.97
C ARG P 30 27.57 36.94 24.89
N ALA P 31 27.22 37.31 23.64
CA ALA P 31 27.11 36.35 22.55
C ALA P 31 27.51 36.91 21.18
N PHE P 32 27.94 36.01 20.29
CA PHE P 32 28.30 36.30 18.91
C PHE P 32 27.21 35.68 18.04
N ILE P 33 26.40 36.52 17.38
CA ILE P 33 25.31 36.06 16.51
C ILE P 33 25.54 36.56 15.08
N ASN P 34 25.87 35.62 14.18
CA ASN P 34 26.17 35.84 12.76
C ASN P 34 27.29 36.88 12.55
N GLY P 35 28.38 36.71 13.30
CA GLY P 35 29.55 37.58 13.25
C GLY P 35 29.40 38.93 13.93
N VAL P 36 28.27 39.13 14.66
CA VAL P 36 27.95 40.36 15.37
C VAL P 36 27.96 40.09 16.88
N GLU P 37 28.76 40.86 17.63
CA GLU P 37 28.86 40.73 19.09
C GLU P 37 27.74 41.51 19.76
N ILE P 38 27.00 40.84 20.64
CA ILE P 38 25.88 41.42 21.40
C ILE P 38 25.92 41.04 22.87
N GLY P 39 25.46 41.97 23.72
CA GLY P 39 25.43 41.78 25.17
C GLY P 39 24.05 41.41 25.68
N ILE P 40 23.96 40.28 26.40
CA ILE P 40 22.70 39.78 26.96
C ILE P 40 22.45 40.43 28.32
N LYS P 41 21.24 40.98 28.51
CA LYS P 41 20.83 41.65 29.75
C LYS P 41 20.06 40.74 30.70
N ASP P 42 19.15 39.90 30.17
CA ASP P 42 18.32 38.99 30.98
C ASP P 42 18.69 37.51 30.83
N ILE P 43 18.42 36.74 31.89
CA ILE P 43 18.67 35.29 31.98
C ILE P 43 17.76 34.47 31.05
N GLU P 44 16.57 35.02 30.73
CA GLU P 44 15.56 34.41 29.85
C GLU P 44 16.10 34.24 28.42
N THR P 45 16.82 35.28 27.92
CA THR P 45 17.42 35.30 26.59
C THR P 45 18.58 34.29 26.52
N VAL P 46 19.34 34.15 27.64
CA VAL P 46 20.47 33.21 27.78
C VAL P 46 19.94 31.78 27.63
N GLN P 47 18.93 31.40 28.44
CA GLN P 47 18.29 30.08 28.45
C GLN P 47 17.63 29.75 27.10
N GLY P 48 17.07 30.77 26.45
CA GLY P 48 16.43 30.64 25.14
C GLY P 48 17.43 30.35 24.04
N PHE P 49 18.52 31.15 23.98
CA PHE P 49 19.58 31.00 22.98
C PHE P 49 20.42 29.74 23.16
N GLN P 50 20.53 29.22 24.41
CA GLN P 50 21.27 28.01 24.75
C GLN P 50 20.69 26.77 24.05
N GLN P 51 19.40 26.84 23.65
CA GLN P 51 18.68 25.79 22.96
C GLN P 51 19.06 25.71 21.47
N ILE P 52 19.56 26.82 20.88
CA ILE P 52 19.96 26.89 19.46
C ILE P 52 21.47 27.01 19.23
N ILE P 53 22.18 27.79 20.09
CA ILE P 53 23.63 28.01 19.99
C ILE P 53 24.37 27.54 21.27
N PRO P 54 25.64 27.06 21.18
CA PRO P 54 26.33 26.58 22.39
C PRO P 54 26.79 27.68 23.34
N SER P 55 26.84 27.36 24.64
CA SER P 55 27.31 28.29 25.68
C SER P 55 28.67 27.81 26.18
N ILE P 56 29.73 28.59 25.89
CA ILE P 56 31.11 28.28 26.25
C ILE P 56 31.70 29.30 27.26
N ASN P 57 32.81 28.93 27.92
CA ASN P 57 33.48 29.78 28.91
C ASN P 57 34.73 30.44 28.33
N ILE P 58 34.78 31.78 28.38
CA ILE P 58 35.91 32.59 27.91
C ILE P 58 36.27 33.59 29.03
N SER P 59 37.56 33.60 29.45
CA SER P 59 38.07 34.51 30.47
C SER P 59 38.13 35.94 29.93
N LYS P 60 37.91 36.94 30.81
CA LYS P 60 37.91 38.37 30.47
C LYS P 60 39.17 38.82 29.71
N SER P 61 40.34 38.25 30.08
CA SER P 61 41.64 38.54 29.48
C SER P 61 41.73 38.09 28.02
N ASP P 62 41.06 36.97 27.67
CA ASP P 62 41.08 36.39 26.33
C ASP P 62 40.01 36.93 25.36
N VAL P 63 38.96 37.60 25.88
CA VAL P 63 37.85 38.19 25.11
C VAL P 63 38.32 39.07 23.92
N GLU P 64 39.33 39.92 24.16
CA GLU P 64 39.92 40.84 23.17
C GLU P 64 40.46 40.10 21.93
N ALA P 65 41.12 38.95 22.15
CA ALA P 65 41.70 38.12 21.09
C ALA P 65 40.63 37.43 20.24
N ILE P 66 39.51 36.99 20.86
CA ILE P 66 38.39 36.32 20.19
C ILE P 66 37.66 37.28 19.24
N ARG P 67 37.55 38.58 19.63
CA ARG P 67 36.91 39.64 18.85
C ARG P 67 37.56 39.78 17.46
N LYS P 68 38.91 39.77 17.41
CA LYS P 68 39.71 39.90 16.19
C LYS P 68 39.50 38.71 15.24
N ALA P 69 39.39 37.50 15.80
CA ALA P 69 39.20 36.25 15.05
C ALA P 69 37.76 36.09 14.52
N MET P 70 36.76 36.55 15.29
CA MET P 70 35.34 36.45 14.95
C MET P 70 34.84 37.55 14.01
N LYS P 71 35.48 38.74 13.99
CA LYS P 71 35.03 39.85 13.15
C LYS P 71 35.88 40.00 11.89
N VAL Q 6 12.84 11.60 0.17
CA VAL Q 6 13.42 12.87 0.61
C VAL Q 6 13.08 13.17 2.08
N ASN Q 7 14.08 13.63 2.84
CA ASN Q 7 13.92 13.99 4.25
C ASN Q 7 13.17 15.32 4.38
N VAL Q 8 11.93 15.25 4.91
CA VAL Q 8 11.04 16.41 5.11
C VAL Q 8 11.61 17.45 6.09
N GLU Q 9 12.47 17.00 7.03
CA GLU Q 9 13.12 17.85 8.03
C GLU Q 9 14.07 18.86 7.38
N ASN Q 10 14.84 18.42 6.37
CA ASN Q 10 15.79 19.26 5.64
C ASN Q 10 15.09 20.12 4.57
N VAL Q 11 14.29 19.50 3.69
CA VAL Q 11 13.55 20.17 2.61
C VAL Q 11 12.36 20.97 3.15
N SER Q 12 12.61 22.23 3.56
CA SER Q 12 11.61 23.14 4.12
C SER Q 12 11.68 24.54 3.48
N GLY Q 13 12.90 25.00 3.21
CA GLY Q 13 13.16 26.31 2.60
C GLY Q 13 12.90 27.49 3.52
N VAL Q 14 12.85 27.24 4.84
CA VAL Q 14 12.61 28.26 5.87
C VAL Q 14 13.77 28.23 6.86
N GLN Q 15 14.44 29.38 7.05
CA GLN Q 15 15.55 29.54 7.98
C GLN Q 15 15.22 30.64 8.97
N GLY Q 16 15.10 30.26 10.24
CA GLY Q 16 14.78 31.20 11.31
C GLY Q 16 14.29 30.56 12.60
N PHE Q 17 13.64 31.38 13.45
CA PHE Q 17 13.13 30.96 14.76
C PHE Q 17 11.93 31.78 15.24
N LEU Q 18 11.16 31.22 16.20
CA LEU Q 18 10.02 31.88 16.84
C LEU Q 18 10.50 32.42 18.20
N PHE Q 19 10.08 33.65 18.55
CA PHE Q 19 10.47 34.27 19.82
C PHE Q 19 9.35 34.96 20.58
N HIS Q 20 9.37 34.81 21.93
CA HIS Q 20 8.39 35.38 22.86
C HIS Q 20 9.01 35.58 24.26
N THR Q 21 8.29 36.28 25.15
CA THR Q 21 8.73 36.52 26.54
C THR Q 21 7.71 36.06 27.58
N GLY Q 23 8.03 37.12 30.81
CA GLY Q 23 8.11 38.20 31.79
C GLY Q 23 6.86 39.04 31.89
N LYS Q 24 6.92 40.12 32.70
CA LYS Q 24 5.82 41.07 32.95
C LYS Q 24 5.26 41.71 31.67
N GLU Q 25 6.09 42.48 30.94
CA GLU Q 25 5.70 43.14 29.69
C GLU Q 25 5.94 42.17 28.53
N SER Q 26 4.86 41.84 27.77
CA SER Q 26 4.94 40.89 26.66
C SER Q 26 4.59 41.50 25.31
N TYR Q 27 5.34 41.09 24.27
CA TYR Q 27 5.15 41.51 22.88
C TYR Q 27 4.46 40.40 22.07
N GLY Q 28 4.03 39.35 22.78
CA GLY Q 28 3.39 38.17 22.19
C GLY Q 28 4.37 37.29 21.45
N TYR Q 29 3.89 36.62 20.39
CA TYR Q 29 4.72 35.74 19.56
C TYR Q 29 5.14 36.43 18.27
N ARG Q 30 6.44 36.47 18.02
CA ARG Q 30 7.05 37.07 16.83
C ARG Q 30 8.06 36.07 16.25
N ALA Q 31 8.38 36.18 14.94
CA ALA Q 31 9.30 35.26 14.30
C ALA Q 31 10.17 35.88 13.22
N PHE Q 32 11.34 35.27 12.98
CA PHE Q 32 12.29 35.66 11.94
C PHE Q 32 12.25 34.57 10.88
N ILE Q 33 11.72 34.89 9.68
CA ILE Q 33 11.62 33.92 8.58
C ILE Q 33 12.41 34.43 7.38
N ASN Q 34 13.54 33.74 7.08
CA ASN Q 34 14.49 34.05 6.00
C ASN Q 34 15.01 35.50 6.06
N GLY Q 35 15.44 35.91 7.26
CA GLY Q 35 15.98 37.24 7.54
C GLY Q 35 14.95 38.35 7.62
N VAL Q 36 13.65 37.99 7.59
CA VAL Q 36 12.53 38.93 7.65
C VAL Q 36 11.76 38.74 8.97
N GLU Q 37 11.62 39.83 9.75
CA GLU Q 37 10.90 39.80 11.02
C GLU Q 37 9.40 39.97 10.80
N ILE Q 38 8.60 39.05 11.34
CA ILE Q 38 7.14 39.04 11.21
C ILE Q 38 6.45 38.77 12.55
N GLY Q 39 5.27 39.36 12.72
CA GLY Q 39 4.47 39.22 13.94
C GLY Q 39 3.33 38.23 13.79
N ILE Q 40 3.30 37.23 14.69
CA ILE Q 40 2.27 36.19 14.69
C ILE Q 40 1.05 36.67 15.51
N LYS Q 41 -0.15 36.53 14.93
CA LYS Q 41 -1.40 36.96 15.57
C LYS Q 41 -2.14 35.81 16.27
N ASP Q 42 -2.17 34.62 15.64
CA ASP Q 42 -2.87 33.45 16.18
C ASP Q 42 -1.95 32.33 16.65
N ILE Q 43 -2.42 31.53 17.63
CA ILE Q 43 -1.73 30.40 18.23
C ILE Q 43 -1.56 29.23 17.25
N GLU Q 44 -2.46 29.11 16.25
CA GLU Q 44 -2.44 28.06 15.23
C GLU Q 44 -1.19 28.15 14.36
N THR Q 45 -0.79 29.39 13.98
CA THR Q 45 0.40 29.67 13.18
C THR Q 45 1.68 29.35 13.97
N VAL Q 46 1.65 29.64 15.30
CA VAL Q 46 2.75 29.38 16.24
C VAL Q 46 3.01 27.87 16.30
N GLN Q 47 1.96 27.06 16.58
CA GLN Q 47 2.00 25.60 16.68
C GLN Q 47 2.42 24.95 15.36
N GLY Q 48 2.01 25.55 14.24
CA GLY Q 48 2.34 25.09 12.89
C GLY Q 48 3.80 25.29 12.57
N PHE Q 49 4.31 26.51 12.80
CA PHE Q 49 5.71 26.88 12.55
C PHE Q 49 6.70 26.20 13.49
N GLN Q 50 6.25 25.84 14.72
CA GLN Q 50 7.07 25.15 15.73
C GLN Q 50 7.54 23.78 15.25
N GLN Q 51 6.81 23.20 14.28
CA GLN Q 51 7.11 21.90 13.66
C GLN Q 51 8.27 21.97 12.67
N ILE Q 52 8.53 23.17 12.09
CA ILE Q 52 9.61 23.39 11.11
C ILE Q 52 10.78 24.25 11.63
N ILE Q 53 10.50 25.29 12.43
CA ILE Q 53 11.51 26.18 13.02
C ILE Q 53 11.48 26.17 14.57
N PRO Q 54 12.62 26.38 15.27
CA PRO Q 54 12.58 26.32 16.74
C PRO Q 54 11.95 27.54 17.41
N SER Q 55 11.34 27.33 18.59
CA SER Q 55 10.72 28.39 19.38
C SER Q 55 11.58 28.65 20.62
N ILE Q 56 12.20 29.83 20.67
CA ILE Q 56 13.10 30.24 21.76
C ILE Q 56 12.55 31.43 22.56
N ASN Q 57 13.08 31.67 23.76
CA ASN Q 57 12.67 32.76 24.63
C ASN Q 57 13.65 33.92 24.60
N ILE Q 58 13.16 35.12 24.26
CA ILE Q 58 13.95 36.35 24.21
C ILE Q 58 13.20 37.44 25.00
N SER Q 59 13.87 38.06 25.99
CA SER Q 59 13.30 39.14 26.80
C SER Q 59 13.14 40.40 25.94
N LYS Q 60 12.11 41.21 26.23
CA LYS Q 60 11.79 42.46 25.52
C LYS Q 60 12.98 43.42 25.41
N SER Q 61 13.81 43.49 26.46
CA SER Q 61 15.01 44.34 26.53
C SER Q 61 16.09 43.93 25.52
N ASP Q 62 16.22 42.61 25.26
CA ASP Q 62 17.23 42.06 24.35
C ASP Q 62 16.83 41.99 22.87
N VAL Q 63 15.51 42.11 22.56
CA VAL Q 63 14.94 42.05 21.20
C VAL Q 63 15.65 43.00 20.21
N GLU Q 64 15.91 44.25 20.64
CA GLU Q 64 16.57 45.30 19.85
C GLU Q 64 17.96 44.88 19.34
N ALA Q 65 18.74 44.19 20.19
CA ALA Q 65 20.09 43.71 19.87
C ALA Q 65 20.07 42.57 18.84
N ILE Q 66 19.07 41.67 18.94
CA ILE Q 66 18.90 40.52 18.03
C ILE Q 66 18.56 40.98 16.60
N ARG Q 67 17.77 42.07 16.47
CA ARG Q 67 17.36 42.68 15.20
C ARG Q 67 18.58 43.09 14.36
N LYS Q 68 19.59 43.71 15.00
CA LYS Q 68 20.83 44.16 14.37
C LYS Q 68 21.68 43.00 13.84
N ALA Q 69 21.73 41.89 14.60
CA ALA Q 69 22.48 40.68 14.25
C ALA Q 69 21.80 39.86 13.14
N MET Q 70 20.46 39.80 13.14
CA MET Q 70 19.66 39.06 12.16
C MET Q 70 19.48 39.78 10.81
N LYS Q 71 19.78 41.10 10.77
CA LYS Q 71 19.68 41.92 9.56
C LYS Q 71 20.84 41.66 8.62
N GLU R 9 20.09 12.20 1.11
CA GLU R 9 19.58 12.40 -0.24
C GLU R 9 19.15 13.84 -0.49
N ASN R 10 19.68 14.45 -1.57
CA ASN R 10 19.40 15.84 -1.97
C ASN R 10 18.53 15.90 -3.25
N VAL R 11 18.42 14.76 -3.98
CA VAL R 11 17.63 14.64 -5.20
C VAL R 11 16.12 14.68 -4.93
N SER R 12 15.53 15.88 -5.07
CA SER R 12 14.09 16.17 -4.87
C SER R 12 13.68 17.32 -5.80
N GLY R 13 14.41 18.43 -5.70
CA GLY R 13 14.20 19.62 -6.52
C GLY R 13 13.08 20.53 -6.08
N VAL R 14 12.50 20.27 -4.88
CA VAL R 14 11.39 21.06 -4.35
C VAL R 14 11.71 21.55 -2.93
N GLN R 15 11.65 22.87 -2.74
CA GLN R 15 11.88 23.51 -1.44
C GLN R 15 10.64 24.33 -1.04
N GLY R 16 9.99 23.93 0.04
CA GLY R 16 8.80 24.60 0.53
C GLY R 16 7.95 23.79 1.51
N PHE R 17 6.69 24.21 1.69
CA PHE R 17 5.75 23.59 2.62
C PHE R 17 4.28 23.77 2.22
N LEU R 18 3.40 22.89 2.74
CA LEU R 18 1.94 22.93 2.53
C LEU R 18 1.30 23.63 3.74
N PHE R 19 0.32 24.52 3.50
CA PHE R 19 -0.35 25.26 4.57
C PHE R 19 -1.86 25.34 4.45
N HIS R 20 -2.56 25.17 5.59
CA HIS R 20 -4.02 25.19 5.70
C HIS R 20 -4.46 25.66 7.10
N THR R 21 -5.77 25.91 7.30
CA THR R 21 -6.34 26.31 8.58
C THR R 21 -7.48 25.40 9.03
N ASP R 22 -7.52 25.08 10.33
CA ASP R 22 -8.54 24.22 10.94
C ASP R 22 -9.60 25.05 11.67
N SER R 26 -12.03 29.11 6.20
CA SER R 26 -10.93 28.33 5.64
C SER R 26 -10.65 28.69 4.18
N TYR R 27 -9.36 28.71 3.81
CA TYR R 27 -8.87 28.98 2.46
C TYR R 27 -8.46 27.68 1.76
N GLY R 28 -8.75 26.54 2.41
CA GLY R 28 -8.41 25.22 1.91
C GLY R 28 -6.93 24.93 2.03
N TYR R 29 -6.39 24.13 1.09
CA TYR R 29 -4.98 23.77 1.07
C TYR R 29 -4.21 24.58 0.02
N ARG R 30 -3.13 25.25 0.48
CA ARG R 30 -2.25 26.06 -0.35
C ARG R 30 -0.79 25.67 -0.05
N ALA R 31 0.13 25.94 -0.99
CA ALA R 31 1.54 25.57 -0.80
C ALA R 31 2.53 26.55 -1.42
N PHE R 32 3.75 26.58 -0.85
CA PHE R 32 4.88 27.38 -1.34
C PHE R 32 5.88 26.41 -1.96
N ILE R 33 6.05 26.45 -3.28
CA ILE R 33 6.97 25.57 -4.01
C ILE R 33 8.03 26.41 -4.73
N ASN R 34 9.28 26.33 -4.23
CA ASN R 34 10.46 27.07 -4.71
C ASN R 34 10.23 28.60 -4.76
N GLY R 35 9.70 29.13 -3.66
CA GLY R 35 9.40 30.56 -3.50
C GLY R 35 8.18 31.05 -4.25
N VAL R 36 7.39 30.12 -4.84
CA VAL R 36 6.18 30.41 -5.61
C VAL R 36 4.96 29.87 -4.87
N GLU R 37 3.98 30.73 -4.58
CA GLU R 37 2.75 30.35 -3.89
C GLU R 37 1.74 29.78 -4.89
N ILE R 38 1.21 28.58 -4.59
CA ILE R 38 0.24 27.88 -5.43
C ILE R 38 -0.91 27.32 -4.60
N GLY R 39 -2.10 27.28 -5.20
CA GLY R 39 -3.31 26.78 -4.58
C GLY R 39 -3.67 25.37 -5.02
N ILE R 40 -3.81 24.45 -4.05
CA ILE R 40 -4.16 23.06 -4.30
C ILE R 40 -5.69 22.91 -4.37
N LYS R 41 -6.19 22.24 -5.43
CA LYS R 41 -7.62 22.03 -5.67
C LYS R 41 -8.12 20.68 -5.15
N ASP R 42 -7.34 19.60 -5.35
CA ASP R 42 -7.72 18.24 -4.94
C ASP R 42 -6.88 17.68 -3.80
N ILE R 43 -7.46 16.75 -3.02
CA ILE R 43 -6.84 16.07 -1.88
C ILE R 43 -5.71 15.13 -2.30
N GLU R 44 -5.76 14.61 -3.55
CA GLU R 44 -4.76 13.70 -4.13
C GLU R 44 -3.40 14.39 -4.25
N THR R 45 -3.38 15.67 -4.66
CA THR R 45 -2.17 16.47 -4.81
C THR R 45 -1.57 16.80 -3.44
N VAL R 46 -2.45 17.01 -2.42
CA VAL R 46 -2.06 17.28 -1.03
C VAL R 46 -1.31 16.08 -0.46
N GLN R 47 -1.92 14.87 -0.55
CA GLN R 47 -1.36 13.59 -0.08
C GLN R 47 -0.05 13.24 -0.80
N GLY R 48 0.04 13.60 -2.08
CA GLY R 48 1.22 13.38 -2.91
C GLY R 48 2.39 14.25 -2.50
N PHE R 49 2.13 15.57 -2.36
CA PHE R 49 3.15 16.56 -1.96
C PHE R 49 3.61 16.40 -0.50
N GLN R 50 2.73 15.86 0.38
CA GLN R 50 3.03 15.61 1.80
C GLN R 50 4.19 14.61 1.98
N GLN R 51 4.44 13.78 0.95
CA GLN R 51 5.50 12.78 0.92
C GLN R 51 6.89 13.41 0.66
N ILE R 52 6.92 14.60 0.02
CA ILE R 52 8.16 15.32 -0.30
C ILE R 52 8.39 16.61 0.51
N ILE R 53 7.32 17.37 0.78
CA ILE R 53 7.38 18.64 1.55
C ILE R 53 6.49 18.58 2.81
N PRO R 54 6.85 19.28 3.93
CA PRO R 54 6.01 19.19 5.15
C PRO R 54 4.70 19.98 5.08
N SER R 55 3.69 19.51 5.82
CA SER R 55 2.37 20.15 5.89
C SER R 55 2.20 20.80 7.27
N ILE R 56 2.17 22.14 7.32
CA ILE R 56 2.02 22.91 8.55
C ILE R 56 0.70 23.71 8.60
N ASN R 57 0.32 24.18 9.80
CA ASN R 57 -0.92 24.94 10.00
C ASN R 57 -0.66 26.44 10.16
N ILE R 58 -1.30 27.26 9.31
CA ILE R 58 -1.21 28.72 9.32
C ILE R 58 -2.64 29.31 9.30
N SER R 59 -2.96 30.18 10.27
CA SER R 59 -4.27 30.85 10.35
C SER R 59 -4.41 31.88 9.23
N LYS R 60 -5.65 32.07 8.73
CA LYS R 60 -5.98 33.01 7.65
C LYS R 60 -5.46 34.43 7.88
N SER R 61 -5.49 34.89 9.14
CA SER R 61 -5.03 36.22 9.56
C SER R 61 -3.52 36.40 9.40
N ASP R 62 -2.74 35.32 9.61
CA ASP R 62 -1.27 35.33 9.52
C ASP R 62 -0.68 35.09 8.12
N VAL R 63 -1.49 34.54 7.18
CA VAL R 63 -1.08 34.22 5.81
C VAL R 63 -0.41 35.39 5.07
N GLU R 64 -0.96 36.62 5.22
CA GLU R 64 -0.45 37.85 4.61
C GLU R 64 0.99 38.17 5.01
N ALA R 65 1.34 37.94 6.29
CA ALA R 65 2.68 38.17 6.83
C ALA R 65 3.71 37.17 6.31
N ILE R 66 3.30 35.89 6.12
CA ILE R 66 4.17 34.82 5.61
C ILE R 66 4.55 35.06 4.15
N ARG R 67 3.62 35.63 3.35
CA ARG R 67 3.81 35.97 1.93
C ARG R 67 5.02 36.91 1.73
N LYS R 68 5.13 37.95 2.59
CA LYS R 68 6.21 38.95 2.57
C LYS R 68 7.57 38.34 2.90
N ALA R 69 7.61 37.39 3.85
CA ALA R 69 8.83 36.70 4.29
C ALA R 69 9.30 35.66 3.27
N MET R 70 8.36 34.96 2.61
CA MET R 70 8.66 33.92 1.62
C MET R 70 9.03 34.46 0.23
N LYS R 71 8.74 35.75 -0.03
CA LYS R 71 9.03 36.41 -1.31
C LYS R 71 10.52 36.74 -1.43
#